data_2LVC
#
_entry.id   2LVC
#
_entity_poly.entity_id   1
_entity_poly.type   'polypeptide(L)'
_entity_poly.pdbx_seq_one_letter_code
;SHMPVHIVDPREHVFVHAITSECVMLACEVDREDAPVRWYKDGQEVEESDFVVLENEGPHRRLVLPATQPSDGGEFQCVA
GDECAYFTVTI
;
_entity_poly.pdbx_strand_id   A
#
# COMPACT_ATOMS: atom_id res chain seq x y z
N HIS A 2 -4.21 15.41 21.35
CA HIS A 2 -4.32 14.62 20.10
C HIS A 2 -3.08 13.71 19.95
N MET A 3 -3.29 12.39 19.80
CA MET A 3 -2.21 11.41 19.55
C MET A 3 -1.83 11.43 18.03
N PRO A 4 -0.50 11.35 17.67
CA PRO A 4 -0.02 11.43 16.26
C PRO A 4 -0.67 10.37 15.31
N VAL A 5 -0.11 9.14 15.22
CA VAL A 5 -0.68 8.02 14.41
C VAL A 5 0.13 6.71 14.57
N HIS A 6 -0.59 5.57 14.65
CA HIS A 6 0.00 4.20 14.68
C HIS A 6 -0.86 3.21 13.87
N ILE A 7 -0.32 2.71 12.76
CA ILE A 7 -0.99 1.76 11.84
C ILE A 7 -1.33 0.42 12.56
N VAL A 8 -2.63 0.12 12.74
CA VAL A 8 -3.09 -1.11 13.44
C VAL A 8 -2.90 -2.39 12.58
N ASP A 9 -2.89 -2.23 11.24
CA ASP A 9 -2.83 -3.35 10.29
C ASP A 9 -2.14 -2.92 8.96
N PRO A 10 -1.18 -3.72 8.39
CA PRO A 10 -0.64 -4.98 8.99
C PRO A 10 0.57 -4.75 9.94
N ARG A 11 0.71 -5.64 10.94
CA ARG A 11 1.82 -5.59 11.94
C ARG A 11 2.87 -6.70 11.68
N GLU A 12 3.53 -6.60 10.51
CA GLU A 12 4.65 -7.48 10.10
C GLU A 12 5.26 -7.02 8.76
N HIS A 13 6.39 -7.64 8.39
CA HIS A 13 6.95 -7.54 7.03
C HIS A 13 6.06 -8.36 6.04
N VAL A 14 5.47 -7.69 5.04
CA VAL A 14 4.48 -8.31 4.13
C VAL A 14 5.15 -8.79 2.82
N PHE A 15 5.39 -10.11 2.70
CA PHE A 15 5.95 -10.71 1.47
C PHE A 15 4.78 -11.12 0.54
N VAL A 16 4.66 -10.44 -0.60
CA VAL A 16 3.69 -10.78 -1.64
C VAL A 16 4.41 -11.49 -2.80
N HIS A 17 4.03 -12.75 -3.07
CA HIS A 17 4.40 -13.45 -4.32
C HIS A 17 3.36 -13.11 -5.41
N ALA A 18 3.83 -12.56 -6.54
CA ALA A 18 2.97 -12.12 -7.65
C ALA A 18 3.48 -12.66 -8.99
N ILE A 19 2.58 -12.71 -9.99
CA ILE A 19 2.89 -13.07 -11.39
C ILE A 19 2.23 -12.01 -12.32
N THR A 20 2.66 -11.92 -13.59
CA THR A 20 2.13 -10.95 -14.59
C THR A 20 0.58 -11.06 -14.79
N SER A 21 0.05 -12.30 -14.71
CA SER A 21 -1.41 -12.57 -14.86
C SER A 21 -2.14 -12.66 -13.49
N GLU A 22 -1.54 -12.07 -12.43
CA GLU A 22 -2.15 -11.99 -11.08
C GLU A 22 -2.62 -10.56 -10.76
N CYS A 23 -3.53 -10.45 -9.77
CA CYS A 23 -4.04 -9.15 -9.27
C CYS A 23 -3.62 -8.94 -7.80
N VAL A 24 -2.71 -7.99 -7.56
CA VAL A 24 -2.22 -7.68 -6.18
C VAL A 24 -3.01 -6.49 -5.62
N MET A 25 -3.88 -6.80 -4.65
CA MET A 25 -4.68 -5.81 -3.93
C MET A 25 -4.14 -5.66 -2.49
N LEU A 26 -3.27 -4.67 -2.30
CA LEU A 26 -2.66 -4.36 -0.99
C LEU A 26 -3.66 -3.61 -0.08
N ALA A 27 -3.51 -3.76 1.24
CA ALA A 27 -4.40 -3.15 2.23
C ALA A 27 -3.62 -2.74 3.51
N CYS A 28 -3.91 -1.55 4.02
CA CYS A 28 -3.30 -0.98 5.23
C CYS A 28 -4.33 -0.13 5.99
N GLU A 29 -4.65 -0.55 7.23
CA GLU A 29 -5.63 0.12 8.09
C GLU A 29 -4.91 0.83 9.27
N VAL A 30 -5.23 2.12 9.49
CA VAL A 30 -4.68 2.92 10.62
C VAL A 30 -5.63 2.92 11.83
N ASP A 31 -5.11 3.41 12.97
CA ASP A 31 -5.87 3.56 14.22
C ASP A 31 -6.90 4.71 14.13
N ARG A 32 -6.52 5.84 13.51
CA ARG A 32 -7.33 7.06 13.45
C ARG A 32 -7.80 7.36 12.02
N GLU A 33 -9.11 7.57 11.85
CA GLU A 33 -9.73 8.00 10.57
C GLU A 33 -9.14 9.37 10.10
N ASP A 34 -8.65 10.16 11.09
CA ASP A 34 -8.02 11.48 10.89
C ASP A 34 -6.75 11.42 10.00
N ALA A 35 -5.96 10.34 10.14
CA ALA A 35 -4.62 10.22 9.51
C ALA A 35 -4.50 8.99 8.57
N PRO A 36 -4.98 9.13 7.27
CA PRO A 36 -4.86 8.05 6.24
C PRO A 36 -3.41 7.90 5.70
N VAL A 37 -2.97 6.65 5.39
CA VAL A 37 -1.64 6.41 4.78
C VAL A 37 -1.62 6.77 3.28
N ARG A 38 -0.44 7.16 2.80
CA ARG A 38 -0.16 7.30 1.36
C ARG A 38 0.70 6.11 0.89
N TRP A 39 0.36 5.52 -0.25
CA TRP A 39 1.09 4.37 -0.81
C TRP A 39 2.28 4.89 -1.64
N TYR A 40 3.49 4.31 -1.44
CA TYR A 40 4.70 4.71 -2.20
C TYR A 40 5.24 3.56 -3.07
N LYS A 41 5.45 3.83 -4.37
CA LYS A 41 6.02 2.84 -5.31
C LYS A 41 7.56 3.01 -5.31
N ASP A 42 8.24 2.26 -4.43
CA ASP A 42 9.71 2.35 -4.22
C ASP A 42 10.19 3.82 -3.95
N GLY A 43 9.40 4.57 -3.14
CA GLY A 43 9.70 5.97 -2.79
C GLY A 43 9.08 7.02 -3.74
N GLN A 44 8.75 6.62 -4.99
CA GLN A 44 8.16 7.50 -6.03
C GLN A 44 6.77 8.08 -5.63
N GLU A 45 6.07 7.33 -4.76
CA GLU A 45 4.66 7.57 -4.37
C GLU A 45 3.68 7.21 -5.51
N VAL A 46 2.73 6.32 -5.19
CA VAL A 46 1.74 5.80 -6.14
C VAL A 46 0.69 6.88 -6.50
N GLU A 47 0.55 7.13 -7.82
CA GLU A 47 -0.36 8.16 -8.35
C GLU A 47 -1.56 7.49 -9.08
N GLU A 48 -2.72 8.17 -9.05
CA GLU A 48 -3.99 7.66 -9.64
C GLU A 48 -3.89 7.61 -11.19
N SER A 49 -3.98 6.39 -11.73
CA SER A 49 -3.82 6.11 -13.17
C SER A 49 -4.98 5.21 -13.70
N ASP A 50 -4.94 4.92 -15.00
CA ASP A 50 -5.95 4.10 -15.70
C ASP A 50 -6.02 2.64 -15.17
N PHE A 51 -4.83 2.06 -14.91
CA PHE A 51 -4.70 0.65 -14.43
C PHE A 51 -4.20 0.60 -12.95
N VAL A 52 -3.76 1.74 -12.40
CA VAL A 52 -3.32 1.85 -10.99
C VAL A 52 -4.39 2.64 -10.20
N VAL A 53 -5.22 1.94 -9.40
CA VAL A 53 -6.35 2.58 -8.66
C VAL A 53 -6.18 2.44 -7.13
N LEU A 54 -6.36 3.58 -6.42
CA LEU A 54 -6.22 3.67 -4.95
C LEU A 54 -7.61 3.78 -4.28
N GLU A 55 -8.05 2.70 -3.63
CA GLU A 55 -9.39 2.61 -3.01
C GLU A 55 -9.30 2.95 -1.51
N ASN A 56 -10.07 3.94 -1.05
CA ASN A 56 -9.96 4.47 0.32
C ASN A 56 -11.35 4.66 0.96
N GLU A 57 -11.45 4.31 2.25
CA GLU A 57 -12.70 4.36 3.02
C GLU A 57 -12.39 4.50 4.55
N GLY A 58 -12.32 5.76 5.01
CA GLY A 58 -12.00 6.06 6.42
C GLY A 58 -10.60 5.58 6.86
N PRO A 59 -10.49 4.70 7.92
CA PRO A 59 -9.18 4.13 8.36
C PRO A 59 -8.54 3.15 7.32
N HIS A 60 -9.39 2.59 6.43
CA HIS A 60 -8.95 1.55 5.45
C HIS A 60 -8.37 2.21 4.17
N ARG A 61 -7.16 1.80 3.78
CA ARG A 61 -6.47 2.30 2.57
C ARG A 61 -6.03 1.09 1.71
N ARG A 62 -6.32 1.13 0.40
CA ARG A 62 -6.08 -0.01 -0.53
C ARG A 62 -5.32 0.42 -1.80
N LEU A 63 -4.52 -0.50 -2.34
CA LEU A 63 -3.82 -0.35 -3.63
C LEU A 63 -4.20 -1.55 -4.51
N VAL A 64 -5.10 -1.34 -5.49
CA VAL A 64 -5.55 -2.41 -6.41
C VAL A 64 -4.77 -2.35 -7.75
N LEU A 65 -4.03 -3.43 -8.07
CA LEU A 65 -3.30 -3.60 -9.35
C LEU A 65 -3.86 -4.86 -10.08
N PRO A 66 -4.80 -4.68 -11.09
CA PRO A 66 -5.46 -5.81 -11.80
C PRO A 66 -4.46 -6.75 -12.54
N ALA A 67 -3.54 -6.16 -13.32
CA ALA A 67 -2.48 -6.92 -14.03
C ALA A 67 -1.10 -6.50 -13.49
N THR A 68 -0.62 -7.26 -12.48
CA THR A 68 0.62 -6.92 -11.76
C THR A 68 1.87 -7.19 -12.62
N GLN A 69 2.37 -6.12 -13.26
CA GLN A 69 3.50 -6.17 -14.22
C GLN A 69 4.85 -6.43 -13.48
N PRO A 70 5.92 -6.89 -14.21
CA PRO A 70 7.31 -6.89 -13.66
C PRO A 70 7.79 -5.44 -13.32
N SER A 71 7.14 -4.43 -13.97
CA SER A 71 7.31 -2.99 -13.63
C SER A 71 6.85 -2.68 -12.17
N ASP A 72 5.77 -3.35 -11.72
CA ASP A 72 5.20 -3.17 -10.35
C ASP A 72 5.90 -4.06 -9.28
N GLY A 73 6.97 -4.77 -9.69
CA GLY A 73 7.69 -5.71 -8.81
C GLY A 73 8.74 -5.04 -7.92
N GLY A 74 8.26 -4.31 -6.91
CA GLY A 74 9.12 -3.61 -5.94
C GLY A 74 8.50 -3.55 -4.55
N GLU A 75 9.02 -2.65 -3.68
CA GLU A 75 8.54 -2.49 -2.29
C GLU A 75 7.64 -1.23 -2.15
N PHE A 76 6.39 -1.47 -1.71
CA PHE A 76 5.37 -0.44 -1.47
C PHE A 76 5.35 -0.04 0.03
N GLN A 77 5.56 1.24 0.31
CA GLN A 77 5.66 1.79 1.67
C GLN A 77 4.45 2.70 1.97
N CYS A 78 3.54 2.24 2.85
CA CYS A 78 2.34 3.00 3.23
C CYS A 78 2.65 3.93 4.44
N VAL A 79 2.91 5.20 4.14
CA VAL A 79 3.34 6.21 5.14
C VAL A 79 2.12 6.92 5.77
N ALA A 80 1.89 6.66 7.07
CA ALA A 80 0.91 7.42 7.87
C ALA A 80 1.49 8.79 8.29
N GLY A 81 2.77 8.77 8.73
CA GLY A 81 3.49 9.96 9.19
C GLY A 81 4.64 9.58 10.12
N ASP A 82 4.30 9.20 11.36
CA ASP A 82 5.25 8.64 12.34
C ASP A 82 5.65 7.20 11.97
N GLU A 83 4.65 6.42 11.54
CA GLU A 83 4.79 4.97 11.32
C GLU A 83 4.44 4.59 9.86
N CYS A 84 5.10 3.53 9.35
CA CYS A 84 4.94 3.05 7.95
C CYS A 84 5.03 1.51 7.89
N ALA A 85 4.11 0.86 7.14
CA ALA A 85 4.16 -0.60 6.89
C ALA A 85 4.79 -0.89 5.50
N TYR A 86 5.53 -2.02 5.40
CA TYR A 86 6.37 -2.34 4.21
C TYR A 86 5.86 -3.60 3.50
N PHE A 87 5.63 -3.50 2.17
CA PHE A 87 5.09 -4.59 1.34
C PHE A 87 6.10 -4.95 0.21
N THR A 88 6.76 -6.12 0.30
CA THR A 88 7.74 -6.58 -0.72
C THR A 88 7.05 -7.48 -1.78
N VAL A 89 6.76 -6.90 -2.96
CA VAL A 89 6.10 -7.63 -4.08
C VAL A 89 7.16 -8.20 -5.05
N THR A 90 7.13 -9.52 -5.27
CA THR A 90 8.12 -10.27 -6.09
C THR A 90 7.44 -11.00 -7.26
N ILE A 91 7.75 -10.61 -8.51
CA ILE A 91 7.13 -11.18 -9.73
C ILE A 91 7.84 -12.48 -10.16
N HIS A 2 -2.26 13.07 23.79
CA HIS A 2 -2.17 13.22 22.31
C HIS A 2 -2.69 11.95 21.61
N MET A 3 -3.39 12.13 20.46
CA MET A 3 -3.86 11.02 19.60
C MET A 3 -3.10 11.04 18.26
N PRO A 4 -1.98 10.24 18.11
CA PRO A 4 -1.18 10.17 16.84
C PRO A 4 -1.86 9.29 15.76
N VAL A 5 -1.09 8.91 14.70
CA VAL A 5 -1.58 8.02 13.63
C VAL A 5 -0.72 6.74 13.53
N HIS A 6 -1.14 5.71 14.27
CA HIS A 6 -0.55 4.35 14.22
C HIS A 6 -1.17 3.50 13.09
N ILE A 7 -0.72 2.24 12.99
CA ILE A 7 -1.21 1.26 12.00
C ILE A 7 -1.66 -0.04 12.72
N VAL A 8 -2.96 -0.39 12.59
CA VAL A 8 -3.52 -1.64 13.18
C VAL A 8 -3.34 -2.83 12.22
N ASP A 9 -3.31 -2.55 10.91
CA ASP A 9 -3.18 -3.56 9.84
C ASP A 9 -2.37 -2.99 8.64
N PRO A 10 -1.37 -3.73 8.06
CA PRO A 10 -0.94 -5.07 8.52
C PRO A 10 -0.11 -5.04 9.83
N ARG A 11 -0.12 -6.15 10.57
CA ARG A 11 0.59 -6.29 11.87
C ARG A 11 2.11 -6.57 11.68
N GLU A 12 2.57 -6.56 10.41
CA GLU A 12 3.98 -6.77 10.04
C GLU A 12 4.25 -6.36 8.56
N HIS A 13 5.50 -6.56 8.12
CA HIS A 13 5.92 -6.46 6.71
C HIS A 13 5.30 -7.60 5.85
N VAL A 14 4.48 -7.23 4.84
CA VAL A 14 3.82 -8.21 3.95
C VAL A 14 4.68 -8.49 2.69
N PHE A 15 5.20 -9.72 2.60
CA PHE A 15 5.85 -10.23 1.38
C PHE A 15 4.76 -10.84 0.46
N VAL A 16 4.67 -10.35 -0.79
CA VAL A 16 3.69 -10.84 -1.78
C VAL A 16 4.40 -11.57 -2.95
N HIS A 17 4.18 -12.89 -3.04
CA HIS A 17 4.52 -13.66 -4.25
C HIS A 17 3.44 -13.38 -5.32
N ALA A 18 3.82 -12.74 -6.43
CA ALA A 18 2.87 -12.28 -7.47
C ALA A 18 3.17 -12.89 -8.85
N ILE A 19 2.12 -12.95 -9.69
CA ILE A 19 2.21 -13.35 -11.10
C ILE A 19 1.75 -12.15 -11.98
N THR A 20 2.39 -11.97 -13.15
CA THR A 20 2.21 -10.78 -14.02
C THR A 20 0.75 -10.58 -14.48
N SER A 21 0.10 -11.68 -14.90
CA SER A 21 -1.29 -11.66 -15.44
C SER A 21 -2.36 -11.81 -14.32
N GLU A 22 -1.95 -11.75 -13.04
CA GLU A 22 -2.85 -11.84 -11.88
C GLU A 22 -3.01 -10.47 -11.17
N CYS A 23 -4.09 -10.34 -10.37
CA CYS A 23 -4.42 -9.11 -9.61
C CYS A 23 -3.92 -9.20 -8.16
N VAL A 24 -3.10 -8.22 -7.73
CA VAL A 24 -2.60 -8.12 -6.34
C VAL A 24 -3.24 -6.91 -5.60
N MET A 25 -3.94 -7.21 -4.49
CA MET A 25 -4.49 -6.17 -3.59
C MET A 25 -3.58 -6.02 -2.35
N LEU A 26 -2.81 -4.93 -2.32
CA LEU A 26 -1.98 -4.55 -1.14
C LEU A 26 -2.89 -3.89 -0.08
N ALA A 27 -3.28 -4.67 0.94
CA ALA A 27 -4.26 -4.24 1.96
C ALA A 27 -3.56 -3.59 3.17
N CYS A 28 -4.02 -2.38 3.55
CA CYS A 28 -3.52 -1.64 4.74
C CYS A 28 -4.66 -0.83 5.39
N GLU A 29 -4.85 -1.02 6.70
CA GLU A 29 -5.84 -0.31 7.52
C GLU A 29 -5.13 0.34 8.73
N VAL A 30 -5.13 1.68 8.82
CA VAL A 30 -4.47 2.40 9.94
C VAL A 30 -5.41 2.61 11.14
N ASP A 31 -4.84 3.04 12.27
CA ASP A 31 -5.59 3.30 13.52
C ASP A 31 -6.36 4.64 13.45
N ARG A 32 -5.71 5.69 12.91
CA ARG A 32 -6.27 7.07 12.90
C ARG A 32 -6.92 7.39 11.54
N GLU A 33 -8.25 7.55 11.55
CA GLU A 33 -9.04 7.89 10.35
C GLU A 33 -8.72 9.32 9.81
N ASP A 34 -8.45 10.26 10.73
CA ASP A 34 -8.20 11.70 10.41
C ASP A 34 -7.03 11.92 9.40
N ALA A 35 -6.03 11.04 9.43
CA ALA A 35 -4.83 11.15 8.57
C ALA A 35 -5.04 10.47 7.20
N PRO A 36 -4.86 11.22 6.05
CA PRO A 36 -4.87 10.62 4.69
C PRO A 36 -3.51 9.96 4.37
N VAL A 37 -3.34 8.71 4.82
CA VAL A 37 -2.04 8.00 4.74
C VAL A 37 -1.68 7.63 3.27
N ARG A 38 -0.37 7.54 2.98
CA ARG A 38 0.15 7.55 1.60
C ARG A 38 1.01 6.30 1.27
N TRP A 39 0.85 5.82 0.03
CA TRP A 39 1.66 4.73 -0.55
C TRP A 39 2.83 5.31 -1.38
N TYR A 40 4.03 4.72 -1.25
CA TYR A 40 5.21 5.09 -2.09
C TYR A 40 5.68 3.87 -2.90
N LYS A 41 5.81 4.04 -4.24
CA LYS A 41 6.32 2.98 -5.13
C LYS A 41 7.83 3.21 -5.36
N ASP A 42 8.66 2.46 -4.60
CA ASP A 42 10.15 2.64 -4.55
C ASP A 42 10.55 4.06 -4.03
N GLY A 43 9.63 4.70 -3.29
CA GLY A 43 9.81 6.08 -2.82
C GLY A 43 9.51 7.16 -3.88
N GLN A 44 9.07 6.73 -5.08
CA GLN A 44 8.76 7.64 -6.22
C GLN A 44 7.32 8.23 -6.11
N GLU A 45 6.62 7.91 -5.00
CA GLU A 45 5.21 8.31 -4.71
C GLU A 45 4.20 7.60 -5.64
N VAL A 46 3.20 6.93 -5.02
CA VAL A 46 2.11 6.28 -5.77
C VAL A 46 1.05 7.32 -6.17
N GLU A 47 0.87 7.49 -7.49
CA GLU A 47 -0.18 8.34 -8.07
C GLU A 47 -1.22 7.45 -8.78
N GLU A 48 -2.48 7.94 -8.89
CA GLU A 48 -3.59 7.17 -9.47
C GLU A 48 -3.40 6.96 -11.00
N SER A 49 -2.81 5.81 -11.36
CA SER A 49 -2.56 5.41 -12.77
C SER A 49 -3.79 4.69 -13.37
N ASP A 50 -3.64 4.22 -14.62
CA ASP A 50 -4.66 3.42 -15.33
C ASP A 50 -5.00 2.12 -14.54
N PHE A 51 -3.94 1.46 -14.05
CA PHE A 51 -4.06 0.23 -13.25
C PHE A 51 -4.19 0.53 -11.74
N VAL A 52 -3.38 1.48 -11.23
CA VAL A 52 -3.36 1.80 -9.79
C VAL A 52 -4.68 2.49 -9.34
N VAL A 53 -5.59 1.69 -8.75
CA VAL A 53 -6.84 2.19 -8.17
C VAL A 53 -6.78 2.07 -6.61
N LEU A 54 -6.90 3.23 -5.95
CA LEU A 54 -6.81 3.34 -4.48
C LEU A 54 -8.22 3.30 -3.84
N GLU A 55 -8.49 2.26 -3.03
CA GLU A 55 -9.79 2.14 -2.31
C GLU A 55 -9.63 2.70 -0.89
N ASN A 56 -10.44 3.72 -0.56
CA ASN A 56 -10.36 4.43 0.73
C ASN A 56 -11.75 4.58 1.42
N GLU A 57 -11.90 3.93 2.59
CA GLU A 57 -13.08 4.02 3.47
C GLU A 57 -12.62 4.37 4.90
N GLY A 58 -12.59 5.68 5.22
CA GLY A 58 -12.10 6.18 6.52
C GLY A 58 -10.62 5.80 6.80
N PRO A 59 -10.33 4.89 7.81
CA PRO A 59 -8.94 4.41 8.10
C PRO A 59 -8.45 3.31 7.10
N HIS A 60 -9.38 2.75 6.29
CA HIS A 60 -9.05 1.74 5.27
C HIS A 60 -8.41 2.41 4.03
N ARG A 61 -7.10 2.18 3.82
CA ARG A 61 -6.34 2.79 2.70
C ARG A 61 -5.47 1.71 1.99
N ARG A 62 -5.98 1.14 0.88
CA ARG A 62 -5.29 0.04 0.16
C ARG A 62 -4.99 0.39 -1.32
N LEU A 63 -3.98 -0.30 -1.86
CA LEU A 63 -3.57 -0.20 -3.26
C LEU A 63 -4.00 -1.49 -4.01
N VAL A 64 -4.89 -1.34 -5.01
CA VAL A 64 -5.36 -2.48 -5.84
C VAL A 64 -4.72 -2.41 -7.24
N LEU A 65 -4.12 -3.54 -7.69
CA LEU A 65 -3.42 -3.65 -8.99
C LEU A 65 -4.01 -4.83 -9.82
N PRO A 66 -4.85 -4.56 -10.88
CA PRO A 66 -5.46 -5.61 -11.75
C PRO A 66 -4.42 -6.46 -12.54
N ALA A 67 -3.47 -5.80 -13.24
CA ALA A 67 -2.40 -6.50 -14.00
C ALA A 67 -1.02 -6.15 -13.40
N THR A 68 -0.56 -6.99 -12.44
CA THR A 68 0.66 -6.72 -11.65
C THR A 68 1.95 -6.91 -12.50
N GLN A 69 2.37 -5.82 -13.16
CA GLN A 69 3.51 -5.81 -14.13
C GLN A 69 4.88 -5.93 -13.41
N PRO A 70 5.91 -6.62 -14.03
CA PRO A 70 7.25 -6.87 -13.41
C PRO A 70 7.94 -5.60 -12.86
N SER A 71 7.81 -4.47 -13.58
CA SER A 71 8.37 -3.16 -13.16
C SER A 71 7.68 -2.65 -11.86
N ASP A 72 6.34 -2.85 -11.79
CA ASP A 72 5.51 -2.46 -10.64
C ASP A 72 5.70 -3.42 -9.43
N GLY A 73 6.39 -4.55 -9.65
CA GLY A 73 6.70 -5.51 -8.58
C GLY A 73 7.91 -5.11 -7.74
N GLY A 74 7.75 -4.04 -6.94
CA GLY A 74 8.85 -3.48 -6.15
C GLY A 74 8.49 -3.30 -4.66
N GLU A 75 9.11 -2.29 -4.02
CA GLU A 75 8.89 -1.98 -2.60
C GLU A 75 7.78 -0.92 -2.44
N PHE A 76 6.78 -1.20 -1.61
CA PHE A 76 5.67 -0.25 -1.33
C PHE A 76 5.73 0.21 0.13
N GLN A 77 6.01 1.50 0.32
CA GLN A 77 6.14 2.12 1.66
C GLN A 77 4.87 2.91 2.01
N CYS A 78 3.99 2.29 2.81
CA CYS A 78 2.74 2.94 3.28
C CYS A 78 3.00 3.71 4.58
N VAL A 79 3.19 5.03 4.45
CA VAL A 79 3.51 5.91 5.59
C VAL A 79 2.21 6.43 6.25
N ALA A 80 2.00 6.09 7.53
CA ALA A 80 0.86 6.60 8.32
C ALA A 80 1.09 8.08 8.73
N GLY A 81 2.30 8.34 9.22
CA GLY A 81 2.68 9.65 9.77
C GLY A 81 3.52 9.48 11.04
N ASP A 82 2.98 8.69 11.99
CA ASP A 82 3.72 8.25 13.18
C ASP A 82 4.51 6.97 12.83
N GLU A 83 3.78 5.93 12.36
CA GLU A 83 4.39 4.63 11.92
C GLU A 83 4.42 4.51 10.38
N CYS A 84 4.94 3.35 9.88
CA CYS A 84 5.03 3.04 8.44
C CYS A 84 5.04 1.52 8.20
N ALA A 85 4.11 1.03 7.36
CA ALA A 85 4.00 -0.40 6.98
C ALA A 85 4.74 -0.66 5.64
N TYR A 86 5.60 -1.69 5.62
CA TYR A 86 6.45 -2.02 4.44
C TYR A 86 5.95 -3.28 3.71
N PHE A 87 5.80 -3.16 2.38
CA PHE A 87 5.37 -4.25 1.48
C PHE A 87 6.51 -4.57 0.49
N THR A 88 6.69 -5.86 0.16
CA THR A 88 7.75 -6.32 -0.77
C THR A 88 7.19 -7.37 -1.75
N VAL A 89 6.96 -6.96 -3.01
CA VAL A 89 6.38 -7.82 -4.06
C VAL A 89 7.49 -8.43 -4.95
N THR A 90 7.42 -9.75 -5.15
CA THR A 90 8.35 -10.50 -6.04
C THR A 90 7.53 -11.29 -7.10
N ILE A 91 7.66 -10.88 -8.37
CA ILE A 91 6.95 -11.48 -9.51
C ILE A 91 7.85 -12.47 -10.26
N HIS A 2 0.03 14.38 20.19
CA HIS A 2 -1.40 14.34 20.57
C HIS A 2 -2.21 13.49 19.55
N MET A 3 -2.78 12.35 20.04
CA MET A 3 -3.50 11.34 19.21
C MET A 3 -2.55 10.73 18.14
N PRO A 4 -1.90 9.55 18.42
CA PRO A 4 -0.96 8.90 17.47
C PRO A 4 -1.70 8.23 16.27
N VAL A 5 -0.96 7.99 15.18
CA VAL A 5 -1.50 7.34 13.96
C VAL A 5 -0.62 6.13 13.54
N HIS A 6 -0.73 5.08 14.36
CA HIS A 6 -0.06 3.78 14.12
C HIS A 6 -0.81 3.01 13.00
N ILE A 7 -0.07 2.47 12.02
CA ILE A 7 -0.69 1.57 11.02
C ILE A 7 -0.93 0.18 11.65
N VAL A 8 -2.18 -0.02 12.12
CA VAL A 8 -2.57 -1.21 12.91
C VAL A 8 -2.58 -2.51 12.07
N ASP A 9 -2.71 -2.37 10.73
CA ASP A 9 -2.68 -3.50 9.80
C ASP A 9 -2.18 -3.04 8.40
N PRO A 10 -0.94 -3.45 7.94
CA PRO A 10 0.01 -4.30 8.70
C PRO A 10 0.96 -3.52 9.66
N ARG A 11 1.56 -4.27 10.60
CA ARG A 11 2.59 -3.75 11.53
C ARG A 11 4.02 -4.03 10.97
N GLU A 12 4.10 -4.87 9.91
CA GLU A 12 5.37 -5.47 9.44
C GLU A 12 5.41 -5.56 7.89
N HIS A 13 6.40 -6.33 7.37
CA HIS A 13 6.59 -6.60 5.93
C HIS A 13 5.67 -7.77 5.47
N VAL A 14 4.69 -7.48 4.60
CA VAL A 14 3.82 -8.52 3.99
C VAL A 14 4.49 -9.09 2.72
N PHE A 15 4.93 -10.37 2.80
CA PHE A 15 5.64 -11.04 1.68
C PHE A 15 4.62 -11.51 0.60
N VAL A 16 4.67 -10.86 -0.57
CA VAL A 16 3.81 -11.12 -1.72
C VAL A 16 4.67 -11.60 -2.93
N HIS A 17 4.19 -12.61 -3.66
CA HIS A 17 4.85 -13.13 -4.88
C HIS A 17 3.84 -13.22 -6.03
N ALA A 18 4.11 -12.52 -7.16
CA ALA A 18 3.19 -12.43 -8.32
C ALA A 18 3.94 -12.60 -9.65
N ILE A 19 3.19 -13.03 -10.69
CA ILE A 19 3.63 -13.04 -12.10
C ILE A 19 3.23 -11.69 -12.77
N THR A 20 3.85 -11.36 -13.92
CA THR A 20 3.60 -10.11 -14.70
C THR A 20 2.14 -9.94 -15.26
N SER A 21 1.18 -10.80 -14.85
CA SER A 21 -0.24 -10.73 -15.28
C SER A 21 -1.24 -11.06 -14.14
N GLU A 22 -0.78 -11.01 -12.87
CA GLU A 22 -1.61 -11.37 -11.68
C GLU A 22 -2.40 -10.17 -11.08
N CYS A 23 -3.37 -10.48 -10.22
CA CYS A 23 -4.16 -9.46 -9.47
C CYS A 23 -3.81 -9.49 -7.96
N VAL A 24 -3.22 -8.38 -7.45
CA VAL A 24 -2.74 -8.28 -6.04
C VAL A 24 -3.38 -7.06 -5.30
N MET A 25 -4.05 -7.34 -4.16
CA MET A 25 -4.66 -6.29 -3.31
C MET A 25 -3.82 -6.06 -2.02
N LEU A 26 -3.01 -5.00 -2.01
CA LEU A 26 -2.24 -4.56 -0.82
C LEU A 26 -3.15 -3.69 0.08
N ALA A 27 -3.23 -3.99 1.40
CA ALA A 27 -4.20 -3.33 2.32
C ALA A 27 -3.51 -2.72 3.57
N CYS A 28 -3.68 -1.40 3.75
CA CYS A 28 -3.14 -0.62 4.90
C CYS A 28 -4.28 0.10 5.67
N GLU A 29 -4.23 0.07 7.01
CA GLU A 29 -5.22 0.74 7.88
C GLU A 29 -4.58 1.24 9.19
N VAL A 30 -5.07 2.39 9.69
CA VAL A 30 -4.57 3.05 10.92
C VAL A 30 -5.64 3.03 12.05
N ASP A 31 -5.23 3.43 13.27
CA ASP A 31 -6.16 3.62 14.41
C ASP A 31 -6.83 5.01 14.33
N ARG A 32 -6.05 6.04 13.96
CA ARG A 32 -6.53 7.43 13.86
C ARG A 32 -7.08 7.70 12.44
N GLU A 33 -8.41 7.58 12.29
CA GLU A 33 -9.12 7.82 11.01
C GLU A 33 -8.97 9.27 10.48
N ASP A 34 -8.67 10.21 11.39
CA ASP A 34 -8.40 11.62 11.09
C ASP A 34 -7.15 11.80 10.17
N ALA A 35 -6.17 10.88 10.30
CA ALA A 35 -4.92 10.91 9.51
C ALA A 35 -4.81 9.65 8.59
N PRO A 36 -5.15 9.78 7.27
CA PRO A 36 -4.94 8.69 6.26
C PRO A 36 -3.44 8.43 5.94
N VAL A 37 -3.16 7.41 5.08
CA VAL A 37 -1.77 7.07 4.66
C VAL A 37 -1.54 7.45 3.18
N ARG A 38 -0.26 7.65 2.82
CA ARG A 38 0.18 7.70 1.41
C ARG A 38 0.73 6.32 0.99
N TRP A 39 0.73 6.03 -0.31
CA TRP A 39 1.35 4.82 -0.87
C TRP A 39 2.65 5.17 -1.61
N TYR A 40 3.75 4.51 -1.25
CA TYR A 40 5.09 4.68 -1.89
C TYR A 40 5.56 3.36 -2.53
N LYS A 41 6.73 3.37 -3.18
CA LYS A 41 7.39 2.17 -3.72
C LYS A 41 8.90 2.16 -3.34
N ASP A 42 9.74 2.72 -4.23
CA ASP A 42 11.21 2.84 -4.05
C ASP A 42 11.58 4.09 -3.23
N GLY A 43 10.78 5.15 -3.42
CA GLY A 43 10.98 6.46 -2.79
C GLY A 43 9.94 7.46 -3.28
N GLN A 44 9.49 7.23 -4.54
CA GLN A 44 8.34 7.94 -5.14
C GLN A 44 7.01 7.43 -4.55
N GLU A 45 6.01 8.32 -4.43
CA GLU A 45 4.64 7.95 -4.07
C GLU A 45 3.79 7.70 -5.35
N VAL A 46 2.84 6.77 -5.23
CA VAL A 46 2.08 6.22 -6.36
C VAL A 46 0.82 7.07 -6.65
N GLU A 47 0.87 7.87 -7.74
CA GLU A 47 -0.31 8.60 -8.25
C GLU A 47 -0.97 7.74 -9.35
N GLU A 48 -1.48 6.55 -8.94
CA GLU A 48 -2.12 5.53 -9.82
C GLU A 48 -1.29 5.23 -11.10
N SER A 49 -0.45 4.16 -11.09
CA SER A 49 0.37 3.78 -12.27
C SER A 49 -0.49 3.06 -13.35
N ASP A 50 -1.37 3.85 -14.02
CA ASP A 50 -2.35 3.41 -15.05
C ASP A 50 -3.28 2.24 -14.58
N PHE A 51 -2.71 1.03 -14.44
CA PHE A 51 -3.42 -0.17 -13.92
C PHE A 51 -3.79 -0.02 -12.43
N VAL A 52 -2.89 0.62 -11.64
CA VAL A 52 -3.10 0.79 -10.17
C VAL A 52 -4.37 1.62 -9.86
N VAL A 53 -5.28 1.04 -9.05
CA VAL A 53 -6.47 1.73 -8.53
C VAL A 53 -6.41 1.82 -6.98
N LEU A 54 -6.60 3.04 -6.44
CA LEU A 54 -6.52 3.31 -4.98
C LEU A 54 -7.94 3.50 -4.39
N GLU A 55 -8.33 2.62 -3.45
CA GLU A 55 -9.65 2.69 -2.76
C GLU A 55 -9.51 3.20 -1.30
N ASN A 56 -10.43 4.10 -0.89
CA ASN A 56 -10.42 4.72 0.45
C ASN A 56 -11.84 4.72 1.08
N GLU A 57 -11.94 4.21 2.32
CA GLU A 57 -13.17 4.25 3.12
C GLU A 57 -12.81 4.55 4.60
N GLY A 58 -12.69 5.84 4.94
CA GLY A 58 -12.26 6.27 6.27
C GLY A 58 -10.79 5.91 6.59
N PRO A 59 -10.52 4.99 7.59
CA PRO A 59 -9.15 4.51 7.88
C PRO A 59 -8.66 3.45 6.86
N HIS A 60 -9.61 2.88 6.07
CA HIS A 60 -9.31 1.85 5.05
C HIS A 60 -8.61 2.49 3.81
N ARG A 61 -7.36 2.08 3.56
CA ARG A 61 -6.54 2.57 2.42
C ARG A 61 -5.86 1.37 1.72
N ARG A 62 -6.35 0.96 0.53
CA ARG A 62 -5.80 -0.22 -0.18
C ARG A 62 -5.39 0.07 -1.64
N LEU A 63 -4.20 -0.44 -2.01
CA LEU A 63 -3.63 -0.37 -3.38
C LEU A 63 -3.93 -1.68 -4.13
N VAL A 64 -4.86 -1.63 -5.09
CA VAL A 64 -5.30 -2.81 -5.84
C VAL A 64 -4.74 -2.81 -7.29
N LEU A 65 -4.19 -3.97 -7.70
CA LEU A 65 -3.68 -4.20 -9.06
C LEU A 65 -4.57 -5.24 -9.80
N PRO A 66 -5.19 -4.86 -10.95
CA PRO A 66 -5.77 -5.85 -11.90
C PRO A 66 -4.68 -6.70 -12.63
N ALA A 67 -3.54 -6.05 -12.99
CA ALA A 67 -2.40 -6.72 -13.66
C ALA A 67 -1.04 -6.17 -13.12
N THR A 68 -0.34 -7.00 -12.33
CA THR A 68 0.94 -6.65 -11.68
C THR A 68 2.12 -6.76 -12.67
N GLN A 69 2.40 -5.66 -13.37
CA GLN A 69 3.54 -5.57 -14.33
C GLN A 69 4.89 -5.36 -13.57
N PRO A 70 6.09 -5.60 -14.23
CA PRO A 70 7.42 -5.28 -13.61
C PRO A 70 7.60 -3.76 -13.32
N SER A 71 6.72 -2.92 -13.91
CA SER A 71 6.51 -1.50 -13.55
C SER A 71 6.25 -1.32 -12.02
N ASP A 72 5.33 -2.14 -11.49
CA ASP A 72 4.95 -2.10 -10.05
C ASP A 72 5.55 -3.30 -9.28
N GLY A 73 6.68 -3.83 -9.78
CA GLY A 73 7.48 -4.81 -9.04
C GLY A 73 8.45 -4.16 -8.05
N GLY A 74 8.54 -4.72 -6.83
CA GLY A 74 9.36 -4.17 -5.76
C GLY A 74 8.58 -4.03 -4.46
N GLU A 75 9.13 -3.27 -3.51
CA GLU A 75 8.51 -3.05 -2.20
C GLU A 75 7.65 -1.76 -2.21
N PHE A 76 6.57 -1.76 -1.41
CA PHE A 76 5.67 -0.60 -1.23
C PHE A 76 5.69 -0.13 0.25
N GLN A 77 5.54 1.19 0.47
CA GLN A 77 5.62 1.79 1.81
C GLN A 77 4.43 2.74 2.07
N CYS A 78 3.55 2.34 3.00
CA CYS A 78 2.43 3.18 3.46
C CYS A 78 2.90 4.13 4.57
N VAL A 79 2.84 5.46 4.37
CA VAL A 79 3.27 6.45 5.40
C VAL A 79 2.04 7.15 6.03
N ALA A 80 1.78 6.86 7.31
CA ALA A 80 0.68 7.49 8.09
C ALA A 80 1.14 8.82 8.75
N GLY A 81 2.39 8.84 9.22
CA GLY A 81 2.97 10.00 9.93
C GLY A 81 3.77 9.55 11.16
N ASP A 82 3.08 8.85 12.07
CA ASP A 82 3.68 8.23 13.27
C ASP A 82 4.55 7.02 12.85
N GLU A 83 3.95 6.07 12.11
CA GLU A 83 4.64 4.86 11.59
C GLU A 83 4.41 4.63 10.08
N CYS A 84 5.12 3.62 9.54
CA CYS A 84 5.07 3.24 8.12
C CYS A 84 4.99 1.71 7.96
N ALA A 85 4.02 1.24 7.15
CA ALA A 85 3.81 -0.18 6.85
C ALA A 85 4.53 -0.58 5.56
N TYR A 86 4.91 -1.86 5.43
CA TYR A 86 5.71 -2.34 4.29
C TYR A 86 5.06 -3.58 3.63
N PHE A 87 5.09 -3.59 2.30
CA PHE A 87 4.73 -4.73 1.46
C PHE A 87 5.95 -5.09 0.58
N THR A 88 6.10 -6.35 0.21
CA THR A 88 7.25 -6.83 -0.59
C THR A 88 6.74 -7.70 -1.75
N VAL A 89 6.63 -7.12 -2.96
CA VAL A 89 6.01 -7.81 -4.11
C VAL A 89 7.09 -8.21 -5.15
N THR A 90 7.48 -9.49 -5.14
CA THR A 90 8.42 -10.05 -6.14
C THR A 90 7.66 -10.42 -7.42
N ILE A 91 7.88 -9.66 -8.51
CA ILE A 91 7.22 -9.91 -9.82
C ILE A 91 8.23 -10.44 -10.86
N HIS A 2 -1.19 17.53 12.55
CA HIS A 2 0.10 16.98 13.09
C HIS A 2 0.27 15.46 12.76
N MET A 3 -0.66 14.91 11.93
CA MET A 3 -0.73 13.45 11.54
C MET A 3 -0.42 12.44 12.71
N PRO A 4 -1.29 12.40 13.79
CA PRO A 4 -1.09 11.49 14.95
C PRO A 4 -1.77 10.11 14.71
N VAL A 5 -1.12 9.27 13.90
CA VAL A 5 -1.72 8.00 13.41
C VAL A 5 -0.65 6.88 13.22
N HIS A 6 -0.85 5.78 13.96
CA HIS A 6 -0.08 4.53 13.81
C HIS A 6 -0.75 3.61 12.76
N ILE A 7 -0.02 2.58 12.31
CA ILE A 7 -0.55 1.61 11.32
C ILE A 7 -0.92 0.30 12.03
N VAL A 8 -2.16 0.24 12.52
CA VAL A 8 -2.68 -0.92 13.31
C VAL A 8 -2.67 -2.25 12.51
N ASP A 9 -2.74 -2.15 11.18
CA ASP A 9 -2.68 -3.29 10.25
C ASP A 9 -1.90 -2.88 8.97
N PRO A 10 -0.77 -3.56 8.61
CA PRO A 10 -0.15 -4.66 9.41
C PRO A 10 0.79 -4.14 10.53
N ARG A 11 1.16 -5.07 11.44
CA ARG A 11 2.18 -4.84 12.50
C ARG A 11 3.50 -5.54 12.15
N GLU A 12 3.72 -5.73 10.84
CA GLU A 12 4.81 -6.56 10.28
C GLU A 12 5.18 -6.10 8.85
N HIS A 13 6.17 -6.79 8.26
CA HIS A 13 6.61 -6.57 6.87
C HIS A 13 6.07 -7.73 5.98
N VAL A 14 4.97 -7.47 5.27
CA VAL A 14 4.18 -8.51 4.57
C VAL A 14 4.73 -8.81 3.16
N PHE A 15 5.15 -10.06 2.93
CA PHE A 15 5.61 -10.52 1.61
C PHE A 15 4.39 -10.99 0.77
N VAL A 16 4.04 -10.19 -0.25
CA VAL A 16 2.89 -10.45 -1.14
C VAL A 16 3.38 -11.11 -2.45
N HIS A 17 3.17 -12.42 -2.58
CA HIS A 17 3.60 -13.21 -3.75
C HIS A 17 2.67 -12.97 -4.95
N ALA A 18 3.25 -12.71 -6.13
CA ALA A 18 2.51 -12.26 -7.33
C ALA A 18 3.13 -12.80 -8.63
N ILE A 19 2.35 -12.72 -9.72
CA ILE A 19 2.77 -13.13 -11.09
C ILE A 19 2.47 -11.95 -12.08
N THR A 20 3.16 -11.93 -13.25
CA THR A 20 2.91 -10.93 -14.32
C THR A 20 1.45 -11.02 -14.84
N SER A 21 0.85 -9.84 -15.13
CA SER A 21 -0.53 -9.70 -15.67
C SER A 21 -1.64 -10.16 -14.68
N GLU A 22 -1.29 -10.32 -13.40
CA GLU A 22 -2.26 -10.68 -12.33
C GLU A 22 -2.65 -9.45 -11.47
N CYS A 23 -3.55 -9.67 -10.49
CA CYS A 23 -4.08 -8.58 -9.62
C CYS A 23 -3.50 -8.64 -8.19
N VAL A 24 -2.88 -7.53 -7.74
CA VAL A 24 -2.31 -7.37 -6.37
C VAL A 24 -3.12 -6.34 -5.55
N MET A 25 -3.50 -6.70 -4.31
CA MET A 25 -4.27 -5.80 -3.41
C MET A 25 -3.56 -5.66 -2.04
N LEU A 26 -2.80 -4.56 -1.88
CA LEU A 26 -2.09 -4.22 -0.64
C LEU A 26 -3.03 -3.55 0.38
N ALA A 27 -3.53 -4.32 1.35
CA ALA A 27 -4.46 -3.82 2.39
C ALA A 27 -3.67 -3.30 3.61
N CYS A 28 -3.84 -2.01 3.95
CA CYS A 28 -3.21 -1.39 5.14
C CYS A 28 -4.24 -0.56 5.93
N GLU A 29 -4.57 -0.97 7.15
CA GLU A 29 -5.50 -0.24 8.03
C GLU A 29 -4.72 0.64 9.03
N VAL A 30 -5.18 1.88 9.20
CA VAL A 30 -4.54 2.89 10.07
C VAL A 30 -5.41 3.20 11.30
N ASP A 31 -4.80 3.86 12.29
CA ASP A 31 -5.42 4.11 13.61
C ASP A 31 -6.50 5.23 13.55
N ARG A 32 -6.29 6.24 12.68
CA ARG A 32 -7.22 7.38 12.52
C ARG A 32 -8.06 7.20 11.23
N GLU A 33 -9.38 7.48 11.30
CA GLU A 33 -10.25 7.54 10.12
C GLU A 33 -9.83 8.68 9.16
N ASP A 34 -9.51 9.85 9.74
CA ASP A 34 -9.01 11.03 8.99
C ASP A 34 -7.46 10.98 8.90
N ALA A 35 -6.93 9.90 8.29
CA ALA A 35 -5.48 9.71 8.08
C ALA A 35 -5.14 9.62 6.58
N PRO A 36 -4.58 10.71 5.96
CA PRO A 36 -4.11 10.67 4.55
C PRO A 36 -2.75 9.93 4.42
N VAL A 37 -2.81 8.66 3.98
CA VAL A 37 -1.60 7.82 3.77
C VAL A 37 -0.88 8.18 2.45
N ARG A 38 0.43 7.92 2.41
CA ARG A 38 1.24 8.01 1.19
C ARG A 38 1.66 6.59 0.76
N TRP A 39 1.98 6.41 -0.51
CA TRP A 39 2.45 5.13 -1.06
C TRP A 39 3.76 5.34 -1.84
N TYR A 40 4.75 4.50 -1.58
CA TYR A 40 6.06 4.52 -2.29
C TYR A 40 6.42 3.11 -2.80
N LYS A 41 7.55 2.96 -3.51
CA LYS A 41 8.04 1.64 -3.97
C LYS A 41 9.53 1.70 -4.34
N ASP A 42 9.82 2.40 -5.44
CA ASP A 42 11.19 2.64 -5.95
C ASP A 42 11.71 4.06 -5.58
N GLY A 43 11.02 4.71 -4.63
CA GLY A 43 11.21 6.14 -4.31
C GLY A 43 10.08 7.01 -4.86
N GLN A 44 9.43 6.53 -5.93
CA GLN A 44 8.27 7.19 -6.57
C GLN A 44 7.01 7.15 -5.67
N GLU A 45 6.35 8.32 -5.50
CA GLU A 45 4.99 8.40 -4.93
C GLU A 45 3.99 7.72 -5.91
N VAL A 46 3.37 6.63 -5.46
CA VAL A 46 2.52 5.77 -6.30
C VAL A 46 1.10 6.37 -6.39
N GLU A 47 0.89 7.18 -7.44
CA GLU A 47 -0.38 7.91 -7.70
C GLU A 47 -1.33 7.04 -8.56
N GLU A 48 -2.64 7.36 -8.52
CA GLU A 48 -3.68 6.69 -9.34
C GLU A 48 -3.63 7.18 -10.82
N SER A 49 -2.52 6.84 -11.51
CA SER A 49 -2.22 7.30 -12.89
C SER A 49 -3.16 6.64 -13.93
N ASP A 50 -3.32 5.32 -13.80
CA ASP A 50 -4.17 4.51 -14.70
C ASP A 50 -4.53 3.17 -14.02
N PHE A 51 -3.51 2.36 -13.76
CA PHE A 51 -3.66 1.05 -13.10
C PHE A 51 -4.02 1.21 -11.60
N VAL A 52 -3.13 1.89 -10.85
CA VAL A 52 -3.26 2.07 -9.38
C VAL A 52 -4.63 2.70 -8.99
N VAL A 53 -5.39 2.00 -8.13
CA VAL A 53 -6.61 2.54 -7.50
C VAL A 53 -6.53 2.40 -5.95
N LEU A 54 -6.54 3.55 -5.28
CA LEU A 54 -6.48 3.65 -3.81
C LEU A 54 -7.90 3.73 -3.24
N GLU A 55 -8.42 2.58 -2.77
CA GLU A 55 -9.79 2.48 -2.22
C GLU A 55 -9.74 2.61 -0.69
N ASN A 56 -10.30 3.71 -0.17
CA ASN A 56 -10.18 4.08 1.25
C ASN A 56 -11.57 4.06 1.93
N GLU A 57 -11.78 3.09 2.86
CA GLU A 57 -13.02 2.95 3.67
C GLU A 57 -12.70 3.23 5.16
N GLY A 58 -12.87 4.50 5.58
CA GLY A 58 -12.54 4.94 6.95
C GLY A 58 -11.07 4.69 7.35
N PRO A 59 -10.80 3.75 8.33
CA PRO A 59 -9.42 3.34 8.68
C PRO A 59 -8.73 2.47 7.59
N HIS A 60 -9.53 1.71 6.81
CA HIS A 60 -9.02 0.78 5.75
C HIS A 60 -8.45 1.57 4.53
N ARG A 61 -7.15 1.37 4.21
CA ARG A 61 -6.44 2.06 3.10
C ARG A 61 -5.75 1.01 2.19
N ARG A 62 -6.33 0.69 1.01
CA ARG A 62 -5.80 -0.40 0.15
C ARG A 62 -5.39 0.09 -1.27
N LEU A 63 -4.16 -0.29 -1.68
CA LEU A 63 -3.64 -0.08 -3.06
C LEU A 63 -3.95 -1.34 -3.91
N VAL A 64 -4.77 -1.19 -4.96
CA VAL A 64 -5.12 -2.30 -5.86
C VAL A 64 -4.48 -2.10 -7.27
N LEU A 65 -4.04 -3.21 -7.87
CA LEU A 65 -3.30 -3.21 -9.17
C LEU A 65 -3.97 -4.23 -10.15
N PRO A 66 -4.55 -3.77 -11.32
CA PRO A 66 -5.13 -4.66 -12.37
C PRO A 66 -4.11 -5.66 -12.98
N ALA A 67 -3.01 -5.10 -13.52
CA ALA A 67 -1.88 -5.88 -14.08
C ALA A 67 -0.59 -5.54 -13.31
N THR A 68 -0.05 -6.53 -12.55
CA THR A 68 1.13 -6.37 -11.63
C THR A 68 2.33 -5.62 -12.29
N GLN A 69 2.56 -5.93 -13.60
CA GLN A 69 3.67 -5.39 -14.42
C GLN A 69 5.08 -5.89 -13.95
N PRO A 70 6.01 -6.25 -14.90
CA PRO A 70 7.42 -6.63 -14.57
C PRO A 70 8.30 -5.39 -14.20
N SER A 71 7.77 -4.54 -13.30
CA SER A 71 8.39 -3.25 -12.92
C SER A 71 7.69 -2.70 -11.65
N ASP A 72 6.35 -2.61 -11.69
CA ASP A 72 5.54 -2.03 -10.58
C ASP A 72 5.38 -3.00 -9.39
N GLY A 73 5.38 -4.31 -9.66
CA GLY A 73 5.41 -5.33 -8.59
C GLY A 73 6.73 -5.31 -7.79
N GLY A 74 6.74 -4.54 -6.67
CA GLY A 74 7.96 -4.35 -5.86
C GLY A 74 7.67 -4.04 -4.38
N GLU A 75 8.62 -3.39 -3.71
CA GLU A 75 8.54 -3.13 -2.24
C GLU A 75 7.86 -1.77 -1.94
N PHE A 76 6.56 -1.82 -1.62
CA PHE A 76 5.74 -0.61 -1.36
C PHE A 76 5.80 -0.19 0.12
N GLN A 77 5.61 1.13 0.35
CA GLN A 77 5.62 1.74 1.71
C GLN A 77 4.37 2.62 1.93
N CYS A 78 3.46 2.18 2.80
CA CYS A 78 2.30 3.00 3.23
C CYS A 78 2.70 3.91 4.40
N VAL A 79 2.95 5.20 4.14
CA VAL A 79 3.34 6.17 5.18
C VAL A 79 2.09 6.93 5.72
N ALA A 80 1.60 6.51 6.91
CA ALA A 80 0.38 7.10 7.52
C ALA A 80 0.67 8.44 8.23
N GLY A 81 1.69 8.42 9.11
CA GLY A 81 2.06 9.58 9.92
C GLY A 81 3.22 9.27 10.85
N ASP A 82 2.96 8.46 11.89
CA ASP A 82 4.01 7.95 12.80
C ASP A 82 4.89 6.86 12.12
N GLU A 83 4.22 5.87 11.50
CA GLU A 83 4.90 4.66 10.95
C GLU A 83 4.75 4.52 9.42
N CYS A 84 5.50 3.54 8.85
CA CYS A 84 5.45 3.17 7.42
C CYS A 84 5.41 1.62 7.28
N ALA A 85 4.38 1.09 6.58
CA ALA A 85 4.16 -0.36 6.43
C ALA A 85 4.78 -0.89 5.11
N TYR A 86 5.68 -1.88 5.22
CA TYR A 86 6.38 -2.49 4.06
C TYR A 86 5.60 -3.70 3.49
N PHE A 87 5.30 -3.64 2.18
CA PHE A 87 4.74 -4.76 1.41
C PHE A 87 5.72 -5.16 0.30
N THR A 88 6.38 -6.32 0.43
CA THR A 88 7.36 -6.80 -0.56
C THR A 88 6.65 -7.71 -1.58
N VAL A 89 6.36 -7.14 -2.77
CA VAL A 89 5.66 -7.86 -3.85
C VAL A 89 6.69 -8.58 -4.75
N THR A 90 6.70 -9.91 -4.67
CA THR A 90 7.65 -10.78 -5.40
C THR A 90 7.00 -11.32 -6.69
N ILE A 91 7.63 -11.12 -7.87
CA ILE A 91 7.07 -11.59 -9.18
C ILE A 91 7.74 -12.90 -9.63
N HIS A 2 2.91 14.49 20.14
CA HIS A 2 2.49 13.79 21.38
C HIS A 2 1.67 12.51 21.04
N MET A 3 0.52 12.68 20.35
CA MET A 3 -0.37 11.54 19.94
C MET A 3 -0.55 11.51 18.40
N PRO A 4 0.42 10.89 17.64
CA PRO A 4 0.39 10.81 16.16
C PRO A 4 -0.29 9.52 15.62
N VAL A 5 -0.50 9.46 14.29
CA VAL A 5 -1.21 8.34 13.62
C VAL A 5 -0.34 7.07 13.49
N HIS A 6 -0.91 5.93 13.96
CA HIS A 6 -0.25 4.61 13.95
C HIS A 6 -1.01 3.63 13.01
N ILE A 7 -0.28 2.66 12.45
CA ILE A 7 -0.84 1.62 11.57
C ILE A 7 -1.14 0.35 12.39
N VAL A 8 -2.44 0.03 12.53
CA VAL A 8 -2.91 -1.16 13.28
C VAL A 8 -2.81 -2.45 12.44
N ASP A 9 -2.73 -2.30 11.09
CA ASP A 9 -2.56 -3.43 10.15
C ASP A 9 -2.08 -2.92 8.75
N PRO A 10 -0.89 -3.38 8.23
CA PRO A 10 0.06 -4.26 8.94
C PRO A 10 1.10 -3.47 9.79
N ARG A 11 1.22 -3.86 11.06
CA ARG A 11 2.31 -3.40 11.96
C ARG A 11 3.67 -4.08 11.56
N GLU A 12 3.58 -5.16 10.76
CA GLU A 12 4.74 -5.98 10.35
C GLU A 12 5.03 -5.88 8.82
N HIS A 13 6.08 -6.61 8.37
CA HIS A 13 6.51 -6.65 6.95
C HIS A 13 5.85 -7.88 6.24
N VAL A 14 5.01 -7.59 5.25
CA VAL A 14 4.29 -8.63 4.46
C VAL A 14 5.01 -8.93 3.13
N PHE A 15 5.32 -10.22 2.87
CA PHE A 15 5.86 -10.66 1.56
C PHE A 15 4.69 -10.98 0.60
N VAL A 16 4.85 -10.63 -0.69
CA VAL A 16 3.79 -10.74 -1.71
C VAL A 16 4.31 -11.47 -2.98
N HIS A 17 3.59 -12.54 -3.39
CA HIS A 17 3.78 -13.21 -4.70
C HIS A 17 3.00 -12.45 -5.79
N ALA A 18 3.65 -12.13 -6.92
CA ALA A 18 3.02 -11.33 -8.00
C ALA A 18 3.45 -11.81 -9.41
N ILE A 19 2.46 -11.96 -10.30
CA ILE A 19 2.67 -12.18 -11.76
C ILE A 19 1.91 -11.06 -12.53
N THR A 20 2.33 -10.78 -13.77
CA THR A 20 1.65 -9.80 -14.67
C THR A 20 0.14 -10.12 -14.91
N SER A 21 -0.23 -11.41 -14.74
CA SER A 21 -1.62 -11.89 -14.92
C SER A 21 -2.43 -11.94 -13.59
N GLU A 22 -1.78 -11.66 -12.44
CA GLU A 22 -2.43 -11.73 -11.11
C GLU A 22 -2.96 -10.36 -10.62
N CYS A 23 -4.05 -10.41 -9.82
CA CYS A 23 -4.63 -9.24 -9.13
C CYS A 23 -4.08 -9.17 -7.68
N VAL A 24 -3.27 -8.15 -7.39
CA VAL A 24 -2.66 -7.94 -6.05
C VAL A 24 -3.25 -6.67 -5.37
N MET A 25 -4.06 -6.87 -4.31
CA MET A 25 -4.62 -5.77 -3.48
C MET A 25 -3.87 -5.67 -2.13
N LEU A 26 -2.98 -4.68 -2.02
CA LEU A 26 -2.26 -4.37 -0.76
C LEU A 26 -3.17 -3.49 0.15
N ALA A 27 -3.46 -3.93 1.37
CA ALA A 27 -4.34 -3.17 2.31
C ALA A 27 -3.55 -2.67 3.55
N CYS A 28 -3.74 -1.37 3.88
CA CYS A 28 -3.15 -0.73 5.07
C CYS A 28 -4.23 0.05 5.85
N GLU A 29 -4.16 0.01 7.18
CA GLU A 29 -5.23 0.49 8.07
C GLU A 29 -4.63 1.18 9.32
N VAL A 30 -5.21 2.33 9.69
CA VAL A 30 -4.73 3.18 10.81
C VAL A 30 -5.77 3.29 11.96
N ASP A 31 -5.29 3.66 13.16
CA ASP A 31 -6.15 3.91 14.35
C ASP A 31 -6.78 5.32 14.28
N ARG A 32 -6.10 6.22 13.58
CA ARG A 32 -6.51 7.62 13.39
C ARG A 32 -6.98 7.84 11.93
N GLU A 33 -8.30 7.67 11.67
CA GLU A 33 -8.88 7.78 10.31
C GLU A 33 -8.81 9.22 9.74
N ASP A 34 -8.65 10.21 10.66
CA ASP A 34 -8.42 11.63 10.31
C ASP A 34 -7.08 11.82 9.54
N ALA A 35 -6.12 10.92 9.79
CA ALA A 35 -4.81 10.92 9.11
C ALA A 35 -4.62 9.60 8.31
N PRO A 36 -4.92 9.60 6.97
CA PRO A 36 -4.77 8.38 6.12
C PRO A 36 -3.30 8.10 5.70
N VAL A 37 -3.05 6.88 5.19
CA VAL A 37 -1.72 6.49 4.67
C VAL A 37 -1.53 7.00 3.23
N ARG A 38 -0.27 7.10 2.83
CA ARG A 38 0.14 7.41 1.45
C ARG A 38 1.16 6.34 0.99
N TRP A 39 0.89 5.72 -0.16
CA TRP A 39 1.65 4.56 -0.65
C TRP A 39 2.90 5.02 -1.42
N TYR A 40 4.08 4.47 -1.06
CA TYR A 40 5.35 4.75 -1.75
C TYR A 40 5.89 3.46 -2.41
N LYS A 41 6.24 3.52 -3.70
CA LYS A 41 6.75 2.34 -4.44
C LYS A 41 8.24 2.06 -4.13
N ASP A 42 9.03 3.16 -4.11
CA ASP A 42 10.45 3.16 -3.72
C ASP A 42 10.98 4.62 -3.74
N GLY A 43 10.85 5.32 -2.59
CA GLY A 43 11.25 6.73 -2.47
C GLY A 43 10.18 7.72 -2.95
N GLN A 44 9.54 7.42 -4.09
CA GLN A 44 8.41 8.22 -4.64
C GLN A 44 7.08 7.46 -4.45
N GLU A 45 5.99 8.24 -4.27
CA GLU A 45 4.63 7.70 -4.06
C GLU A 45 4.03 7.07 -5.34
N VAL A 46 3.13 6.10 -5.14
CA VAL A 46 2.47 5.33 -6.23
C VAL A 46 1.34 6.16 -6.85
N GLU A 47 1.43 6.39 -8.17
CA GLU A 47 0.40 7.10 -8.94
C GLU A 47 -0.69 6.12 -9.41
N GLU A 48 -1.95 6.60 -9.45
CA GLU A 48 -3.09 5.85 -10.03
C GLU A 48 -2.98 5.87 -11.58
N SER A 49 -2.26 4.89 -12.12
CA SER A 49 -2.02 4.73 -13.58
C SER A 49 -3.22 4.04 -14.28
N ASP A 50 -3.07 3.70 -15.58
CA ASP A 50 -4.10 3.02 -16.40
C ASP A 50 -4.60 1.69 -15.75
N PHE A 51 -3.65 0.93 -15.17
CA PHE A 51 -3.94 -0.37 -14.51
C PHE A 51 -3.66 -0.32 -13.00
N VAL A 52 -3.61 0.90 -12.41
CA VAL A 52 -3.37 1.09 -10.95
C VAL A 52 -4.46 2.01 -10.36
N VAL A 53 -5.19 1.53 -9.33
CA VAL A 53 -6.26 2.31 -8.65
C VAL A 53 -6.13 2.21 -7.11
N LEU A 54 -6.19 3.35 -6.42
CA LEU A 54 -6.17 3.41 -4.95
C LEU A 54 -7.63 3.57 -4.43
N GLU A 55 -8.22 2.48 -3.91
CA GLU A 55 -9.59 2.47 -3.38
C GLU A 55 -9.59 2.63 -1.85
N ASN A 56 -10.11 3.77 -1.36
CA ASN A 56 -10.08 4.14 0.07
C ASN A 56 -11.50 4.15 0.69
N GLU A 57 -11.58 3.79 1.98
CA GLU A 57 -12.83 3.82 2.77
C GLU A 57 -12.50 3.84 4.28
N GLY A 58 -12.70 5.02 4.91
CA GLY A 58 -12.43 5.22 6.35
C GLY A 58 -10.96 4.95 6.75
N PRO A 59 -10.69 4.02 7.73
CA PRO A 59 -9.31 3.63 8.08
C PRO A 59 -8.66 2.66 7.03
N HIS A 60 -9.50 1.96 6.24
CA HIS A 60 -9.05 0.95 5.24
C HIS A 60 -8.56 1.64 3.94
N ARG A 61 -7.30 1.41 3.55
CA ARG A 61 -6.66 2.04 2.37
C ARG A 61 -6.05 0.96 1.45
N ARG A 62 -6.71 0.70 0.30
CA ARG A 62 -6.35 -0.41 -0.63
C ARG A 62 -5.60 0.10 -1.87
N LEU A 63 -4.37 -0.39 -2.07
CA LEU A 63 -3.66 -0.31 -3.36
C LEU A 63 -4.06 -1.55 -4.21
N VAL A 64 -4.87 -1.31 -5.25
CA VAL A 64 -5.42 -2.39 -6.10
C VAL A 64 -4.69 -2.44 -7.47
N LEU A 65 -4.11 -3.62 -7.79
CA LEU A 65 -3.46 -3.89 -9.09
C LEU A 65 -4.21 -5.04 -9.82
N PRO A 66 -5.12 -4.74 -10.81
CA PRO A 66 -5.80 -5.77 -11.65
C PRO A 66 -4.80 -6.69 -12.43
N ALA A 67 -3.76 -6.08 -13.01
CA ALA A 67 -2.67 -6.79 -13.71
C ALA A 67 -1.32 -6.24 -13.22
N THR A 68 -0.68 -6.96 -12.29
CA THR A 68 0.55 -6.48 -11.59
C THR A 68 1.78 -6.44 -12.54
N GLN A 69 1.94 -5.30 -13.23
CA GLN A 69 3.01 -5.08 -14.24
C GLN A 69 4.40 -4.90 -13.56
N PRO A 70 5.54 -5.24 -14.27
CA PRO A 70 6.94 -5.11 -13.73
C PRO A 70 7.26 -3.71 -13.12
N SER A 71 6.59 -2.65 -13.64
CA SER A 71 6.67 -1.27 -13.08
C SER A 71 6.23 -1.20 -11.60
N ASP A 72 5.19 -1.97 -11.25
CA ASP A 72 4.63 -2.03 -9.88
C ASP A 72 5.26 -3.17 -9.02
N GLY A 73 6.41 -3.68 -9.45
CA GLY A 73 7.22 -4.62 -8.64
C GLY A 73 8.27 -3.89 -7.79
N GLY A 74 8.07 -3.90 -6.46
CA GLY A 74 8.99 -3.21 -5.53
C GLY A 74 8.57 -3.28 -4.06
N GLU A 75 9.19 -2.43 -3.23
CA GLU A 75 8.92 -2.38 -1.77
C GLU A 75 7.96 -1.21 -1.42
N PHE A 76 6.69 -1.54 -1.12
CA PHE A 76 5.63 -0.55 -0.91
C PHE A 76 5.54 -0.12 0.57
N GLN A 77 5.85 1.17 0.81
CA GLN A 77 5.88 1.77 2.14
C GLN A 77 4.59 2.61 2.38
N CYS A 78 3.71 2.07 3.24
CA CYS A 78 2.47 2.75 3.66
C CYS A 78 2.80 3.80 4.74
N VAL A 79 2.95 5.07 4.36
CA VAL A 79 3.32 6.16 5.28
C VAL A 79 2.06 6.82 5.88
N ALA A 80 1.73 6.47 7.13
CA ALA A 80 0.65 7.12 7.88
C ALA A 80 1.09 8.52 8.35
N GLY A 81 2.22 8.55 9.06
CA GLY A 81 2.76 9.79 9.66
C GLY A 81 3.84 9.48 10.69
N ASP A 82 3.42 8.78 11.76
CA ASP A 82 4.34 8.18 12.75
C ASP A 82 4.85 6.82 12.23
N GLU A 83 3.89 5.99 11.81
CA GLU A 83 4.15 4.61 11.34
C GLU A 83 4.36 4.52 9.81
N CYS A 84 5.09 3.45 9.42
CA CYS A 84 5.34 3.08 8.02
C CYS A 84 5.38 1.54 7.87
N ALA A 85 4.43 0.99 7.10
CA ALA A 85 4.32 -0.46 6.84
C ALA A 85 5.04 -0.84 5.53
N TYR A 86 5.50 -2.10 5.40
CA TYR A 86 6.32 -2.55 4.24
C TYR A 86 5.78 -3.84 3.60
N PHE A 87 5.52 -3.77 2.28
CA PHE A 87 5.17 -4.92 1.41
C PHE A 87 6.32 -5.18 0.42
N THR A 88 6.67 -6.46 0.18
CA THR A 88 7.64 -6.83 -0.89
C THR A 88 6.90 -7.56 -2.03
N VAL A 89 6.63 -6.82 -3.12
CA VAL A 89 5.93 -7.37 -4.30
C VAL A 89 6.98 -7.89 -5.32
N THR A 90 7.14 -9.23 -5.35
CA THR A 90 8.13 -9.92 -6.21
C THR A 90 7.44 -10.49 -7.48
N ILE A 91 7.86 -9.99 -8.66
CA ILE A 91 7.31 -10.41 -9.97
C ILE A 91 8.34 -11.25 -10.75
N HIS A 2 -5.28 16.64 16.12
CA HIS A 2 -3.88 16.13 16.29
C HIS A 2 -3.88 14.80 17.05
N MET A 3 -3.28 13.75 16.45
CA MET A 3 -3.15 12.41 17.07
C MET A 3 -2.15 11.53 16.28
N PRO A 4 -1.04 11.01 16.94
CA PRO A 4 -0.08 10.07 16.30
C PRO A 4 -0.77 8.79 15.73
N VAL A 5 -1.00 8.79 14.41
CA VAL A 5 -1.67 7.68 13.70
C VAL A 5 -0.75 6.42 13.58
N HIS A 6 -0.95 5.49 14.52
CA HIS A 6 -0.24 4.18 14.51
C HIS A 6 -0.95 3.17 13.58
N ILE A 7 -0.18 2.51 12.69
CA ILE A 7 -0.69 1.42 11.84
C ILE A 7 -0.92 0.16 12.70
N VAL A 8 -2.17 0.02 13.13
CA VAL A 8 -2.64 -1.04 14.04
C VAL A 8 -2.48 -2.46 13.45
N ASP A 9 -2.67 -2.59 12.12
CA ASP A 9 -2.50 -3.86 11.39
C ASP A 9 -2.44 -3.59 9.85
N PRO A 10 -1.46 -4.18 9.07
CA PRO A 10 -0.41 -5.09 9.58
C PRO A 10 0.77 -4.34 10.26
N ARG A 11 1.01 -4.71 11.52
CA ARG A 11 2.16 -4.24 12.35
C ARG A 11 3.43 -5.11 12.06
N GLU A 12 3.67 -5.40 10.76
CA GLU A 12 4.75 -6.30 10.29
C GLU A 12 5.15 -5.98 8.83
N HIS A 13 6.01 -6.83 8.24
CA HIS A 13 6.52 -6.69 6.87
C HIS A 13 5.94 -7.83 5.98
N VAL A 14 4.91 -7.51 5.18
CA VAL A 14 4.16 -8.49 4.38
C VAL A 14 4.73 -8.63 2.94
N PHE A 15 5.40 -9.76 2.66
CA PHE A 15 5.81 -10.11 1.28
C PHE A 15 4.60 -10.68 0.51
N VAL A 16 4.09 -9.91 -0.47
CA VAL A 16 3.04 -10.36 -1.40
C VAL A 16 3.70 -11.05 -2.61
N HIS A 17 3.12 -12.15 -3.10
CA HIS A 17 3.67 -12.90 -4.26
C HIS A 17 2.66 -12.90 -5.41
N ALA A 18 3.07 -12.38 -6.59
CA ALA A 18 2.18 -12.18 -7.75
C ALA A 18 2.72 -12.85 -9.02
N ILE A 19 1.89 -12.84 -10.07
CA ILE A 19 2.23 -13.31 -11.43
C ILE A 19 2.01 -12.14 -12.44
N THR A 20 2.63 -12.24 -13.64
CA THR A 20 2.40 -11.29 -14.75
C THR A 20 0.88 -11.18 -15.09
N SER A 21 0.34 -9.94 -15.05
CA SER A 21 -1.11 -9.63 -15.33
C SER A 21 -2.08 -10.16 -14.24
N GLU A 22 -1.55 -10.57 -13.07
CA GLU A 22 -2.37 -11.09 -11.94
C GLU A 22 -2.57 -9.97 -10.89
N CYS A 23 -3.84 -9.74 -10.49
CA CYS A 23 -4.25 -8.61 -9.62
C CYS A 23 -3.69 -8.70 -8.17
N VAL A 24 -3.11 -7.57 -7.69
CA VAL A 24 -2.59 -7.42 -6.30
C VAL A 24 -3.49 -6.46 -5.47
N MET A 25 -3.61 -6.71 -4.15
CA MET A 25 -4.27 -5.78 -3.21
C MET A 25 -3.45 -5.70 -1.89
N LEU A 26 -2.79 -4.56 -1.67
CA LEU A 26 -1.98 -4.29 -0.48
C LEU A 26 -2.85 -3.72 0.67
N ALA A 27 -3.17 -4.56 1.67
CA ALA A 27 -4.06 -4.17 2.79
C ALA A 27 -3.27 -3.49 3.94
N CYS A 28 -3.68 -2.27 4.34
CA CYS A 28 -3.07 -1.53 5.47
C CYS A 28 -4.14 -0.68 6.22
N GLU A 29 -4.37 -1.00 7.50
CA GLU A 29 -5.32 -0.26 8.36
C GLU A 29 -4.60 0.75 9.26
N VAL A 30 -5.22 1.92 9.42
CA VAL A 30 -4.70 3.04 10.22
C VAL A 30 -5.57 3.28 11.48
N ASP A 31 -4.96 3.90 12.49
CA ASP A 31 -5.67 4.33 13.73
C ASP A 31 -6.57 5.57 13.46
N ARG A 32 -6.13 6.46 12.55
CA ARG A 32 -6.79 7.76 12.31
C ARG A 32 -7.13 7.91 10.82
N GLU A 33 -8.45 8.00 10.52
CA GLU A 33 -8.98 8.03 9.14
C GLU A 33 -8.64 9.36 8.43
N ASP A 34 -8.75 10.47 9.19
CA ASP A 34 -8.45 11.84 8.70
C ASP A 34 -6.96 12.01 8.30
N ALA A 35 -6.08 11.14 8.84
CA ALA A 35 -4.64 11.11 8.49
C ALA A 35 -4.43 10.64 7.02
N PRO A 36 -3.95 11.53 6.10
CA PRO A 36 -3.78 11.19 4.66
C PRO A 36 -2.59 10.22 4.41
N VAL A 37 -2.89 8.97 4.03
CA VAL A 37 -1.86 7.94 3.76
C VAL A 37 -1.14 8.19 2.42
N ARG A 38 0.13 7.74 2.35
CA ARG A 38 1.00 7.87 1.16
C ARG A 38 1.68 6.53 0.85
N TRP A 39 1.32 5.93 -0.28
CA TRP A 39 1.93 4.70 -0.79
C TRP A 39 3.17 5.06 -1.65
N TYR A 40 4.23 4.22 -1.60
CA TYR A 40 5.47 4.44 -2.38
C TYR A 40 5.83 3.19 -3.18
N LYS A 41 6.04 3.37 -4.50
CA LYS A 41 6.46 2.30 -5.42
C LYS A 41 8.00 2.31 -5.53
N ASP A 42 8.67 1.38 -4.82
CA ASP A 42 10.15 1.21 -4.79
C ASP A 42 10.87 2.43 -4.12
N GLY A 43 10.90 3.58 -4.84
CA GLY A 43 11.53 4.81 -4.32
C GLY A 43 10.83 6.09 -4.79
N GLN A 44 9.67 5.94 -5.47
CA GLN A 44 8.83 7.07 -5.95
C GLN A 44 7.44 7.01 -5.30
N GLU A 45 6.76 8.16 -5.14
CA GLU A 45 5.41 8.22 -4.53
C GLU A 45 4.30 7.79 -5.52
N VAL A 46 3.21 7.23 -4.96
CA VAL A 46 2.07 6.70 -5.72
C VAL A 46 0.85 7.66 -5.68
N GLU A 47 0.15 7.76 -6.83
CA GLU A 47 -1.18 8.39 -6.94
C GLU A 47 -2.10 7.46 -7.81
N GLU A 48 -3.39 7.82 -7.96
CA GLU A 48 -4.31 7.14 -8.89
C GLU A 48 -3.97 7.57 -10.35
N SER A 49 -2.83 7.04 -10.85
CA SER A 49 -2.24 7.46 -12.13
C SER A 49 -3.11 7.03 -13.34
N ASP A 50 -3.51 5.74 -13.32
CA ASP A 50 -4.35 5.10 -14.36
C ASP A 50 -4.61 3.63 -13.96
N PHE A 51 -3.55 2.80 -14.05
CA PHE A 51 -3.60 1.38 -13.65
C PHE A 51 -3.66 1.26 -12.11
N VAL A 52 -2.89 2.11 -11.42
CA VAL A 52 -2.87 2.14 -9.95
C VAL A 52 -4.13 2.85 -9.40
N VAL A 53 -4.90 2.15 -8.54
CA VAL A 53 -6.09 2.73 -7.89
C VAL A 53 -5.99 2.60 -6.35
N LEU A 54 -6.26 3.69 -5.62
CA LEU A 54 -6.15 3.76 -4.15
C LEU A 54 -7.57 3.79 -3.52
N GLU A 55 -7.94 2.70 -2.83
CA GLU A 55 -9.30 2.52 -2.26
C GLU A 55 -9.33 2.90 -0.76
N ASN A 56 -10.11 3.94 -0.44
CA ASN A 56 -10.33 4.39 0.96
C ASN A 56 -11.69 3.88 1.46
N GLU A 57 -11.65 2.97 2.45
CA GLU A 57 -12.86 2.33 3.04
C GLU A 57 -12.79 2.45 4.58
N GLY A 58 -13.20 3.63 5.10
CA GLY A 58 -13.08 3.94 6.53
C GLY A 58 -11.61 4.03 7.00
N PRO A 59 -11.16 3.22 8.02
CA PRO A 59 -9.72 3.11 8.37
C PRO A 59 -8.94 2.11 7.48
N HIS A 60 -9.65 1.40 6.58
CA HIS A 60 -9.05 0.37 5.70
C HIS A 60 -8.51 1.01 4.40
N ARG A 61 -7.18 1.07 4.25
CA ARG A 61 -6.50 1.62 3.05
C ARG A 61 -5.89 0.48 2.23
N ARG A 62 -6.20 0.40 0.93
CA ARG A 62 -5.73 -0.71 0.08
C ARG A 62 -5.36 -0.24 -1.35
N LEU A 63 -4.11 -0.53 -1.76
CA LEU A 63 -3.60 -0.28 -3.12
C LEU A 63 -3.94 -1.49 -4.00
N VAL A 64 -4.83 -1.30 -4.99
CA VAL A 64 -5.20 -2.36 -5.95
C VAL A 64 -4.47 -2.14 -7.30
N LEU A 65 -3.89 -3.23 -7.85
CA LEU A 65 -3.14 -3.21 -9.12
C LEU A 65 -3.68 -4.34 -10.06
N PRO A 66 -4.53 -3.99 -11.08
CA PRO A 66 -5.02 -4.98 -12.08
C PRO A 66 -3.89 -5.61 -12.94
N ALA A 67 -3.29 -4.81 -13.86
CA ALA A 67 -2.14 -5.25 -14.69
C ALA A 67 -0.81 -4.99 -13.95
N THR A 68 -0.51 -5.87 -12.96
CA THR A 68 0.69 -5.77 -12.11
C THR A 68 2.00 -5.84 -12.91
N GLN A 69 2.19 -6.96 -13.65
CA GLN A 69 3.36 -7.19 -14.56
C GLN A 69 4.72 -7.21 -13.76
N PRO A 70 5.92 -7.51 -14.41
CA PRO A 70 7.25 -7.24 -13.78
C PRO A 70 7.45 -5.73 -13.43
N SER A 71 6.58 -4.86 -14.00
CA SER A 71 6.48 -3.42 -13.67
C SER A 71 6.34 -3.16 -12.15
N ASP A 72 5.33 -3.81 -11.50
CA ASP A 72 5.04 -3.65 -10.06
C ASP A 72 5.54 -4.85 -9.21
N GLY A 73 6.59 -5.53 -9.70
CA GLY A 73 7.23 -6.64 -8.96
C GLY A 73 8.33 -6.15 -8.01
N GLY A 74 7.97 -5.22 -7.09
CA GLY A 74 8.94 -4.59 -6.17
C GLY A 74 8.30 -4.18 -4.84
N GLU A 75 9.03 -3.34 -4.08
CA GLU A 75 8.62 -2.92 -2.72
C GLU A 75 7.55 -1.80 -2.74
N PHE A 76 6.73 -1.76 -1.67
CA PHE A 76 5.67 -0.76 -1.48
C PHE A 76 5.63 -0.29 0.00
N GLN A 77 5.56 1.04 0.23
CA GLN A 77 5.61 1.63 1.59
C GLN A 77 4.36 2.50 1.86
N CYS A 78 3.54 2.11 2.85
CA CYS A 78 2.34 2.87 3.26
C CYS A 78 2.63 3.73 4.51
N VAL A 79 2.88 5.03 4.32
CA VAL A 79 3.08 6.00 5.42
C VAL A 79 1.73 6.61 5.85
N ALA A 80 1.26 6.26 7.05
CA ALA A 80 0.04 6.83 7.64
C ALA A 80 0.27 8.30 8.09
N GLY A 81 1.49 8.58 8.56
CA GLY A 81 1.88 9.90 9.08
C GLY A 81 2.85 9.78 10.25
N ASP A 82 2.47 8.97 11.24
CA ASP A 82 3.32 8.65 12.41
C ASP A 82 4.11 7.35 12.16
N GLU A 83 3.38 6.28 11.76
CA GLU A 83 3.99 4.97 11.42
C GLU A 83 4.04 4.75 9.88
N CYS A 84 4.87 3.77 9.46
CA CYS A 84 5.01 3.35 8.05
C CYS A 84 5.10 1.81 7.95
N ALA A 85 4.15 1.19 7.21
CA ALA A 85 4.09 -0.26 6.97
C ALA A 85 4.83 -0.64 5.67
N TYR A 86 5.50 -1.80 5.67
CA TYR A 86 6.33 -2.24 4.54
C TYR A 86 5.77 -3.52 3.88
N PHE A 87 5.61 -3.44 2.56
CA PHE A 87 5.17 -4.55 1.70
C PHE A 87 6.25 -4.82 0.63
N THR A 88 6.27 -6.03 0.07
CA THR A 88 7.17 -6.38 -1.06
C THR A 88 6.50 -7.40 -1.99
N VAL A 89 6.19 -6.98 -3.22
CA VAL A 89 5.62 -7.85 -4.26
C VAL A 89 6.77 -8.53 -5.05
N THR A 90 6.75 -9.87 -5.09
CA THR A 90 7.80 -10.69 -5.74
C THR A 90 7.16 -11.64 -6.78
N ILE A 91 7.61 -11.54 -8.04
CA ILE A 91 7.06 -12.31 -9.17
C ILE A 91 8.12 -13.27 -9.77
N HIS A 2 0.64 16.84 20.22
CA HIS A 2 1.23 15.90 19.23
C HIS A 2 1.08 14.43 19.68
N MET A 3 0.54 13.59 18.78
CA MET A 3 0.45 12.12 18.97
C MET A 3 0.72 11.41 17.61
N PRO A 4 1.77 10.53 17.50
CA PRO A 4 2.10 9.87 16.22
C PRO A 4 1.06 8.77 15.80
N VAL A 5 0.25 9.07 14.77
CA VAL A 5 -0.75 8.13 14.22
C VAL A 5 -0.06 6.87 13.62
N HIS A 6 -0.35 5.70 14.20
CA HIS A 6 0.32 4.43 13.86
C HIS A 6 -0.61 3.44 13.13
N ILE A 7 0.02 2.56 12.35
CA ILE A 7 -0.64 1.55 11.53
C ILE A 7 -0.92 0.30 12.36
N VAL A 8 -2.20 0.08 12.68
CA VAL A 8 -2.66 -1.03 13.54
C VAL A 8 -2.81 -2.36 12.75
N ASP A 9 -3.00 -2.24 11.41
CA ASP A 9 -3.20 -3.39 10.50
C ASP A 9 -2.68 -3.04 9.08
N PRO A 10 -1.89 -3.93 8.38
CA PRO A 10 -1.36 -5.21 8.92
C PRO A 10 -0.14 -5.00 9.85
N ARG A 11 0.28 -3.71 9.99
CA ARG A 11 1.32 -3.22 10.89
C ARG A 11 2.75 -3.60 10.41
N GLU A 12 3.07 -4.89 10.49
CA GLU A 12 4.42 -5.45 10.22
C GLU A 12 4.79 -5.46 8.70
N HIS A 13 6.02 -5.94 8.42
CA HIS A 13 6.52 -6.13 7.06
C HIS A 13 5.88 -7.41 6.43
N VAL A 14 4.98 -7.22 5.46
CA VAL A 14 4.26 -8.32 4.76
C VAL A 14 4.91 -8.62 3.38
N PHE A 15 4.97 -9.92 3.02
CA PHE A 15 5.41 -10.38 1.67
C PHE A 15 4.18 -10.76 0.83
N VAL A 16 4.19 -10.38 -0.46
CA VAL A 16 3.13 -10.74 -1.43
C VAL A 16 3.79 -11.31 -2.72
N HIS A 17 3.42 -12.55 -3.09
CA HIS A 17 3.85 -13.14 -4.38
C HIS A 17 2.83 -12.78 -5.49
N ALA A 18 3.22 -11.83 -6.35
CA ALA A 18 2.40 -11.34 -7.46
C ALA A 18 2.56 -12.17 -8.75
N ILE A 19 1.52 -12.11 -9.61
CA ILE A 19 1.54 -12.62 -10.99
C ILE A 19 1.04 -11.47 -11.93
N THR A 20 1.64 -11.39 -13.14
CA THR A 20 1.28 -10.35 -14.15
C THR A 20 -0.22 -10.34 -14.50
N SER A 21 -0.82 -11.53 -14.63
CA SER A 21 -2.26 -11.69 -15.01
C SER A 21 -3.23 -11.50 -13.80
N GLU A 22 -2.68 -11.35 -12.57
CA GLU A 22 -3.50 -11.25 -11.34
C GLU A 22 -3.44 -9.84 -10.74
N CYS A 23 -4.50 -9.48 -9.98
CA CYS A 23 -4.62 -8.17 -9.31
C CYS A 23 -4.12 -8.25 -7.85
N VAL A 24 -3.14 -7.38 -7.50
CA VAL A 24 -2.55 -7.33 -6.14
C VAL A 24 -3.20 -6.22 -5.29
N MET A 25 -3.86 -6.62 -4.20
CA MET A 25 -4.54 -5.70 -3.26
C MET A 25 -3.74 -5.60 -1.94
N LEU A 26 -2.89 -4.57 -1.83
CA LEU A 26 -2.13 -4.26 -0.59
C LEU A 26 -3.02 -3.46 0.38
N ALA A 27 -3.34 -4.01 1.56
CA ALA A 27 -4.21 -3.33 2.55
C ALA A 27 -3.39 -2.57 3.61
N CYS A 28 -3.92 -1.42 4.07
CA CYS A 28 -3.37 -0.66 5.21
C CYS A 28 -4.51 -0.04 6.03
N GLU A 29 -4.34 0.00 7.36
CA GLU A 29 -5.30 0.57 8.32
C GLU A 29 -4.56 1.20 9.51
N VAL A 30 -4.91 2.44 9.83
CA VAL A 30 -4.38 3.17 11.01
C VAL A 30 -5.48 3.36 12.08
N ASP A 31 -5.10 3.92 13.24
CA ASP A 31 -6.04 4.18 14.36
C ASP A 31 -7.01 5.36 14.08
N ARG A 32 -6.71 6.18 13.05
CA ARG A 32 -7.52 7.36 12.65
C ARG A 32 -8.00 7.27 11.19
N GLU A 33 -9.33 7.26 10.97
CA GLU A 33 -9.93 7.43 9.61
C GLU A 33 -9.44 8.74 8.95
N ASP A 34 -9.29 9.78 9.81
CA ASP A 34 -8.79 11.11 9.46
C ASP A 34 -7.42 11.09 8.71
N ALA A 35 -6.60 10.04 8.95
CA ALA A 35 -5.26 9.90 8.34
C ALA A 35 -5.29 8.96 7.09
N PRO A 36 -5.17 9.52 5.83
CA PRO A 36 -4.95 8.73 4.61
C PRO A 36 -3.44 8.46 4.39
N VAL A 37 -3.02 7.18 4.38
CA VAL A 37 -1.58 6.80 4.36
C VAL A 37 -0.91 7.13 3.00
N ARG A 38 0.41 7.33 3.05
CA ARG A 38 1.21 7.74 1.87
C ARG A 38 1.80 6.49 1.20
N TRP A 39 1.28 6.16 0.01
CA TRP A 39 1.74 4.99 -0.75
C TRP A 39 2.97 5.36 -1.60
N TYR A 40 4.08 4.65 -1.38
CA TYR A 40 5.35 4.86 -2.12
C TYR A 40 5.76 3.59 -2.88
N LYS A 41 6.23 3.81 -4.11
CA LYS A 41 6.95 2.82 -4.91
C LYS A 41 8.48 3.03 -4.68
N ASP A 42 9.32 2.13 -5.19
CA ASP A 42 10.79 2.32 -5.16
C ASP A 42 11.20 3.63 -5.91
N GLY A 43 11.62 4.65 -5.15
CA GLY A 43 12.11 5.93 -5.71
C GLY A 43 11.03 7.02 -5.82
N GLN A 44 9.85 6.64 -6.30
CA GLN A 44 8.72 7.58 -6.58
C GLN A 44 7.48 7.17 -5.77
N GLU A 45 6.53 8.10 -5.55
CA GLU A 45 5.27 7.75 -4.86
C GLU A 45 4.25 7.12 -5.83
N VAL A 46 3.35 6.28 -5.28
CA VAL A 46 2.29 5.63 -6.05
C VAL A 46 1.19 6.64 -6.44
N GLU A 47 1.16 6.99 -7.73
CA GLU A 47 0.13 7.86 -8.32
C GLU A 47 -0.93 7.01 -9.04
N GLU A 48 -2.21 7.42 -8.94
CA GLU A 48 -3.33 6.72 -9.60
C GLU A 48 -3.32 6.98 -11.13
N SER A 49 -3.72 5.95 -11.88
CA SER A 49 -3.65 5.92 -13.36
C SER A 49 -4.62 4.83 -13.90
N ASP A 50 -4.47 4.47 -15.19
CA ASP A 50 -5.19 3.33 -15.79
C ASP A 50 -4.72 1.98 -15.18
N PHE A 51 -3.41 1.88 -14.94
CA PHE A 51 -2.76 0.66 -14.40
C PHE A 51 -2.71 0.64 -12.85
N VAL A 52 -3.11 1.76 -12.18
CA VAL A 52 -3.04 1.88 -10.71
C VAL A 52 -4.36 2.49 -10.15
N VAL A 53 -5.03 1.80 -9.21
CA VAL A 53 -6.24 2.33 -8.53
C VAL A 53 -6.15 2.11 -7.00
N LEU A 54 -6.33 3.17 -6.21
CA LEU A 54 -6.36 3.09 -4.73
C LEU A 54 -7.80 2.84 -4.24
N GLU A 55 -7.98 1.84 -3.36
CA GLU A 55 -9.31 1.48 -2.81
C GLU A 55 -9.47 2.15 -1.41
N ASN A 56 -10.71 2.48 -1.02
CA ASN A 56 -11.00 3.27 0.21
C ASN A 56 -12.16 2.66 1.03
N GLU A 57 -11.98 2.58 2.37
CA GLU A 57 -13.03 2.16 3.32
C GLU A 57 -12.68 2.59 4.76
N GLY A 58 -12.98 3.86 5.08
CA GLY A 58 -12.71 4.45 6.41
C GLY A 58 -11.21 4.56 6.73
N PRO A 59 -10.72 3.95 7.87
CA PRO A 59 -9.26 3.90 8.18
C PRO A 59 -8.44 3.06 7.18
N HIS A 60 -9.14 2.22 6.39
CA HIS A 60 -8.52 1.32 5.40
C HIS A 60 -8.23 2.06 4.07
N ARG A 61 -6.94 2.15 3.72
CA ARG A 61 -6.47 2.61 2.41
C ARG A 61 -5.73 1.42 1.73
N ARG A 62 -6.16 1.06 0.50
CA ARG A 62 -5.58 -0.08 -0.24
C ARG A 62 -4.94 0.38 -1.58
N LEU A 63 -3.98 -0.42 -2.06
CA LEU A 63 -3.39 -0.30 -3.40
C LEU A 63 -3.81 -1.53 -4.23
N VAL A 64 -4.63 -1.31 -5.27
CA VAL A 64 -5.04 -2.38 -6.19
C VAL A 64 -4.35 -2.18 -7.55
N LEU A 65 -3.41 -3.10 -7.89
CA LEU A 65 -2.71 -3.12 -9.19
C LEU A 65 -3.38 -4.21 -10.09
N PRO A 66 -4.27 -3.81 -11.08
CA PRO A 66 -4.99 -4.78 -11.97
C PRO A 66 -4.04 -5.77 -12.70
N ALA A 67 -3.28 -5.29 -13.70
CA ALA A 67 -2.25 -6.12 -14.38
C ALA A 67 -0.88 -5.82 -13.75
N THR A 68 -0.52 -6.58 -12.70
CA THR A 68 0.72 -6.32 -11.91
C THR A 68 2.00 -6.52 -12.74
N GLN A 69 2.57 -5.40 -13.20
CA GLN A 69 3.71 -5.35 -14.14
C GLN A 69 5.02 -5.86 -13.46
N PRO A 70 5.98 -6.47 -14.24
CA PRO A 70 7.34 -6.83 -13.72
C PRO A 70 8.07 -5.65 -13.00
N SER A 71 7.85 -4.42 -13.52
CA SER A 71 8.35 -3.16 -12.92
C SER A 71 7.73 -2.86 -11.53
N ASP A 72 6.50 -3.36 -11.28
CA ASP A 72 5.81 -3.24 -9.96
C ASP A 72 6.31 -4.29 -8.93
N GLY A 73 7.32 -5.09 -9.32
CA GLY A 73 8.02 -5.98 -8.38
C GLY A 73 9.08 -5.24 -7.59
N GLY A 74 9.03 -5.37 -6.25
CA GLY A 74 10.00 -4.73 -5.36
C GLY A 74 9.40 -4.41 -4.00
N GLU A 75 9.40 -3.12 -3.60
CA GLU A 75 8.95 -2.69 -2.25
C GLU A 75 7.94 -1.52 -2.33
N PHE A 76 6.89 -1.57 -1.48
CA PHE A 76 5.85 -0.53 -1.36
C PHE A 76 5.74 -0.06 0.12
N GLN A 77 5.60 1.26 0.33
CA GLN A 77 5.51 1.86 1.69
C GLN A 77 4.11 2.44 1.95
N CYS A 78 3.71 2.48 3.24
CA CYS A 78 2.52 3.22 3.71
C CYS A 78 2.92 4.11 4.91
N VAL A 79 3.18 5.41 4.68
CA VAL A 79 3.62 6.32 5.76
C VAL A 79 2.39 7.07 6.36
N ALA A 80 2.18 6.91 7.69
CA ALA A 80 1.04 7.53 8.41
C ALA A 80 1.53 8.67 9.32
N GLY A 81 2.24 8.31 10.39
CA GLY A 81 2.78 9.29 11.35
C GLY A 81 3.85 8.65 12.24
N ASP A 82 5.13 8.88 11.88
CA ASP A 82 6.31 8.28 12.56
C ASP A 82 6.35 6.73 12.44
N GLU A 83 5.62 6.19 11.44
CA GLU A 83 5.53 4.73 11.20
C GLU A 83 5.12 4.42 9.75
N CYS A 84 5.70 3.34 9.19
CA CYS A 84 5.42 2.88 7.82
C CYS A 84 5.23 1.35 7.74
N ALA A 85 4.25 0.90 6.92
CA ALA A 85 4.02 -0.53 6.62
C ALA A 85 4.75 -0.90 5.31
N TYR A 86 5.46 -2.03 5.31
CA TYR A 86 6.37 -2.42 4.18
C TYR A 86 5.85 -3.69 3.47
N PHE A 87 5.69 -3.62 2.13
CA PHE A 87 5.18 -4.74 1.31
C PHE A 87 6.22 -5.16 0.24
N THR A 88 6.81 -6.36 0.39
CA THR A 88 7.76 -6.92 -0.60
C THR A 88 7.02 -7.80 -1.62
N VAL A 89 6.82 -7.24 -2.81
CA VAL A 89 6.12 -7.87 -3.93
C VAL A 89 7.14 -8.56 -4.89
N THR A 90 6.93 -9.86 -5.18
CA THR A 90 7.75 -10.64 -6.14
C THR A 90 6.86 -11.19 -7.27
N ILE A 91 7.16 -10.79 -8.53
CA ILE A 91 6.36 -11.15 -9.72
C ILE A 91 6.58 -12.63 -10.12
N HIS A 2 -6.27 16.20 19.92
CA HIS A 2 -5.37 15.67 18.86
C HIS A 2 -4.47 14.53 19.41
N MET A 3 -4.24 13.48 18.59
CA MET A 3 -3.39 12.34 18.97
C MET A 3 -2.63 11.79 17.72
N PRO A 4 -1.41 11.20 17.90
CA PRO A 4 -0.55 10.72 16.77
C PRO A 4 -1.18 9.56 15.94
N VAL A 5 -1.06 9.63 14.59
CA VAL A 5 -1.64 8.62 13.67
C VAL A 5 -0.76 7.34 13.56
N HIS A 6 -1.30 6.24 14.08
CA HIS A 6 -0.64 4.92 14.07
C HIS A 6 -1.34 3.93 13.09
N ILE A 7 -0.65 2.83 12.76
CA ILE A 7 -1.18 1.77 11.87
C ILE A 7 -1.51 0.50 12.71
N VAL A 8 -2.79 0.08 12.72
CA VAL A 8 -3.22 -1.14 13.44
C VAL A 8 -2.93 -2.44 12.65
N ASP A 9 -2.86 -2.33 11.31
CA ASP A 9 -2.54 -3.49 10.43
C ASP A 9 -2.02 -2.99 9.06
N PRO A 10 -0.88 -3.52 8.49
CA PRO A 10 -0.03 -4.55 9.13
C PRO A 10 1.00 -3.97 10.13
N ARG A 11 1.56 -4.86 10.96
CA ARG A 11 2.60 -4.53 11.95
C ARG A 11 4.00 -4.98 11.47
N GLU A 12 4.11 -5.32 10.17
CA GLU A 12 5.28 -6.05 9.63
C GLU A 12 5.60 -5.67 8.16
N HIS A 13 6.64 -6.37 7.63
CA HIS A 13 7.04 -6.34 6.22
C HIS A 13 6.40 -7.54 5.47
N VAL A 14 5.31 -7.26 4.74
CA VAL A 14 4.47 -8.29 4.08
C VAL A 14 5.01 -8.63 2.66
N PHE A 15 5.52 -9.85 2.50
CA PHE A 15 5.99 -10.38 1.19
C PHE A 15 4.79 -10.93 0.36
N VAL A 16 4.53 -10.29 -0.80
CA VAL A 16 3.43 -10.64 -1.72
C VAL A 16 3.98 -11.30 -3.02
N HIS A 17 3.25 -12.28 -3.58
CA HIS A 17 3.63 -12.96 -4.84
C HIS A 17 2.60 -12.64 -5.96
N ALA A 18 3.08 -12.19 -7.13
CA ALA A 18 2.21 -11.83 -8.28
C ALA A 18 2.84 -12.24 -9.62
N ILE A 19 2.27 -13.23 -10.31
CA ILE A 19 2.75 -13.70 -11.63
C ILE A 19 2.07 -12.86 -12.75
N THR A 20 2.54 -11.59 -12.88
CA THR A 20 2.14 -10.60 -13.93
C THR A 20 0.60 -10.33 -13.99
N SER A 21 -0.17 -11.29 -14.54
CA SER A 21 -1.65 -11.21 -14.69
C SER A 21 -2.40 -11.15 -13.33
N GLU A 22 -1.70 -11.50 -12.23
CA GLU A 22 -2.29 -11.61 -10.89
C GLU A 22 -2.72 -10.25 -10.29
N CYS A 23 -3.97 -10.18 -9.81
CA CYS A 23 -4.53 -9.02 -9.10
C CYS A 23 -4.09 -9.03 -7.62
N VAL A 24 -3.48 -7.91 -7.16
CA VAL A 24 -2.96 -7.75 -5.78
C VAL A 24 -3.59 -6.52 -5.09
N MET A 25 -3.98 -6.67 -3.81
CA MET A 25 -4.52 -5.55 -3.00
C MET A 25 -3.74 -5.45 -1.65
N LEU A 26 -2.85 -4.45 -1.58
CA LEU A 26 -2.01 -4.17 -0.39
C LEU A 26 -2.84 -3.42 0.69
N ALA A 27 -3.27 -4.13 1.74
CA ALA A 27 -4.14 -3.56 2.79
C ALA A 27 -3.32 -2.89 3.92
N CYS A 28 -3.64 -1.62 4.22
CA CYS A 28 -3.14 -0.89 5.41
C CYS A 28 -4.31 -0.17 6.13
N GLU A 29 -4.67 -0.60 7.32
CA GLU A 29 -5.72 0.04 8.15
C GLU A 29 -5.09 0.88 9.28
N VAL A 30 -5.54 2.14 9.37
CA VAL A 30 -5.04 3.12 10.35
C VAL A 30 -5.92 3.16 11.62
N ASP A 31 -5.28 3.41 12.77
CA ASP A 31 -5.98 3.64 14.06
C ASP A 31 -6.78 4.96 14.01
N ARG A 32 -6.11 6.04 13.54
CA ARG A 32 -6.70 7.38 13.38
C ARG A 32 -7.37 7.44 11.98
N GLU A 33 -8.70 7.19 11.95
CA GLU A 33 -9.52 7.14 10.70
C GLU A 33 -9.32 8.37 9.79
N ASP A 34 -9.49 9.57 10.37
CA ASP A 34 -9.51 10.86 9.62
C ASP A 34 -8.15 11.24 9.00
N ALA A 35 -7.07 10.50 9.34
CA ALA A 35 -5.72 10.73 8.77
C ALA A 35 -5.45 9.74 7.60
N PRO A 36 -4.97 10.24 6.41
CA PRO A 36 -4.70 9.38 5.22
C PRO A 36 -3.31 8.67 5.26
N VAL A 37 -3.03 7.88 4.21
CA VAL A 37 -1.71 7.21 4.02
C VAL A 37 -0.94 7.77 2.80
N ARG A 38 0.34 7.41 2.73
CA ARG A 38 1.29 7.84 1.69
C ARG A 38 2.04 6.61 1.13
N TRP A 39 1.68 6.16 -0.08
CA TRP A 39 2.31 4.98 -0.72
C TRP A 39 3.57 5.44 -1.48
N TYR A 40 4.65 4.64 -1.44
CA TYR A 40 5.97 4.98 -2.06
C TYR A 40 6.53 3.79 -2.86
N LYS A 41 7.37 4.10 -3.88
CA LYS A 41 7.98 3.10 -4.77
C LYS A 41 9.07 3.74 -5.66
N ASP A 42 10.31 3.20 -5.55
CA ASP A 42 11.47 3.51 -6.44
C ASP A 42 11.76 5.04 -6.56
N GLY A 43 12.09 5.66 -5.41
CA GLY A 43 12.42 7.10 -5.35
C GLY A 43 11.20 8.05 -5.33
N GLN A 44 10.08 7.62 -5.92
CA GLN A 44 8.82 8.42 -6.02
C GLN A 44 7.77 7.91 -5.02
N GLU A 45 6.57 8.53 -5.06
CA GLU A 45 5.39 7.99 -4.35
C GLU A 45 4.34 7.48 -5.36
N VAL A 46 3.57 6.46 -4.95
CA VAL A 46 2.59 5.80 -5.83
C VAL A 46 1.31 6.67 -5.96
N GLU A 47 1.04 7.09 -7.20
CA GLU A 47 -0.22 7.75 -7.60
C GLU A 47 -1.01 6.83 -8.57
N GLU A 48 -2.26 7.18 -8.86
CA GLU A 48 -3.09 6.39 -9.80
C GLU A 48 -2.61 6.56 -11.26
N SER A 49 -2.25 5.43 -11.91
CA SER A 49 -1.62 5.40 -13.25
C SER A 49 -2.10 4.15 -14.06
N ASP A 50 -1.29 3.69 -15.05
CA ASP A 50 -1.58 2.50 -15.88
C ASP A 50 -1.83 1.23 -15.01
N PHE A 51 -3.12 0.88 -14.85
CA PHE A 51 -3.59 -0.29 -14.05
C PHE A 51 -3.29 -0.15 -12.54
N VAL A 52 -2.92 1.06 -12.10
CA VAL A 52 -2.64 1.39 -10.69
C VAL A 52 -3.76 2.31 -10.15
N VAL A 53 -4.47 1.87 -9.10
CA VAL A 53 -5.52 2.68 -8.42
C VAL A 53 -5.40 2.58 -6.89
N LEU A 54 -5.69 3.69 -6.20
CA LEU A 54 -5.65 3.77 -4.72
C LEU A 54 -7.08 3.90 -4.17
N GLU A 55 -7.70 2.76 -3.83
CA GLU A 55 -9.10 2.70 -3.32
C GLU A 55 -9.10 2.61 -1.78
N ASN A 56 -9.57 3.69 -1.11
CA ASN A 56 -9.48 3.85 0.35
C ASN A 56 -10.84 4.34 0.90
N GLU A 57 -11.41 3.64 1.89
CA GLU A 57 -12.70 4.05 2.53
C GLU A 57 -12.67 3.81 4.06
N GLY A 58 -13.10 4.84 4.84
CA GLY A 58 -13.03 4.82 6.31
C GLY A 58 -11.59 4.78 6.85
N PRO A 59 -11.30 3.95 7.91
CA PRO A 59 -9.90 3.67 8.35
C PRO A 59 -9.17 2.69 7.40
N HIS A 60 -9.93 1.99 6.54
CA HIS A 60 -9.41 0.92 5.66
C HIS A 60 -8.80 1.55 4.38
N ARG A 61 -7.47 1.65 4.36
CA ARG A 61 -6.71 2.15 3.19
C ARG A 61 -6.14 0.93 2.42
N ARG A 62 -6.08 0.98 1.08
CA ARG A 62 -5.45 -0.11 0.27
C ARG A 62 -5.07 0.31 -1.17
N LEU A 63 -3.93 -0.23 -1.62
CA LEU A 63 -3.41 -0.09 -2.99
C LEU A 63 -3.89 -1.30 -3.84
N VAL A 64 -4.63 -1.02 -4.92
CA VAL A 64 -5.21 -2.08 -5.78
C VAL A 64 -4.47 -2.13 -7.14
N LEU A 65 -4.13 -3.35 -7.58
CA LEU A 65 -3.40 -3.59 -8.85
C LEU A 65 -4.10 -4.77 -9.61
N PRO A 66 -5.09 -4.48 -10.52
CA PRO A 66 -5.83 -5.53 -11.30
C PRO A 66 -4.91 -6.50 -12.10
N ALA A 67 -3.77 -5.99 -12.58
CA ALA A 67 -2.72 -6.81 -13.24
C ALA A 67 -1.33 -6.28 -12.84
N THR A 68 -0.70 -6.93 -11.86
CA THR A 68 0.57 -6.44 -11.27
C THR A 68 1.78 -6.70 -12.22
N GLN A 69 2.06 -5.69 -13.07
CA GLN A 69 3.16 -5.71 -14.06
C GLN A 69 4.55 -5.87 -13.37
N PRO A 70 5.55 -6.59 -14.00
CA PRO A 70 6.96 -6.67 -13.50
C PRO A 70 7.54 -5.31 -13.02
N SER A 71 7.33 -4.27 -13.84
CA SER A 71 7.76 -2.88 -13.51
C SER A 71 6.95 -2.26 -12.34
N ASP A 72 5.68 -2.68 -12.19
CA ASP A 72 4.78 -2.20 -11.08
C ASP A 72 4.84 -3.13 -9.85
N GLY A 73 5.79 -4.07 -9.83
CA GLY A 73 6.09 -4.88 -8.63
C GLY A 73 7.39 -4.45 -7.95
N GLY A 74 7.89 -5.30 -7.04
CA GLY A 74 9.18 -5.09 -6.36
C GLY A 74 9.05 -4.54 -4.93
N GLU A 75 8.83 -3.22 -4.81
CA GLU A 75 8.83 -2.51 -3.49
C GLU A 75 7.62 -1.54 -3.32
N PHE A 76 7.02 -1.54 -2.11
CA PHE A 76 5.96 -0.58 -1.71
C PHE A 76 6.13 -0.20 -0.21
N GLN A 77 5.89 1.08 0.12
CA GLN A 77 6.09 1.63 1.49
C GLN A 77 4.97 2.64 1.82
N CYS A 78 4.23 2.43 2.93
CA CYS A 78 2.97 3.18 3.23
C CYS A 78 3.04 3.96 4.57
N VAL A 79 3.36 5.27 4.50
CA VAL A 79 3.42 6.16 5.69
C VAL A 79 2.02 6.73 6.05
N ALA A 80 1.48 6.35 7.21
CA ALA A 80 0.26 6.99 7.77
C ALA A 80 0.60 8.37 8.39
N GLY A 81 1.80 8.46 8.98
CA GLY A 81 2.31 9.68 9.60
C GLY A 81 3.42 9.38 10.60
N ASP A 82 3.06 8.69 11.70
CA ASP A 82 4.02 8.17 12.70
C ASP A 82 4.67 6.86 12.19
N GLU A 83 3.84 5.86 11.92
CA GLU A 83 4.31 4.51 11.50
C GLU A 83 4.19 4.31 9.97
N CYS A 84 4.86 3.24 9.48
CA CYS A 84 4.97 2.93 8.04
C CYS A 84 4.88 1.41 7.77
N ALA A 85 4.00 1.02 6.83
CA ALA A 85 3.76 -0.39 6.46
C ALA A 85 4.61 -0.80 5.23
N TYR A 86 5.36 -1.90 5.35
CA TYR A 86 6.30 -2.36 4.28
C TYR A 86 5.70 -3.53 3.47
N PHE A 87 5.93 -3.50 2.14
CA PHE A 87 5.50 -4.57 1.20
C PHE A 87 6.61 -4.86 0.17
N THR A 88 6.80 -6.15 -0.19
CA THR A 88 7.75 -6.58 -1.24
C THR A 88 7.07 -7.60 -2.17
N VAL A 89 6.71 -7.18 -3.40
CA VAL A 89 5.97 -8.01 -4.35
C VAL A 89 6.92 -8.70 -5.37
N THR A 90 7.20 -10.00 -5.17
CA THR A 90 8.00 -10.81 -6.12
C THR A 90 7.15 -11.20 -7.34
N ILE A 91 7.53 -10.69 -8.54
CA ILE A 91 6.82 -10.99 -9.81
C ILE A 91 7.34 -12.30 -10.43
N HIS A 2 -4.29 17.19 19.24
CA HIS A 2 -4.45 15.95 18.44
C HIS A 2 -3.31 14.95 18.75
N MET A 3 -3.66 13.76 19.28
CA MET A 3 -2.68 12.69 19.62
C MET A 3 -2.24 11.88 18.35
N PRO A 4 -0.95 11.36 18.32
CA PRO A 4 -0.37 10.63 17.14
C PRO A 4 -1.24 9.46 16.57
N VAL A 5 -1.21 9.30 15.24
CA VAL A 5 -1.85 8.18 14.51
C VAL A 5 -0.84 7.02 14.28
N HIS A 6 -1.35 5.79 14.27
CA HIS A 6 -0.54 4.56 14.14
C HIS A 6 -1.05 3.67 12.98
N ILE A 7 -0.40 2.53 12.74
CA ILE A 7 -0.87 1.50 11.78
C ILE A 7 -1.20 0.20 12.54
N VAL A 8 -2.49 -0.17 12.55
CA VAL A 8 -2.98 -1.40 13.22
C VAL A 8 -2.70 -2.68 12.36
N ASP A 9 -2.78 -2.54 11.02
CA ASP A 9 -2.50 -3.64 10.06
C ASP A 9 -2.11 -3.05 8.67
N PRO A 10 -1.01 -3.51 8.00
CA PRO A 10 -0.06 -4.52 8.53
C PRO A 10 0.87 -3.94 9.62
N ARG A 11 0.92 -4.67 10.74
CA ARG A 11 1.68 -4.30 11.94
C ARG A 11 3.21 -4.55 11.78
N GLU A 12 3.58 -5.20 10.66
CA GLU A 12 4.94 -5.70 10.39
C GLU A 12 5.26 -5.68 8.88
N HIS A 13 6.44 -6.22 8.51
CA HIS A 13 6.84 -6.39 7.10
C HIS A 13 6.06 -7.57 6.45
N VAL A 14 5.47 -7.32 5.28
CA VAL A 14 4.74 -8.33 4.48
C VAL A 14 5.53 -8.68 3.18
N PHE A 15 5.51 -9.96 2.79
CA PHE A 15 6.03 -10.43 1.47
C PHE A 15 4.86 -10.93 0.60
N VAL A 16 4.79 -10.46 -0.66
CA VAL A 16 3.74 -10.86 -1.62
C VAL A 16 4.38 -11.44 -2.91
N HIS A 17 4.22 -12.76 -3.15
CA HIS A 17 4.67 -13.39 -4.41
C HIS A 17 3.56 -13.26 -5.48
N ALA A 18 3.79 -12.39 -6.48
CA ALA A 18 2.81 -12.12 -7.55
C ALA A 18 3.12 -12.90 -8.85
N ILE A 19 2.14 -12.90 -9.76
CA ILE A 19 2.25 -13.45 -11.13
C ILE A 19 2.30 -12.29 -12.16
N THR A 20 2.99 -12.49 -13.31
CA THR A 20 3.04 -11.49 -14.40
C THR A 20 1.61 -11.16 -14.92
N SER A 21 1.20 -9.89 -14.71
CA SER A 21 -0.13 -9.34 -15.11
C SER A 21 -1.31 -9.90 -14.25
N GLU A 22 -1.01 -10.24 -12.97
CA GLU A 22 -2.02 -10.72 -11.99
C GLU A 22 -2.84 -9.53 -11.40
N CYS A 23 -3.98 -9.84 -10.78
CA CYS A 23 -4.72 -8.89 -9.92
C CYS A 23 -4.30 -9.06 -8.44
N VAL A 24 -3.54 -8.10 -7.90
CA VAL A 24 -3.04 -8.11 -6.49
C VAL A 24 -3.68 -6.97 -5.66
N MET A 25 -4.07 -7.25 -4.40
CA MET A 25 -4.60 -6.21 -3.46
C MET A 25 -3.75 -6.16 -2.17
N LEU A 26 -3.00 -5.06 -1.99
CA LEU A 26 -2.20 -4.80 -0.76
C LEU A 26 -3.07 -4.12 0.31
N ALA A 27 -3.53 -4.90 1.31
CA ALA A 27 -4.49 -4.40 2.33
C ALA A 27 -3.78 -3.69 3.51
N CYS A 28 -4.01 -2.37 3.63
CA CYS A 28 -3.55 -1.55 4.77
C CYS A 28 -4.72 -0.76 5.38
N GLU A 29 -4.73 -0.65 6.71
CA GLU A 29 -5.76 0.08 7.48
C GLU A 29 -5.09 0.84 8.67
N VAL A 30 -5.53 2.10 8.87
CA VAL A 30 -4.92 3.03 9.86
C VAL A 30 -5.71 3.08 11.19
N ASP A 31 -5.03 3.59 12.22
CA ASP A 31 -5.57 3.73 13.60
C ASP A 31 -6.65 4.84 13.72
N ARG A 32 -6.56 5.91 12.87
CA ARG A 32 -7.52 7.05 12.90
C ARG A 32 -8.05 7.38 11.47
N GLU A 33 -9.38 7.59 11.34
CA GLU A 33 -10.03 8.03 10.06
C GLU A 33 -9.49 9.40 9.62
N ASP A 34 -9.14 10.23 10.63
CA ASP A 34 -8.57 11.58 10.47
C ASP A 34 -7.28 11.58 9.58
N ALA A 35 -6.50 10.49 9.64
CA ALA A 35 -5.24 10.35 8.88
C ALA A 35 -5.41 9.52 7.59
N PRO A 36 -4.73 9.90 6.47
CA PRO A 36 -4.69 9.11 5.22
C PRO A 36 -3.47 8.15 5.17
N VAL A 37 -2.99 7.84 3.95
CA VAL A 37 -1.72 7.07 3.72
C VAL A 37 -0.92 7.67 2.54
N ARG A 38 0.36 7.28 2.48
CA ARG A 38 1.25 7.59 1.34
C ARG A 38 1.83 6.27 0.79
N TRP A 39 1.27 5.79 -0.33
CA TRP A 39 1.75 4.57 -1.00
C TRP A 39 2.87 4.91 -2.01
N TYR A 40 3.95 4.11 -2.02
CA TYR A 40 5.09 4.29 -2.93
C TYR A 40 5.27 3.02 -3.81
N LYS A 41 5.32 3.19 -5.14
CA LYS A 41 5.56 2.08 -6.10
C LYS A 41 7.06 2.11 -6.47
N ASP A 42 7.87 1.24 -5.82
CA ASP A 42 9.36 1.22 -5.98
C ASP A 42 10.01 2.54 -5.44
N GLY A 43 9.28 3.26 -4.56
CA GLY A 43 9.71 4.58 -4.05
C GLY A 43 9.34 5.78 -4.96
N GLN A 44 8.67 5.49 -6.09
CA GLN A 44 8.25 6.50 -7.11
C GLN A 44 7.20 7.52 -6.57
N GLU A 45 6.42 7.10 -5.53
CA GLU A 45 5.15 7.76 -5.08
C GLU A 45 4.00 7.42 -6.06
N VAL A 46 2.93 6.82 -5.53
CA VAL A 46 1.76 6.44 -6.33
C VAL A 46 0.90 7.67 -6.66
N GLU A 47 1.03 8.16 -7.90
CA GLU A 47 0.11 9.15 -8.50
C GLU A 47 -0.82 8.39 -9.47
N GLU A 48 -1.32 7.25 -8.93
CA GLU A 48 -2.11 6.23 -9.66
C GLU A 48 -1.38 5.66 -10.91
N SER A 49 -0.03 5.75 -10.90
CA SER A 49 0.84 5.28 -12.02
C SER A 49 0.81 3.74 -12.15
N ASP A 50 0.86 3.23 -13.41
CA ASP A 50 0.86 1.77 -13.73
C ASP A 50 -0.41 1.03 -13.21
N PHE A 51 -1.58 1.71 -13.34
CA PHE A 51 -2.92 1.18 -12.93
C PHE A 51 -3.10 1.07 -11.38
N VAL A 52 -2.10 1.51 -10.59
CA VAL A 52 -2.13 1.37 -9.11
C VAL A 52 -3.20 2.32 -8.48
N VAL A 53 -4.41 1.79 -8.24
CA VAL A 53 -5.54 2.58 -7.69
C VAL A 53 -5.68 2.38 -6.16
N LEU A 54 -5.80 3.49 -5.42
CA LEU A 54 -5.83 3.48 -3.94
C LEU A 54 -7.27 3.69 -3.43
N GLU A 55 -7.80 2.69 -2.69
CA GLU A 55 -9.18 2.71 -2.17
C GLU A 55 -9.20 3.19 -0.69
N ASN A 56 -9.82 4.37 -0.46
CA ASN A 56 -9.86 5.03 0.86
C ASN A 56 -11.31 5.18 1.33
N GLU A 57 -11.60 4.66 2.54
CA GLU A 57 -12.94 4.69 3.15
C GLU A 57 -12.78 4.65 4.69
N GLY A 58 -12.71 5.85 5.30
CA GLY A 58 -12.51 6.01 6.76
C GLY A 58 -11.14 5.46 7.24
N PRO A 59 -11.11 4.35 8.03
CA PRO A 59 -9.84 3.71 8.46
C PRO A 59 -9.28 2.73 7.39
N HIS A 60 -10.10 2.38 6.36
CA HIS A 60 -9.69 1.44 5.28
C HIS A 60 -8.86 2.18 4.19
N ARG A 61 -7.55 1.89 4.11
CA ARG A 61 -6.59 2.64 3.28
C ARG A 61 -5.77 1.69 2.36
N ARG A 62 -6.49 0.84 1.59
CA ARG A 62 -5.88 -0.30 0.87
C ARG A 62 -5.56 -0.01 -0.62
N LEU A 63 -4.48 -0.64 -1.11
CA LEU A 63 -4.06 -0.59 -2.53
C LEU A 63 -4.71 -1.74 -3.32
N VAL A 64 -5.38 -1.41 -4.45
CA VAL A 64 -5.87 -2.40 -5.43
C VAL A 64 -5.06 -2.25 -6.75
N LEU A 65 -4.69 -3.39 -7.36
CA LEU A 65 -3.88 -3.45 -8.59
C LEU A 65 -4.46 -4.55 -9.54
N PRO A 66 -4.88 -4.19 -10.79
CA PRO A 66 -5.50 -5.16 -11.76
C PRO A 66 -4.51 -6.00 -12.62
N ALA A 67 -3.36 -5.39 -13.05
CA ALA A 67 -2.38 -6.05 -13.95
C ALA A 67 -0.93 -5.78 -13.46
N THR A 68 -0.33 -6.80 -12.79
CA THR A 68 0.98 -6.66 -12.09
C THR A 68 2.17 -6.45 -13.04
N GLN A 69 2.01 -6.86 -14.33
CA GLN A 69 3.07 -6.74 -15.37
C GLN A 69 4.40 -7.45 -14.91
N PRO A 70 5.61 -7.18 -15.50
CA PRO A 70 6.88 -7.32 -14.73
C PRO A 70 7.16 -6.07 -13.82
N SER A 71 6.46 -4.95 -14.11
CA SER A 71 6.68 -3.62 -13.48
C SER A 71 6.45 -3.57 -11.95
N ASP A 72 5.32 -4.11 -11.49
CA ASP A 72 4.88 -3.99 -10.06
C ASP A 72 5.54 -5.03 -9.12
N GLY A 73 6.71 -5.55 -9.51
CA GLY A 73 7.53 -6.42 -8.66
C GLY A 73 8.63 -5.65 -7.94
N GLY A 74 8.28 -5.03 -6.80
CA GLY A 74 9.27 -4.28 -6.00
C GLY A 74 8.74 -3.81 -4.63
N GLU A 75 9.40 -2.79 -4.07
CA GLU A 75 9.12 -2.26 -2.72
C GLU A 75 7.91 -1.29 -2.71
N PHE A 76 6.77 -1.73 -2.15
CA PHE A 76 5.58 -0.88 -1.93
C PHE A 76 5.51 -0.45 -0.44
N GLN A 77 5.64 0.87 -0.19
CA GLN A 77 5.69 1.42 1.18
C GLN A 77 4.46 2.30 1.48
N CYS A 78 3.79 2.04 2.62
CA CYS A 78 2.55 2.76 3.03
C CYS A 78 2.76 3.52 4.36
N VAL A 79 2.86 4.87 4.30
CA VAL A 79 3.08 5.71 5.49
C VAL A 79 1.77 6.44 5.89
N ALA A 80 1.17 6.05 7.03
CA ALA A 80 -0.07 6.66 7.56
C ALA A 80 0.16 8.12 8.03
N GLY A 81 1.20 8.28 8.86
CA GLY A 81 1.55 9.56 9.45
C GLY A 81 2.82 9.44 10.27
N ASP A 82 2.66 9.09 11.56
CA ASP A 82 3.78 8.84 12.49
C ASP A 82 4.50 7.51 12.19
N GLU A 83 3.73 6.50 11.73
CA GLU A 83 4.26 5.13 11.45
C GLU A 83 4.20 4.77 9.94
N CYS A 84 4.97 3.74 9.56
CA CYS A 84 5.12 3.28 8.15
C CYS A 84 5.22 1.73 8.07
N ALA A 85 4.51 1.14 7.10
CA ALA A 85 4.53 -0.32 6.84
C ALA A 85 5.24 -0.63 5.50
N TYR A 86 5.85 -1.82 5.37
CA TYR A 86 6.67 -2.21 4.19
C TYR A 86 6.15 -3.52 3.54
N PHE A 87 5.96 -3.48 2.20
CA PHE A 87 5.60 -4.66 1.37
C PHE A 87 6.75 -4.95 0.37
N THR A 88 7.22 -6.20 0.32
CA THR A 88 8.18 -6.67 -0.71
C THR A 88 7.44 -7.61 -1.69
N VAL A 89 7.08 -7.07 -2.87
CA VAL A 89 6.41 -7.84 -3.93
C VAL A 89 7.47 -8.42 -4.91
N THR A 90 7.52 -9.75 -5.03
CA THR A 90 8.41 -10.44 -5.99
C THR A 90 7.57 -11.31 -6.94
N ILE A 91 7.66 -11.03 -8.25
CA ILE A 91 6.91 -11.75 -9.30
C ILE A 91 7.64 -13.03 -9.74
N HIS A 2 -2.26 16.34 22.03
CA HIS A 2 -1.07 15.44 22.05
C HIS A 2 -1.47 14.03 21.54
N MET A 3 -1.86 13.94 20.25
CA MET A 3 -2.25 12.66 19.60
C MET A 3 -1.51 12.50 18.25
N PRO A 4 -0.75 11.38 18.05
CA PRO A 4 -0.24 10.97 16.72
C PRO A 4 -1.16 9.92 16.03
N VAL A 5 -0.65 9.28 14.97
CA VAL A 5 -1.33 8.14 14.30
C VAL A 5 -0.59 6.82 14.61
N HIS A 6 -1.31 5.67 14.56
CA HIS A 6 -0.72 4.33 14.76
C HIS A 6 -1.27 3.33 13.71
N ILE A 7 -0.50 2.28 13.36
CA ILE A 7 -0.95 1.18 12.45
C ILE A 7 -1.53 0.00 13.26
N VAL A 8 -2.76 -0.46 12.92
CA VAL A 8 -3.35 -1.69 13.51
C VAL A 8 -3.18 -2.93 12.59
N ASP A 9 -3.10 -2.68 11.27
CA ASP A 9 -2.92 -3.75 10.27
C ASP A 9 -2.34 -3.17 8.94
N PRO A 10 -1.25 -3.75 8.35
CA PRO A 10 -0.46 -4.84 8.96
C PRO A 10 0.63 -4.32 9.96
N ARG A 11 0.62 -4.90 11.16
CA ARG A 11 1.66 -4.66 12.19
C ARG A 11 3.00 -5.26 11.74
N GLU A 12 2.90 -6.44 11.11
CA GLU A 12 4.05 -7.21 10.57
C GLU A 12 4.61 -6.56 9.26
N HIS A 13 5.80 -7.04 8.86
CA HIS A 13 6.46 -6.62 7.60
C HIS A 13 6.14 -7.67 6.51
N VAL A 14 5.19 -7.34 5.63
CA VAL A 14 4.57 -8.32 4.71
C VAL A 14 5.39 -8.50 3.41
N PHE A 15 5.72 -9.76 3.09
CA PHE A 15 6.35 -10.16 1.82
C PHE A 15 5.30 -10.87 0.93
N VAL A 16 4.90 -10.23 -0.18
CA VAL A 16 3.86 -10.74 -1.10
C VAL A 16 4.51 -11.24 -2.42
N HIS A 17 4.17 -12.44 -2.87
CA HIS A 17 4.54 -12.92 -4.22
C HIS A 17 3.46 -12.48 -5.25
N ALA A 18 3.91 -11.88 -6.36
CA ALA A 18 3.04 -11.49 -7.48
C ALA A 18 3.43 -12.21 -8.78
N ILE A 19 2.43 -12.48 -9.62
CA ILE A 19 2.61 -13.02 -10.98
C ILE A 19 2.35 -11.90 -12.01
N THR A 20 3.07 -11.93 -13.14
CA THR A 20 2.90 -10.97 -14.25
C THR A 20 1.48 -11.09 -14.88
N SER A 21 0.82 -9.93 -15.10
CA SER A 21 -0.56 -9.83 -15.64
C SER A 21 -1.65 -10.40 -14.68
N GLU A 22 -1.30 -10.61 -13.39
CA GLU A 22 -2.24 -11.18 -12.38
C GLU A 22 -2.65 -10.07 -11.37
N CYS A 23 -3.91 -10.15 -10.87
CA CYS A 23 -4.48 -9.15 -9.95
C CYS A 23 -3.89 -9.26 -8.51
N VAL A 24 -3.31 -8.14 -8.02
CA VAL A 24 -2.72 -8.06 -6.66
C VAL A 24 -3.41 -6.95 -5.82
N MET A 25 -3.96 -7.34 -4.65
CA MET A 25 -4.59 -6.42 -3.68
C MET A 25 -3.70 -6.26 -2.43
N LEU A 26 -2.97 -5.13 -2.35
CA LEU A 26 -2.20 -4.76 -1.15
C LEU A 26 -3.07 -3.91 -0.20
N ALA A 27 -2.99 -4.14 1.12
CA ALA A 27 -3.87 -3.47 2.11
C ALA A 27 -3.09 -2.95 3.35
N CYS A 28 -3.29 -1.65 3.66
CA CYS A 28 -2.79 -1.01 4.90
C CYS A 28 -3.86 -0.11 5.52
N GLU A 29 -4.32 -0.47 6.71
CA GLU A 29 -5.39 0.25 7.43
C GLU A 29 -4.90 0.73 8.82
N VAL A 30 -5.12 2.02 9.09
CA VAL A 30 -4.63 2.71 10.31
C VAL A 30 -5.64 2.62 11.48
N ASP A 31 -5.17 3.02 12.66
CA ASP A 31 -5.97 3.13 13.90
C ASP A 31 -6.75 4.47 13.93
N ARG A 32 -6.20 5.50 13.27
CA ARG A 32 -6.72 6.88 13.32
C ARG A 32 -7.19 7.34 11.92
N GLU A 33 -8.52 7.53 11.77
CA GLU A 33 -9.17 7.92 10.51
C GLU A 33 -8.68 9.30 9.95
N ASP A 34 -8.18 10.15 10.87
CA ASP A 34 -7.62 11.50 10.53
C ASP A 34 -6.39 11.40 9.59
N ALA A 35 -5.56 10.35 9.78
CA ALA A 35 -4.30 10.16 9.05
C ALA A 35 -4.28 8.78 8.33
N PRO A 36 -4.84 8.69 7.07
CA PRO A 36 -4.75 7.46 6.23
C PRO A 36 -3.34 7.29 5.60
N VAL A 37 -3.06 6.11 5.02
CA VAL A 37 -1.70 5.78 4.50
C VAL A 37 -1.46 6.42 3.11
N ARG A 38 -0.19 6.71 2.83
CA ARG A 38 0.29 7.17 1.52
C ARG A 38 1.13 6.05 0.89
N TRP A 39 0.73 5.57 -0.29
CA TRP A 39 1.45 4.48 -0.97
C TRP A 39 2.64 5.05 -1.78
N TYR A 40 3.82 4.40 -1.67
CA TYR A 40 5.03 4.78 -2.44
C TYR A 40 5.64 3.52 -3.11
N LYS A 41 5.87 3.59 -4.43
CA LYS A 41 6.46 2.49 -5.22
C LYS A 41 7.93 2.86 -5.58
N ASP A 42 8.91 2.22 -4.89
CA ASP A 42 10.37 2.41 -5.11
C ASP A 42 10.83 3.90 -5.01
N GLY A 43 10.02 4.74 -4.34
CA GLY A 43 10.28 6.17 -4.18
C GLY A 43 9.09 7.06 -4.55
N GLN A 44 8.49 6.80 -5.73
CA GLN A 44 7.42 7.66 -6.30
C GLN A 44 6.07 7.43 -5.59
N GLU A 45 5.36 8.52 -5.23
CA GLU A 45 4.03 8.41 -4.60
C GLU A 45 2.99 7.86 -5.59
N VAL A 46 2.35 6.75 -5.21
CA VAL A 46 1.37 6.05 -6.04
C VAL A 46 0.02 6.80 -6.09
N GLU A 47 -0.47 7.02 -7.32
CA GLU A 47 -1.78 7.65 -7.58
C GLU A 47 -2.48 6.90 -8.75
N GLU A 48 -3.77 7.18 -8.98
CA GLU A 48 -4.57 6.53 -10.04
C GLU A 48 -4.25 7.12 -11.43
N SER A 49 -3.08 6.75 -11.96
CA SER A 49 -2.59 7.23 -13.27
C SER A 49 -3.38 6.60 -14.43
N ASP A 50 -3.51 5.27 -14.40
CA ASP A 50 -4.17 4.50 -15.47
C ASP A 50 -4.59 3.11 -14.94
N PHE A 51 -3.58 2.25 -14.71
CA PHE A 51 -3.79 0.84 -14.30
C PHE A 51 -4.11 0.74 -12.80
N VAL A 52 -3.33 1.48 -11.98
CA VAL A 52 -3.48 1.48 -10.51
C VAL A 52 -4.79 2.19 -10.08
N VAL A 53 -5.58 1.53 -9.21
CA VAL A 53 -6.75 2.13 -8.56
C VAL A 53 -6.59 2.05 -7.01
N LEU A 54 -6.90 3.17 -6.33
CA LEU A 54 -6.73 3.30 -4.86
C LEU A 54 -8.10 3.36 -4.15
N GLU A 55 -8.35 2.39 -3.26
CA GLU A 55 -9.58 2.35 -2.44
C GLU A 55 -9.32 3.01 -1.08
N ASN A 56 -10.06 4.10 -0.79
CA ASN A 56 -9.85 4.94 0.40
C ASN A 56 -11.19 5.30 1.09
N GLU A 57 -11.31 5.00 2.39
CA GLU A 57 -12.48 5.35 3.21
C GLU A 57 -12.12 5.35 4.72
N GLY A 58 -11.92 6.56 5.28
CA GLY A 58 -11.55 6.74 6.69
C GLY A 58 -10.18 6.10 7.05
N PRO A 59 -10.15 5.05 7.94
CA PRO A 59 -8.91 4.32 8.26
C PRO A 59 -8.44 3.36 7.13
N HIS A 60 -9.38 2.98 6.24
CA HIS A 60 -9.17 1.94 5.23
C HIS A 60 -8.43 2.46 3.97
N ARG A 61 -7.38 1.72 3.55
CA ARG A 61 -6.57 1.99 2.34
C ARG A 61 -6.12 0.67 1.68
N ARG A 62 -6.52 0.43 0.41
CA ARG A 62 -6.14 -0.77 -0.36
C ARG A 62 -5.71 -0.39 -1.79
N LEU A 63 -4.47 -0.74 -2.16
CA LEU A 63 -3.95 -0.63 -3.53
C LEU A 63 -4.39 -1.88 -4.33
N VAL A 64 -5.38 -1.70 -5.23
CA VAL A 64 -5.86 -2.79 -6.11
C VAL A 64 -5.24 -2.63 -7.51
N LEU A 65 -4.71 -3.74 -8.04
CA LEU A 65 -4.10 -3.81 -9.37
C LEU A 65 -4.83 -4.89 -10.21
N PRO A 66 -5.47 -4.52 -11.38
CA PRO A 66 -6.10 -5.52 -12.29
C PRO A 66 -5.08 -6.53 -12.90
N ALA A 67 -3.95 -6.02 -13.45
CA ALA A 67 -2.90 -6.86 -14.07
C ALA A 67 -1.49 -6.31 -13.75
N THR A 68 -0.89 -6.81 -12.65
CA THR A 68 0.41 -6.33 -12.14
C THR A 68 1.58 -6.65 -13.11
N GLN A 69 2.24 -5.59 -13.61
CA GLN A 69 3.36 -5.68 -14.57
C GLN A 69 4.71 -5.77 -13.79
N PRO A 70 5.83 -6.29 -14.42
CA PRO A 70 7.16 -6.44 -13.73
C PRO A 70 7.70 -5.10 -13.12
N SER A 71 7.54 -3.98 -13.85
CA SER A 71 7.99 -2.64 -13.41
C SER A 71 6.90 -1.90 -12.57
N ASP A 72 5.64 -2.36 -12.69
CA ASP A 72 4.49 -1.81 -11.93
C ASP A 72 4.52 -2.24 -10.45
N GLY A 73 4.84 -3.52 -10.22
CA GLY A 73 5.01 -4.07 -8.87
C GLY A 73 6.47 -4.01 -8.40
N GLY A 74 6.67 -3.97 -7.07
CA GLY A 74 7.99 -3.80 -6.47
C GLY A 74 7.92 -3.63 -4.95
N GLU A 75 8.67 -2.69 -4.36
CA GLU A 75 8.63 -2.44 -2.91
C GLU A 75 7.75 -1.22 -2.58
N PHE A 76 6.65 -1.46 -1.83
CA PHE A 76 5.65 -0.45 -1.47
C PHE A 76 5.79 -0.03 0.02
N GLN A 77 5.87 1.29 0.26
CA GLN A 77 5.92 1.90 1.60
C GLN A 77 4.64 2.70 1.87
N CYS A 78 3.91 2.35 2.94
CA CYS A 78 2.63 2.98 3.29
C CYS A 78 2.83 3.91 4.51
N VAL A 79 3.04 5.21 4.25
CA VAL A 79 3.33 6.21 5.30
C VAL A 79 2.03 6.90 5.75
N ALA A 80 1.51 6.49 6.92
CA ALA A 80 0.35 7.15 7.56
C ALA A 80 0.70 8.57 8.06
N GLY A 81 1.97 8.73 8.45
CA GLY A 81 2.51 10.00 8.95
C GLY A 81 3.67 9.75 9.91
N ASP A 82 3.33 9.57 11.20
CA ASP A 82 4.28 9.12 12.25
C ASP A 82 4.66 7.62 12.02
N GLU A 83 3.71 6.86 11.46
CA GLU A 83 3.81 5.38 11.29
C GLU A 83 3.90 4.97 9.80
N CYS A 84 4.42 3.74 9.57
CA CYS A 84 4.63 3.18 8.21
C CYS A 84 4.49 1.64 8.19
N ALA A 85 3.68 1.11 7.24
CA ALA A 85 3.56 -0.34 6.96
C ALA A 85 4.40 -0.70 5.70
N TYR A 86 5.05 -1.88 5.69
CA TYR A 86 6.02 -2.26 4.63
C TYR A 86 5.56 -3.52 3.85
N PHE A 87 5.53 -3.39 2.50
CA PHE A 87 5.22 -4.49 1.56
C PHE A 87 6.40 -4.69 0.59
N THR A 88 6.93 -5.92 0.53
CA THR A 88 7.95 -6.31 -0.45
C THR A 88 7.32 -7.31 -1.46
N VAL A 89 6.96 -6.81 -2.65
CA VAL A 89 6.23 -7.59 -3.67
C VAL A 89 7.23 -8.19 -4.70
N THR A 90 7.49 -9.50 -4.55
CA THR A 90 8.44 -10.27 -5.38
C THR A 90 7.72 -10.82 -6.64
N ILE A 91 7.99 -10.23 -7.81
CA ILE A 91 7.47 -10.71 -9.11
C ILE A 91 8.48 -11.66 -9.79
N HIS A 2 4.69 6.94 21.12
CA HIS A 2 3.41 6.26 20.74
C HIS A 2 2.56 7.20 19.87
N MET A 3 2.28 6.78 18.63
CA MET A 3 1.57 7.60 17.62
C MET A 3 0.03 7.57 17.86
N PRO A 4 -0.65 8.77 17.98
CA PRO A 4 -2.15 8.83 18.02
C PRO A 4 -2.79 8.29 16.72
N VAL A 5 -2.01 8.35 15.63
CA VAL A 5 -2.31 7.70 14.35
C VAL A 5 -1.22 6.62 14.03
N HIS A 6 -1.45 5.40 14.54
CA HIS A 6 -0.53 4.27 14.33
C HIS A 6 -1.17 3.22 13.38
N ILE A 7 -0.34 2.53 12.58
CA ILE A 7 -0.80 1.44 11.70
C ILE A 7 -1.14 0.16 12.53
N VAL A 8 -2.42 -0.26 12.53
CA VAL A 8 -2.86 -1.52 13.20
C VAL A 8 -2.75 -2.74 12.25
N ASP A 9 -2.76 -2.45 10.93
CA ASP A 9 -2.66 -3.47 9.87
C ASP A 9 -1.93 -2.86 8.64
N PRO A 10 -0.87 -3.51 8.06
CA PRO A 10 -0.25 -4.75 8.59
C PRO A 10 0.58 -4.49 9.88
N ARG A 11 0.63 -5.50 10.75
CA ARG A 11 1.33 -5.42 12.05
C ARG A 11 2.87 -5.54 11.87
N GLU A 12 3.26 -6.16 10.74
CA GLU A 12 4.66 -6.37 10.35
C GLU A 12 4.81 -6.36 8.80
N HIS A 13 6.01 -6.74 8.31
CA HIS A 13 6.31 -6.86 6.86
C HIS A 13 5.40 -7.89 6.14
N VAL A 14 4.97 -7.57 4.90
CA VAL A 14 4.15 -8.48 4.05
C VAL A 14 4.83 -8.74 2.69
N PHE A 15 5.40 -9.95 2.52
CA PHE A 15 6.02 -10.39 1.25
C PHE A 15 4.98 -11.14 0.38
N VAL A 16 4.62 -10.54 -0.78
CA VAL A 16 3.65 -11.11 -1.74
C VAL A 16 4.39 -11.72 -2.95
N HIS A 17 4.03 -12.97 -3.32
CA HIS A 17 4.54 -13.63 -4.55
C HIS A 17 3.45 -13.58 -5.64
N ALA A 18 3.63 -12.71 -6.64
CA ALA A 18 2.63 -12.45 -7.70
C ALA A 18 3.14 -12.86 -9.09
N ILE A 19 2.22 -12.97 -10.06
CA ILE A 19 2.56 -13.15 -11.49
C ILE A 19 2.04 -11.89 -12.27
N THR A 20 2.57 -11.67 -13.48
CA THR A 20 2.29 -10.47 -14.32
C THR A 20 0.78 -10.18 -14.58
N SER A 21 -0.03 -11.23 -14.75
CA SER A 21 -1.48 -11.08 -15.11
C SER A 21 -2.42 -11.38 -13.90
N GLU A 22 -1.87 -11.37 -12.68
CA GLU A 22 -2.63 -11.59 -11.42
C GLU A 22 -3.30 -10.29 -10.89
N CYS A 23 -4.29 -10.46 -9.99
CA CYS A 23 -4.94 -9.35 -9.26
C CYS A 23 -4.47 -9.30 -7.80
N VAL A 24 -3.60 -8.32 -7.46
CA VAL A 24 -3.02 -8.17 -6.10
C VAL A 24 -3.61 -6.94 -5.36
N MET A 25 -3.99 -7.12 -4.08
CA MET A 25 -4.53 -6.04 -3.23
C MET A 25 -3.69 -5.91 -1.95
N LEU A 26 -2.85 -4.87 -1.89
CA LEU A 26 -2.05 -4.54 -0.68
C LEU A 26 -2.93 -3.81 0.36
N ALA A 27 -3.37 -4.56 1.39
CA ALA A 27 -4.29 -4.05 2.43
C ALA A 27 -3.51 -3.44 3.62
N CYS A 28 -3.94 -2.24 4.04
CA CYS A 28 -3.36 -1.49 5.17
C CYS A 28 -4.45 -0.67 5.89
N GLU A 29 -4.73 -1.01 7.15
CA GLU A 29 -5.71 -0.29 8.00
C GLU A 29 -4.99 0.39 9.18
N VAL A 30 -5.42 1.61 9.48
CA VAL A 30 -4.85 2.43 10.57
C VAL A 30 -5.84 2.58 11.74
N ASP A 31 -5.30 2.84 12.94
CA ASP A 31 -6.08 3.01 14.18
C ASP A 31 -7.07 4.21 14.09
N ARG A 32 -6.63 5.27 13.41
CA ARG A 32 -7.35 6.56 13.39
C ARG A 32 -7.78 6.92 11.94
N GLU A 33 -9.09 7.14 11.74
CA GLU A 33 -9.67 7.44 10.40
C GLU A 33 -9.25 8.84 9.87
N ASP A 34 -8.74 9.68 10.76
CA ASP A 34 -8.19 11.02 10.43
C ASP A 34 -6.89 10.94 9.57
N ALA A 35 -6.28 9.73 9.51
CA ALA A 35 -5.01 9.47 8.79
C ALA A 35 -5.08 9.77 7.28
N PRO A 36 -4.28 10.76 6.76
CA PRO A 36 -4.06 10.94 5.32
C PRO A 36 -2.77 10.20 4.89
N VAL A 37 -2.89 8.88 4.58
CA VAL A 37 -1.71 8.01 4.34
C VAL A 37 -1.03 8.32 2.98
N ARG A 38 0.26 7.99 2.90
CA ARG A 38 1.09 8.22 1.71
C ARG A 38 1.60 6.86 1.18
N TRP A 39 1.01 6.39 0.07
CA TRP A 39 1.43 5.14 -0.61
C TRP A 39 2.60 5.45 -1.57
N TYR A 40 3.72 4.72 -1.42
CA TYR A 40 4.92 4.89 -2.29
C TYR A 40 5.19 3.63 -3.11
N LYS A 41 5.49 3.80 -4.40
CA LYS A 41 5.86 2.70 -5.31
C LYS A 41 7.32 2.94 -5.74
N ASP A 42 8.24 2.33 -4.98
CA ASP A 42 9.70 2.43 -5.19
C ASP A 42 10.25 3.89 -5.27
N GLY A 43 9.52 4.88 -4.70
CA GLY A 43 10.00 6.26 -4.60
C GLY A 43 8.92 7.34 -4.86
N GLN A 44 8.52 7.49 -6.14
CA GLN A 44 7.74 8.67 -6.65
C GLN A 44 6.20 8.53 -6.44
N GLU A 45 5.80 8.12 -5.22
CA GLU A 45 4.40 7.74 -4.89
C GLU A 45 3.96 6.55 -5.82
N VAL A 46 2.67 6.22 -5.86
CA VAL A 46 2.16 5.14 -6.76
C VAL A 46 1.51 5.71 -8.04
N GLU A 47 0.73 6.79 -7.86
CA GLU A 47 -0.13 7.41 -8.89
C GLU A 47 -1.28 6.48 -9.38
N GLU A 48 -2.36 7.09 -9.87
CA GLU A 48 -3.56 6.37 -10.35
C GLU A 48 -3.57 6.24 -11.90
N SER A 49 -2.40 5.88 -12.44
CA SER A 49 -2.18 5.65 -13.89
C SER A 49 -1.71 4.18 -14.13
N ASP A 50 -1.55 3.79 -15.42
CA ASP A 50 -1.05 2.44 -15.83
C ASP A 50 -1.94 1.29 -15.30
N PHE A 51 -3.27 1.56 -15.23
CA PHE A 51 -4.33 0.64 -14.72
C PHE A 51 -4.30 0.47 -13.16
N VAL A 52 -3.31 1.08 -12.49
CA VAL A 52 -3.16 1.01 -11.02
C VAL A 52 -4.22 1.91 -10.33
N VAL A 53 -4.98 1.34 -9.39
CA VAL A 53 -6.05 2.07 -8.66
C VAL A 53 -5.76 2.13 -7.14
N LEU A 54 -5.84 3.34 -6.56
CA LEU A 54 -5.65 3.58 -5.11
C LEU A 54 -7.02 3.76 -4.43
N GLU A 55 -7.49 2.71 -3.72
CA GLU A 55 -8.83 2.71 -3.07
C GLU A 55 -8.70 3.05 -1.57
N ASN A 56 -9.32 4.18 -1.16
CA ASN A 56 -9.21 4.71 0.21
C ASN A 56 -10.61 5.02 0.79
N GLU A 57 -10.86 4.60 2.04
CA GLU A 57 -12.17 4.80 2.73
C GLU A 57 -11.96 4.89 4.27
N GLY A 58 -11.86 6.13 4.80
CA GLY A 58 -11.63 6.39 6.23
C GLY A 58 -10.30 5.81 6.75
N PRO A 59 -10.33 4.79 7.68
CA PRO A 59 -9.11 4.10 8.15
C PRO A 59 -8.64 2.94 7.22
N HIS A 60 -9.48 2.55 6.24
CA HIS A 60 -9.18 1.43 5.31
C HIS A 60 -8.43 1.95 4.06
N ARG A 61 -7.21 1.47 3.84
CA ARG A 61 -6.36 1.88 2.70
C ARG A 61 -5.88 0.64 1.94
N ARG A 62 -6.11 0.58 0.62
CA ARG A 62 -5.69 -0.58 -0.22
C ARG A 62 -5.21 -0.16 -1.62
N LEU A 63 -3.96 -0.54 -1.92
CA LEU A 63 -3.34 -0.42 -3.26
C LEU A 63 -3.76 -1.64 -4.09
N VAL A 64 -4.63 -1.42 -5.08
CA VAL A 64 -5.20 -2.53 -5.89
C VAL A 64 -4.65 -2.52 -7.33
N LEU A 65 -4.25 -3.72 -7.78
CA LEU A 65 -3.77 -3.98 -9.14
C LEU A 65 -4.70 -5.00 -9.84
N PRO A 66 -5.41 -4.61 -10.95
CA PRO A 66 -6.14 -5.57 -11.81
C PRO A 66 -5.19 -6.58 -12.53
N ALA A 67 -4.10 -6.05 -13.11
CA ALA A 67 -2.99 -6.85 -13.68
C ALA A 67 -1.68 -6.32 -13.07
N THR A 68 -1.03 -7.14 -12.21
CA THR A 68 0.10 -6.71 -11.33
C THR A 68 1.31 -6.17 -12.13
N GLN A 69 1.60 -6.82 -13.29
CA GLN A 69 2.67 -6.41 -14.25
C GLN A 69 4.11 -6.58 -13.66
N PRO A 70 5.18 -6.59 -14.52
CA PRO A 70 6.58 -6.41 -14.02
C PRO A 70 6.81 -4.99 -13.46
N SER A 71 5.91 -4.06 -13.84
CA SER A 71 5.82 -2.69 -13.29
C SER A 71 5.75 -2.68 -11.74
N ASP A 72 4.65 -3.24 -11.18
CA ASP A 72 4.32 -3.11 -9.73
C ASP A 72 4.89 -4.28 -8.87
N GLY A 73 5.97 -4.90 -9.36
CA GLY A 73 6.71 -5.91 -8.59
C GLY A 73 7.94 -5.30 -7.91
N GLY A 74 7.73 -4.67 -6.74
CA GLY A 74 8.81 -4.02 -6.00
C GLY A 74 8.48 -3.74 -4.53
N GLU A 75 9.00 -2.62 -4.01
CA GLU A 75 8.90 -2.24 -2.59
C GLU A 75 7.93 -1.05 -2.38
N PHE A 76 7.03 -1.18 -1.39
CA PHE A 76 5.94 -0.23 -1.11
C PHE A 76 5.97 0.23 0.36
N GLN A 77 5.54 1.49 0.61
CA GLN A 77 5.53 2.09 1.98
C GLN A 77 4.24 2.93 2.20
N CYS A 78 3.64 2.82 3.41
CA CYS A 78 2.38 3.52 3.76
C CYS A 78 2.57 4.43 5.00
N VAL A 79 2.80 5.74 4.78
CA VAL A 79 3.03 6.72 5.89
C VAL A 79 1.71 7.42 6.31
N ALA A 80 1.14 7.00 7.45
CA ALA A 80 -0.09 7.63 8.01
C ALA A 80 0.24 8.93 8.79
N GLY A 81 1.41 8.93 9.44
CA GLY A 81 1.90 10.08 10.22
C GLY A 81 3.38 9.96 10.52
N ASP A 82 3.73 9.55 11.75
CA ASP A 82 5.12 9.24 12.13
C ASP A 82 5.44 7.74 11.84
N GLU A 83 4.40 6.91 11.76
CA GLU A 83 4.52 5.45 11.51
C GLU A 83 4.33 5.11 10.01
N CYS A 84 5.02 4.06 9.53
CA CYS A 84 4.96 3.59 8.12
C CYS A 84 4.93 2.05 8.03
N ALA A 85 4.04 1.51 7.18
CA ALA A 85 3.94 0.06 6.88
C ALA A 85 4.79 -0.31 5.62
N TYR A 86 5.14 -1.61 5.46
CA TYR A 86 6.00 -2.08 4.35
C TYR A 86 5.45 -3.35 3.64
N PHE A 87 5.46 -3.32 2.29
CA PHE A 87 5.07 -4.46 1.43
C PHE A 87 6.22 -4.74 0.43
N THR A 88 6.53 -6.02 0.17
CA THR A 88 7.51 -6.44 -0.86
C THR A 88 6.88 -7.44 -1.83
N VAL A 89 6.49 -6.96 -3.03
CA VAL A 89 5.91 -7.80 -4.09
C VAL A 89 7.02 -8.25 -5.07
N THR A 90 7.08 -9.56 -5.33
CA THR A 90 8.06 -10.18 -6.23
C THR A 90 7.32 -11.00 -7.31
N ILE A 91 7.58 -10.67 -8.60
CA ILE A 91 6.88 -11.33 -9.74
C ILE A 91 7.60 -12.61 -10.22
N HIS A 2 1.17 15.27 19.79
CA HIS A 2 1.24 14.98 18.34
C HIS A 2 0.13 14.01 17.90
N MET A 3 0.16 13.62 16.62
CA MET A 3 -0.87 12.76 15.99
C MET A 3 -0.73 11.28 16.48
N PRO A 4 -1.82 10.67 17.08
CA PRO A 4 -1.79 9.26 17.54
C PRO A 4 -2.06 8.22 16.41
N VAL A 5 -1.85 8.64 15.14
CA VAL A 5 -2.03 7.77 13.96
C VAL A 5 -0.88 6.74 13.85
N HIS A 6 -1.12 5.57 14.45
CA HIS A 6 -0.23 4.39 14.36
C HIS A 6 -0.96 3.25 13.61
N ILE A 7 -0.22 2.53 12.76
CA ILE A 7 -0.78 1.48 11.89
C ILE A 7 -1.17 0.25 12.72
N VAL A 8 -2.49 0.01 12.83
CA VAL A 8 -3.05 -1.10 13.62
C VAL A 8 -2.95 -2.45 12.89
N ASP A 9 -3.00 -2.43 11.54
CA ASP A 9 -2.82 -3.64 10.69
C ASP A 9 -2.60 -3.24 9.20
N PRO A 10 -1.56 -3.78 8.49
CA PRO A 10 -0.51 -4.66 9.06
C PRO A 10 0.71 -3.87 9.61
N ARG A 11 1.25 -4.34 10.73
CA ARG A 11 2.48 -3.82 11.34
C ARG A 11 3.70 -4.56 10.76
N GLU A 12 3.44 -5.79 10.30
CA GLU A 12 4.44 -6.71 9.73
C GLU A 12 4.78 -6.37 8.26
N HIS A 13 6.02 -6.70 7.85
CA HIS A 13 6.47 -6.57 6.45
C HIS A 13 5.93 -7.76 5.58
N VAL A 14 4.89 -7.48 4.78
CA VAL A 14 4.16 -8.51 4.00
C VAL A 14 4.85 -8.79 2.64
N PHE A 15 5.47 -9.99 2.52
CA PHE A 15 6.06 -10.46 1.25
C PHE A 15 4.96 -11.06 0.32
N VAL A 16 4.71 -10.37 -0.80
CA VAL A 16 3.68 -10.75 -1.80
C VAL A 16 4.33 -11.38 -3.06
N HIS A 17 3.70 -12.42 -3.62
CA HIS A 17 4.20 -13.12 -4.83
C HIS A 17 3.20 -12.94 -5.99
N ALA A 18 3.59 -12.15 -7.02
CA ALA A 18 2.69 -11.80 -8.15
C ALA A 18 3.29 -12.20 -9.52
N ILE A 19 2.42 -12.21 -10.53
CA ILE A 19 2.78 -12.40 -11.97
C ILE A 19 1.97 -11.33 -12.79
N THR A 20 2.32 -11.13 -14.09
CA THR A 20 1.66 -10.12 -14.98
C THR A 20 0.10 -10.21 -15.00
N SER A 21 -0.46 -11.44 -14.87
CA SER A 21 -1.94 -11.66 -14.92
C SER A 21 -2.60 -11.66 -13.52
N GLU A 22 -1.79 -11.55 -12.44
CA GLU A 22 -2.28 -11.59 -11.05
C GLU A 22 -2.82 -10.21 -10.59
N CYS A 23 -4.06 -10.22 -10.05
CA CYS A 23 -4.68 -9.06 -9.39
C CYS A 23 -4.28 -9.05 -7.90
N VAL A 24 -3.48 -8.04 -7.49
CA VAL A 24 -2.93 -7.92 -6.12
C VAL A 24 -3.59 -6.75 -5.34
N MET A 25 -4.09 -7.03 -4.12
CA MET A 25 -4.62 -5.98 -3.21
C MET A 25 -3.78 -5.91 -1.91
N LEU A 26 -2.87 -4.91 -1.87
CA LEU A 26 -2.09 -4.57 -0.67
C LEU A 26 -2.97 -3.73 0.29
N ALA A 27 -3.32 -4.27 1.46
CA ALA A 27 -4.22 -3.59 2.42
C ALA A 27 -3.42 -2.93 3.58
N CYS A 28 -3.91 -1.78 4.06
CA CYS A 28 -3.31 -1.04 5.20
C CYS A 28 -4.39 -0.24 5.95
N GLU A 29 -4.31 -0.24 7.29
CA GLU A 29 -5.32 0.38 8.17
C GLU A 29 -4.63 1.03 9.39
N VAL A 30 -5.15 2.20 9.81
CA VAL A 30 -4.58 2.98 10.92
C VAL A 30 -5.63 3.23 12.04
N ASP A 31 -5.12 3.72 13.17
CA ASP A 31 -5.91 4.10 14.35
C ASP A 31 -6.79 5.36 14.08
N ARG A 32 -6.24 6.32 13.32
CA ARG A 32 -6.89 7.64 13.07
C ARG A 32 -7.73 7.63 11.78
N GLU A 33 -9.03 7.93 11.90
CA GLU A 33 -9.98 7.98 10.77
C GLU A 33 -9.70 9.20 9.86
N ASP A 34 -9.38 10.34 10.50
CA ASP A 34 -9.11 11.62 9.82
C ASP A 34 -7.73 11.62 9.09
N ALA A 35 -6.86 10.66 9.44
CA ALA A 35 -5.49 10.57 8.89
C ALA A 35 -5.29 9.28 8.04
N PRO A 36 -5.41 9.36 6.68
CA PRO A 36 -5.10 8.21 5.77
C PRO A 36 -3.58 7.96 5.61
N VAL A 37 -3.23 6.85 4.91
CA VAL A 37 -1.82 6.48 4.65
C VAL A 37 -1.32 7.06 3.31
N ARG A 38 0.00 7.21 3.17
CA ARG A 38 0.65 7.63 1.92
C ARG A 38 1.28 6.39 1.23
N TRP A 39 0.74 6.01 0.06
CA TRP A 39 1.23 4.83 -0.70
C TRP A 39 2.41 5.23 -1.62
N TYR A 40 3.59 4.65 -1.36
CA TYR A 40 4.83 4.94 -2.13
C TYR A 40 5.35 3.72 -2.93
N LYS A 41 5.65 3.95 -4.23
CA LYS A 41 6.35 3.00 -5.12
C LYS A 41 7.88 3.31 -5.12
N ASP A 42 8.68 2.59 -5.94
CA ASP A 42 10.17 2.74 -6.02
C ASP A 42 10.62 4.24 -6.16
N GLY A 43 10.95 4.85 -4.98
CA GLY A 43 11.45 6.24 -4.90
C GLY A 43 10.46 7.32 -5.36
N GLN A 44 9.15 7.03 -5.25
CA GLN A 44 8.06 7.95 -5.74
C GLN A 44 6.69 7.55 -5.16
N GLU A 45 5.62 8.23 -5.60
CA GLU A 45 4.21 7.84 -5.31
C GLU A 45 3.85 6.58 -6.14
N VAL A 46 2.76 5.87 -5.78
CA VAL A 46 2.30 4.66 -6.52
C VAL A 46 1.82 4.97 -7.97
N GLU A 47 1.41 6.24 -8.22
CA GLU A 47 1.07 6.76 -9.57
C GLU A 47 -0.16 6.02 -10.19
N GLU A 48 -1.39 6.54 -9.97
CA GLU A 48 -2.62 5.91 -10.48
C GLU A 48 -2.72 6.04 -12.02
N SER A 49 -2.07 5.11 -12.73
CA SER A 49 -1.93 5.13 -14.21
C SER A 49 -2.64 3.91 -14.84
N ASP A 50 -3.89 4.13 -15.33
CA ASP A 50 -4.71 3.12 -16.06
C ASP A 50 -4.95 1.82 -15.24
N PHE A 51 -3.92 0.95 -15.20
CA PHE A 51 -3.95 -0.32 -14.44
C PHE A 51 -3.92 -0.05 -12.92
N VAL A 52 -3.07 0.90 -12.52
CA VAL A 52 -2.87 1.22 -11.10
C VAL A 52 -4.07 2.02 -10.53
N VAL A 53 -4.74 1.45 -9.51
CA VAL A 53 -5.87 2.12 -8.80
C VAL A 53 -5.67 2.05 -7.26
N LEU A 54 -6.05 3.13 -6.55
CA LEU A 54 -5.99 3.19 -5.07
C LEU A 54 -7.42 3.34 -4.47
N GLU A 55 -7.79 2.38 -3.60
CA GLU A 55 -9.12 2.36 -2.93
C GLU A 55 -9.04 2.96 -1.51
N ASN A 56 -10.15 3.60 -1.07
CA ASN A 56 -10.22 4.35 0.20
C ASN A 56 -11.53 4.03 0.98
N GLU A 57 -11.44 4.09 2.33
CA GLU A 57 -12.59 3.84 3.23
C GLU A 57 -12.26 4.29 4.68
N GLY A 58 -12.27 5.62 4.91
CA GLY A 58 -11.90 6.22 6.22
C GLY A 58 -10.44 5.93 6.66
N PRO A 59 -10.21 5.15 7.77
CA PRO A 59 -8.84 4.68 8.15
C PRO A 59 -8.36 3.46 7.32
N HIS A 60 -9.30 2.83 6.59
CA HIS A 60 -9.02 1.66 5.72
C HIS A 60 -8.55 2.14 4.33
N ARG A 61 -7.41 1.61 3.88
CA ARG A 61 -6.79 1.91 2.56
C ARG A 61 -6.31 0.62 1.91
N ARG A 62 -6.29 0.57 0.57
CA ARG A 62 -5.73 -0.60 -0.16
C ARG A 62 -5.32 -0.26 -1.61
N LEU A 63 -4.09 -0.65 -1.94
CA LEU A 63 -3.53 -0.60 -3.31
C LEU A 63 -4.04 -1.82 -4.11
N VAL A 64 -4.77 -1.57 -5.21
CA VAL A 64 -5.27 -2.64 -6.10
C VAL A 64 -4.55 -2.56 -7.48
N LEU A 65 -4.06 -3.72 -7.96
CA LEU A 65 -3.34 -3.82 -9.25
C LEU A 65 -3.88 -5.05 -10.05
N PRO A 66 -4.87 -4.84 -10.99
CA PRO A 66 -5.47 -5.95 -11.80
C PRO A 66 -4.43 -6.74 -12.66
N ALA A 67 -3.44 -6.02 -13.21
CA ALA A 67 -2.34 -6.62 -13.99
C ALA A 67 -0.97 -6.16 -13.43
N THR A 68 -0.44 -6.91 -12.44
CA THR A 68 0.79 -6.51 -11.70
C THR A 68 2.07 -6.87 -12.49
N GLN A 69 2.59 -5.88 -13.24
CA GLN A 69 3.78 -6.05 -14.13
C GLN A 69 5.10 -6.09 -13.32
N PRO A 70 6.13 -6.93 -13.75
CA PRO A 70 7.48 -7.00 -13.11
C PRO A 70 8.35 -5.72 -13.36
N SER A 71 7.83 -4.59 -12.86
CA SER A 71 8.36 -3.23 -13.14
C SER A 71 7.52 -2.22 -12.32
N ASP A 72 6.19 -2.47 -12.31
CA ASP A 72 5.23 -1.71 -11.50
C ASP A 72 5.31 -2.18 -10.03
N GLY A 73 5.26 -3.52 -9.84
CA GLY A 73 5.44 -4.16 -8.52
C GLY A 73 6.84 -3.96 -7.92
N GLY A 74 6.90 -3.94 -6.58
CA GLY A 74 8.15 -3.68 -5.85
C GLY A 74 7.95 -3.54 -4.34
N GLU A 75 8.84 -2.80 -3.67
CA GLU A 75 8.76 -2.55 -2.20
C GLU A 75 7.92 -1.28 -1.91
N PHE A 76 6.64 -1.48 -1.60
CA PHE A 76 5.68 -0.39 -1.32
C PHE A 76 5.66 -0.04 0.18
N GLN A 77 5.45 1.25 0.49
CA GLN A 77 5.52 1.77 1.86
C GLN A 77 4.34 2.72 2.17
N CYS A 78 3.55 2.38 3.21
CA CYS A 78 2.41 3.19 3.69
C CYS A 78 2.84 4.07 4.88
N VAL A 79 3.20 5.33 4.64
CA VAL A 79 3.60 6.26 5.72
C VAL A 79 2.36 6.91 6.36
N ALA A 80 2.21 6.76 7.68
CA ALA A 80 1.05 7.28 8.43
C ALA A 80 1.52 7.89 9.77
N GLY A 81 1.82 9.21 9.74
CA GLY A 81 2.15 9.98 10.94
C GLY A 81 3.54 9.68 11.49
N ASP A 82 3.64 8.60 12.27
CA ASP A 82 4.90 8.21 12.94
C ASP A 82 5.51 6.93 12.32
N GLU A 83 4.65 6.05 11.78
CA GLU A 83 5.05 4.69 11.33
C GLU A 83 4.91 4.50 9.80
N CYS A 84 5.31 3.31 9.31
CA CYS A 84 5.25 2.94 7.87
C CYS A 84 5.19 1.41 7.68
N ALA A 85 4.18 0.92 6.92
CA ALA A 85 3.98 -0.53 6.64
C ALA A 85 4.66 -0.93 5.31
N TYR A 86 5.32 -2.10 5.29
CA TYR A 86 6.15 -2.55 4.13
C TYR A 86 5.46 -3.71 3.36
N PHE A 87 5.50 -3.64 2.02
CA PHE A 87 4.92 -4.68 1.12
C PHE A 87 5.94 -5.01 0.01
N THR A 88 6.54 -6.21 0.03
CA THR A 88 7.60 -6.59 -0.93
C THR A 88 7.03 -7.55 -1.99
N VAL A 89 6.74 -7.00 -3.18
CA VAL A 89 6.10 -7.74 -4.28
C VAL A 89 7.16 -8.34 -5.24
N THR A 90 7.42 -9.65 -5.09
CA THR A 90 8.35 -10.42 -5.95
C THR A 90 7.61 -11.05 -7.14
N ILE A 91 7.98 -10.64 -8.37
CA ILE A 91 7.35 -11.11 -9.62
C ILE A 91 8.36 -11.87 -10.49
N HIS A 2 -8.25 13.15 22.44
CA HIS A 2 -6.86 13.68 22.58
C HIS A 2 -5.83 12.52 22.45
N MET A 3 -5.53 12.13 21.20
CA MET A 3 -4.64 10.97 20.88
C MET A 3 -3.89 11.18 19.54
N PRO A 4 -2.67 10.56 19.36
CA PRO A 4 -1.93 10.60 18.06
C PRO A 4 -2.44 9.59 17.00
N VAL A 5 -1.77 9.57 15.82
CA VAL A 5 -2.08 8.64 14.71
C VAL A 5 -0.84 7.76 14.37
N HIS A 6 -1.10 6.47 14.12
CA HIS A 6 -0.07 5.49 13.67
C HIS A 6 -0.71 4.48 12.67
N ILE A 7 -0.02 3.33 12.44
CA ILE A 7 -0.57 2.19 11.65
C ILE A 7 -0.54 0.90 12.50
N VAL A 8 -1.72 0.26 12.70
CA VAL A 8 -1.82 -1.06 13.40
C VAL A 8 -1.80 -2.25 12.41
N ASP A 9 -2.26 -2.00 11.17
CA ASP A 9 -2.51 -3.06 10.17
C ASP A 9 -1.94 -2.62 8.79
N PRO A 10 -0.89 -3.31 8.21
CA PRO A 10 -0.09 -4.37 8.89
C PRO A 10 0.98 -3.77 9.84
N ARG A 11 1.64 -4.66 10.61
CA ARG A 11 2.60 -4.26 11.65
C ARG A 11 4.00 -4.93 11.43
N GLU A 12 4.19 -5.57 10.27
CA GLU A 12 5.42 -6.36 9.97
C GLU A 12 5.72 -6.40 8.46
N HIS A 13 6.81 -7.12 8.10
CA HIS A 13 7.18 -7.39 6.69
C HIS A 13 6.14 -8.31 5.99
N VAL A 14 5.41 -7.74 5.02
CA VAL A 14 4.45 -8.48 4.19
C VAL A 14 5.11 -8.90 2.86
N PHE A 15 5.22 -10.22 2.62
CA PHE A 15 5.74 -10.77 1.35
C PHE A 15 4.59 -11.42 0.54
N VAL A 16 4.24 -10.79 -0.60
CA VAL A 16 3.17 -11.29 -1.51
C VAL A 16 3.79 -11.85 -2.80
N HIS A 17 3.41 -13.07 -3.19
CA HIS A 17 3.88 -13.69 -4.46
C HIS A 17 2.91 -13.39 -5.61
N ALA A 18 3.45 -12.99 -6.76
CA ALA A 18 2.66 -12.58 -7.94
C ALA A 18 3.29 -13.07 -9.26
N ILE A 19 2.52 -12.94 -10.34
CA ILE A 19 2.91 -13.29 -11.72
C ILE A 19 2.64 -12.06 -12.63
N THR A 20 3.20 -12.05 -13.86
CA THR A 20 2.85 -11.06 -14.90
C THR A 20 1.30 -10.98 -15.14
N SER A 21 0.74 -9.75 -15.06
CA SER A 21 -0.71 -9.46 -15.28
C SER A 21 -1.61 -10.09 -14.16
N GLU A 22 -1.09 -10.17 -12.92
CA GLU A 22 -1.83 -10.71 -11.74
C GLU A 22 -2.72 -9.58 -11.11
N CYS A 23 -3.72 -9.95 -10.30
CA CYS A 23 -4.54 -9.00 -9.51
C CYS A 23 -4.11 -9.00 -8.01
N VAL A 24 -3.18 -8.10 -7.65
CA VAL A 24 -2.61 -8.01 -6.27
C VAL A 24 -3.26 -6.86 -5.46
N MET A 25 -3.84 -7.18 -4.28
CA MET A 25 -4.37 -6.16 -3.34
C MET A 25 -3.48 -6.09 -2.06
N LEU A 26 -2.93 -4.89 -1.78
CA LEU A 26 -2.16 -4.59 -0.57
C LEU A 26 -2.98 -3.69 0.37
N ALA A 27 -3.56 -4.27 1.42
CA ALA A 27 -4.44 -3.54 2.36
C ALA A 27 -3.65 -3.03 3.59
N CYS A 28 -4.05 -1.85 4.07
CA CYS A 28 -3.44 -1.18 5.23
C CYS A 28 -4.47 -0.27 5.90
N GLU A 29 -4.87 -0.61 7.14
CA GLU A 29 -5.79 0.21 7.94
C GLU A 29 -5.01 0.91 9.10
N VAL A 30 -5.23 2.22 9.22
CA VAL A 30 -4.56 3.08 10.23
C VAL A 30 -5.08 2.83 11.66
N ASP A 31 -4.37 3.42 12.63
CA ASP A 31 -4.75 3.41 14.05
C ASP A 31 -5.85 4.47 14.35
N ARG A 32 -5.77 5.61 13.64
CA ARG A 32 -6.68 6.76 13.85
C ARG A 32 -7.41 7.13 12.53
N GLU A 33 -8.75 6.99 12.51
CA GLU A 33 -9.61 7.20 11.31
C GLU A 33 -9.44 8.61 10.68
N ASP A 34 -9.11 9.60 11.51
CA ASP A 34 -8.95 11.02 11.13
C ASP A 34 -7.80 11.27 10.12
N ALA A 35 -6.84 10.33 10.05
CA ALA A 35 -5.65 10.46 9.18
C ALA A 35 -5.36 9.15 8.38
N PRO A 36 -5.81 9.05 7.08
CA PRO A 36 -5.51 7.87 6.19
C PRO A 36 -4.07 7.93 5.59
N VAL A 37 -3.61 6.81 4.99
CA VAL A 37 -2.19 6.68 4.53
C VAL A 37 -1.91 7.42 3.19
N ARG A 38 -0.61 7.62 2.91
CA ARG A 38 -0.08 8.02 1.59
C ARG A 38 0.80 6.86 1.04
N TRP A 39 0.49 6.37 -0.15
CA TRP A 39 1.21 5.23 -0.78
C TRP A 39 2.44 5.70 -1.58
N TYR A 40 3.60 5.07 -1.31
CA TYR A 40 4.89 5.28 -2.02
C TYR A 40 5.45 3.93 -2.54
N LYS A 41 6.45 4.00 -3.45
CA LYS A 41 7.00 2.81 -4.15
C LYS A 41 8.23 3.20 -5.03
N ASP A 42 9.33 2.43 -4.89
CA ASP A 42 10.56 2.56 -5.74
C ASP A 42 11.17 4.01 -5.74
N GLY A 43 10.92 4.78 -4.66
CA GLY A 43 11.50 6.13 -4.48
C GLY A 43 10.53 7.29 -4.69
N GLN A 44 9.39 7.03 -5.35
CA GLN A 44 8.34 8.06 -5.66
C GLN A 44 6.97 7.60 -5.13
N GLU A 45 5.99 8.53 -5.00
CA GLU A 45 4.61 8.15 -4.59
C GLU A 45 3.90 7.35 -5.72
N VAL A 46 3.09 6.35 -5.32
CA VAL A 46 2.51 5.34 -6.26
C VAL A 46 1.60 5.98 -7.32
N GLU A 47 0.55 6.68 -6.84
CA GLU A 47 -0.49 7.35 -7.65
C GLU A 47 -1.38 6.36 -8.46
N GLU A 48 -2.50 6.88 -8.99
CA GLU A 48 -3.42 6.12 -9.87
C GLU A 48 -3.17 6.46 -11.36
N SER A 49 -3.56 5.54 -12.27
CA SER A 49 -3.48 5.74 -13.74
C SER A 49 -4.49 4.84 -14.48
N ASP A 50 -4.25 3.52 -14.37
CA ASP A 50 -4.99 2.48 -15.10
C ASP A 50 -4.55 1.09 -14.60
N PHE A 51 -3.22 0.84 -14.72
CA PHE A 51 -2.57 -0.36 -14.14
C PHE A 51 -2.64 -0.35 -12.60
N VAL A 52 -2.60 0.85 -12.00
CA VAL A 52 -2.73 1.03 -10.53
C VAL A 52 -4.01 1.82 -10.18
N VAL A 53 -4.77 1.35 -9.16
CA VAL A 53 -5.87 2.10 -8.53
C VAL A 53 -5.78 2.03 -6.98
N LEU A 54 -6.06 3.15 -6.30
CA LEU A 54 -5.97 3.26 -4.82
C LEU A 54 -7.40 3.41 -4.22
N GLU A 55 -7.77 2.50 -3.31
CA GLU A 55 -9.10 2.49 -2.65
C GLU A 55 -9.05 3.14 -1.25
N ASN A 56 -10.08 3.94 -0.92
CA ASN A 56 -10.24 4.60 0.41
C ASN A 56 -11.69 4.45 0.93
N GLU A 57 -11.82 4.10 2.22
CA GLU A 57 -13.11 4.07 2.94
C GLU A 57 -12.85 4.52 4.40
N GLY A 58 -12.71 5.84 4.60
CA GLY A 58 -12.31 6.42 5.90
C GLY A 58 -10.92 5.96 6.37
N PRO A 59 -10.83 5.07 7.42
CA PRO A 59 -9.53 4.46 7.86
C PRO A 59 -8.98 3.39 6.87
N HIS A 60 -9.85 2.85 5.99
CA HIS A 60 -9.47 1.79 5.02
C HIS A 60 -8.63 2.37 3.85
N ARG A 61 -7.47 1.74 3.58
CA ARG A 61 -6.54 2.15 2.49
C ARG A 61 -5.90 0.91 1.85
N ARG A 62 -6.23 0.62 0.58
CA ARG A 62 -5.71 -0.59 -0.11
C ARG A 62 -5.35 -0.34 -1.60
N LEU A 63 -4.10 -0.67 -1.92
CA LEU A 63 -3.52 -0.57 -3.28
C LEU A 63 -3.93 -1.79 -4.12
N VAL A 64 -4.84 -1.60 -5.08
CA VAL A 64 -5.27 -2.66 -6.01
C VAL A 64 -4.46 -2.58 -7.33
N LEU A 65 -3.96 -3.73 -7.81
CA LEU A 65 -3.13 -3.83 -9.02
C LEU A 65 -3.76 -4.86 -10.01
N PRO A 66 -4.67 -4.42 -10.94
CA PRO A 66 -5.32 -5.32 -11.96
C PRO A 66 -4.33 -6.08 -12.89
N ALA A 67 -3.33 -5.38 -13.46
CA ALA A 67 -2.29 -5.99 -14.33
C ALA A 67 -0.90 -5.81 -13.71
N THR A 68 -0.54 -6.72 -12.78
CA THR A 68 0.73 -6.65 -12.02
C THR A 68 1.94 -7.09 -12.89
N GLN A 69 2.56 -6.10 -13.54
CA GLN A 69 3.76 -6.28 -14.39
C GLN A 69 5.03 -6.34 -13.49
N PRO A 70 6.20 -6.89 -13.97
CA PRO A 70 7.48 -6.92 -13.19
C PRO A 70 7.92 -5.53 -12.61
N SER A 71 7.49 -4.43 -13.25
CA SER A 71 7.72 -3.04 -12.75
C SER A 71 6.78 -2.71 -11.55
N ASP A 72 5.52 -3.21 -11.60
CA ASP A 72 4.51 -3.00 -10.51
C ASP A 72 4.78 -3.87 -9.25
N GLY A 73 5.82 -4.72 -9.29
CA GLY A 73 6.30 -5.46 -8.10
C GLY A 73 7.41 -4.71 -7.35
N GLY A 74 7.89 -5.31 -6.25
CA GLY A 74 8.98 -4.73 -5.45
C GLY A 74 8.53 -4.16 -4.10
N GLU A 75 9.18 -3.08 -3.65
CA GLU A 75 8.99 -2.50 -2.30
C GLU A 75 7.96 -1.33 -2.29
N PHE A 76 6.98 -1.41 -1.38
CA PHE A 76 5.92 -0.38 -1.20
C PHE A 76 6.01 0.24 0.22
N GLN A 77 6.05 1.59 0.27
CA GLN A 77 6.13 2.37 1.51
C GLN A 77 4.76 3.07 1.82
N CYS A 78 3.98 2.49 2.74
CA CYS A 78 2.64 3.00 3.12
C CYS A 78 2.72 3.83 4.43
N VAL A 79 2.64 5.18 4.33
CA VAL A 79 2.97 6.10 5.47
C VAL A 79 1.71 6.72 6.12
N ALA A 80 1.60 6.66 7.47
CA ALA A 80 0.55 7.35 8.24
C ALA A 80 0.95 7.57 9.71
N GLY A 81 1.23 8.84 10.07
CA GLY A 81 1.50 9.26 11.45
C GLY A 81 2.76 8.66 12.06
N ASP A 82 3.93 9.07 11.51
CA ASP A 82 5.28 8.60 11.95
C ASP A 82 5.55 7.09 11.61
N GLU A 83 4.52 6.36 11.17
CA GLU A 83 4.59 4.92 10.88
C GLU A 83 4.65 4.63 9.38
N CYS A 84 5.13 3.41 9.07
CA CYS A 84 5.24 2.89 7.73
C CYS A 84 4.91 1.38 7.72
N ALA A 85 3.99 0.98 6.83
CA ALA A 85 3.56 -0.41 6.65
C ALA A 85 4.38 -1.05 5.51
N TYR A 86 4.99 -2.21 5.79
CA TYR A 86 6.03 -2.81 4.92
C TYR A 86 5.41 -3.84 3.96
N PHE A 87 5.59 -3.63 2.63
CA PHE A 87 5.11 -4.56 1.58
C PHE A 87 6.25 -4.88 0.58
N THR A 88 6.34 -6.14 0.14
CA THR A 88 7.32 -6.60 -0.87
C THR A 88 6.67 -7.69 -1.75
N VAL A 89 6.29 -7.30 -2.98
CA VAL A 89 5.61 -8.21 -3.94
C VAL A 89 6.64 -8.84 -4.91
N THR A 90 6.97 -10.13 -4.70
CA THR A 90 7.94 -10.88 -5.52
C THR A 90 7.25 -11.52 -6.74
N ILE A 91 7.63 -11.09 -7.95
CA ILE A 91 7.05 -11.61 -9.22
C ILE A 91 7.99 -12.61 -9.91
N HIS A 2 -3.16 14.37 20.90
CA HIS A 2 -3.34 13.36 19.82
C HIS A 2 -2.03 12.58 19.60
N MET A 3 -2.12 11.26 19.40
CA MET A 3 -0.95 10.41 19.10
C MET A 3 -0.57 10.50 17.59
N PRO A 4 0.74 10.31 17.22
CA PRO A 4 1.13 10.09 15.81
C PRO A 4 0.39 8.84 15.24
N VAL A 5 -0.25 9.00 14.07
CA VAL A 5 -1.11 7.94 13.49
C VAL A 5 -0.30 6.68 13.10
N HIS A 6 -0.41 5.64 13.92
CA HIS A 6 0.30 4.37 13.74
C HIS A 6 -0.65 3.31 13.11
N ILE A 7 -0.08 2.17 12.70
CA ILE A 7 -0.82 1.14 11.92
C ILE A 7 -1.18 -0.08 12.81
N VAL A 8 -2.48 -0.42 12.87
CA VAL A 8 -3.00 -1.52 13.72
C VAL A 8 -2.86 -2.90 13.04
N ASP A 9 -3.14 -2.96 11.73
CA ASP A 9 -3.04 -4.20 10.92
C ASP A 9 -2.95 -3.83 9.41
N PRO A 10 -1.85 -4.21 8.67
CA PRO A 10 -0.70 -5.00 9.20
C PRO A 10 0.30 -4.16 10.04
N ARG A 11 0.53 -4.60 11.30
CA ARG A 11 1.46 -3.94 12.25
C ARG A 11 2.94 -4.40 11.97
N GLU A 12 3.16 -5.19 10.89
CA GLU A 12 4.48 -5.76 10.54
C GLU A 12 4.77 -5.64 9.01
N HIS A 13 5.89 -6.26 8.57
CA HIS A 13 6.31 -6.28 7.15
C HIS A 13 5.66 -7.48 6.40
N VAL A 14 4.79 -7.17 5.42
CA VAL A 14 4.08 -8.20 4.62
C VAL A 14 4.90 -8.54 3.35
N PHE A 15 5.14 -9.85 3.12
CA PHE A 15 5.87 -10.33 1.93
C PHE A 15 4.88 -10.97 0.93
N VAL A 16 4.71 -10.30 -0.23
CA VAL A 16 3.72 -10.68 -1.26
C VAL A 16 4.42 -11.23 -2.53
N HIS A 17 4.15 -12.49 -2.89
CA HIS A 17 4.70 -13.12 -4.12
C HIS A 17 3.69 -13.01 -5.28
N ALA A 18 4.01 -12.15 -6.27
CA ALA A 18 3.10 -11.83 -7.39
C ALA A 18 3.61 -12.39 -8.74
N ILE A 19 2.67 -12.85 -9.57
CA ILE A 19 2.93 -13.18 -10.98
C ILE A 19 2.31 -12.06 -11.87
N THR A 20 2.81 -11.89 -13.10
CA THR A 20 2.27 -10.89 -14.05
C THR A 20 0.83 -11.25 -14.50
N SER A 21 0.03 -10.19 -14.81
CA SER A 21 -1.40 -10.28 -15.23
C SER A 21 -2.36 -10.62 -14.05
N GLU A 22 -1.82 -10.78 -12.83
CA GLU A 22 -2.63 -11.10 -11.62
C GLU A 22 -3.21 -9.83 -10.95
N CYS A 23 -4.17 -10.05 -10.03
CA CYS A 23 -4.80 -8.96 -9.24
C CYS A 23 -4.22 -8.92 -7.80
N VAL A 24 -3.27 -7.99 -7.56
CA VAL A 24 -2.60 -7.84 -6.24
C VAL A 24 -3.25 -6.69 -5.42
N MET A 25 -3.80 -7.04 -4.23
CA MET A 25 -4.49 -6.07 -3.35
C MET A 25 -3.70 -5.88 -2.02
N LEU A 26 -2.92 -4.78 -1.93
CA LEU A 26 -2.15 -4.41 -0.73
C LEU A 26 -3.02 -3.59 0.25
N ALA A 27 -3.55 -4.24 1.31
CA ALA A 27 -4.50 -3.60 2.26
C ALA A 27 -3.80 -3.21 3.58
N CYS A 28 -3.94 -1.91 3.95
CA CYS A 28 -3.35 -1.34 5.19
C CYS A 28 -4.40 -0.51 5.97
N GLU A 29 -4.52 -0.76 7.29
CA GLU A 29 -5.43 0.01 8.19
C GLU A 29 -4.65 0.63 9.37
N VAL A 30 -4.90 1.93 9.60
CA VAL A 30 -4.28 2.71 10.68
C VAL A 30 -5.20 2.79 11.93
N ASP A 31 -4.74 3.51 12.97
CA ASP A 31 -5.50 3.66 14.23
C ASP A 31 -6.46 4.87 14.17
N ARG A 32 -6.09 5.91 13.38
CA ARG A 32 -6.89 7.16 13.25
C ARG A 32 -7.45 7.34 11.82
N GLU A 33 -8.79 7.28 11.70
CA GLU A 33 -9.54 7.53 10.43
C GLU A 33 -9.24 8.95 9.84
N ASP A 34 -8.90 9.89 10.75
CA ASP A 34 -8.61 11.31 10.40
C ASP A 34 -7.48 11.45 9.37
N ALA A 35 -6.51 10.53 9.43
CA ALA A 35 -5.23 10.64 8.69
C ALA A 35 -5.17 9.69 7.46
N PRO A 36 -5.21 10.26 6.20
CA PRO A 36 -4.93 9.50 4.96
C PRO A 36 -3.44 9.06 4.84
N VAL A 37 -3.17 7.80 4.42
CA VAL A 37 -1.78 7.33 4.22
C VAL A 37 -1.19 7.86 2.89
N ARG A 38 0.14 7.89 2.83
CA ARG A 38 0.92 8.31 1.65
C ARG A 38 1.56 7.07 0.99
N TRP A 39 1.10 6.69 -0.23
CA TRP A 39 1.58 5.46 -0.91
C TRP A 39 2.88 5.76 -1.71
N TYR A 40 3.94 5.02 -1.38
CA TYR A 40 5.26 5.07 -2.06
C TYR A 40 5.68 3.67 -2.53
N LYS A 41 6.83 3.59 -3.21
CA LYS A 41 7.47 2.32 -3.56
C LYS A 41 8.99 2.41 -3.30
N ASP A 42 9.75 2.93 -4.29
CA ASP A 42 11.21 3.11 -4.17
C ASP A 42 11.55 4.58 -4.49
N GLY A 43 11.48 5.44 -3.46
CA GLY A 43 11.71 6.89 -3.60
C GLY A 43 10.46 7.66 -4.08
N GLN A 44 9.87 7.20 -5.19
CA GLN A 44 8.69 7.87 -5.83
C GLN A 44 7.37 7.36 -5.21
N GLU A 45 6.32 8.19 -5.30
CA GLU A 45 4.96 7.82 -4.87
C GLU A 45 4.25 6.93 -5.92
N VAL A 46 3.13 6.32 -5.51
CA VAL A 46 2.27 5.53 -6.42
C VAL A 46 0.85 6.15 -6.45
N GLU A 47 0.52 6.82 -7.56
CA GLU A 47 -0.79 7.48 -7.79
C GLU A 47 -1.62 6.66 -8.81
N GLU A 48 -2.92 7.00 -8.94
CA GLU A 48 -3.83 6.30 -9.87
C GLU A 48 -3.44 6.58 -11.35
N SER A 49 -3.26 5.49 -12.14
CA SER A 49 -2.63 5.55 -13.49
C SER A 49 -3.16 4.41 -14.40
N ASP A 50 -2.32 3.94 -15.35
CA ASP A 50 -2.62 2.76 -16.21
C ASP A 50 -2.85 1.50 -15.34
N PHE A 51 -4.13 1.32 -14.95
CA PHE A 51 -4.67 0.15 -14.20
C PHE A 51 -4.48 0.30 -12.67
N VAL A 52 -3.55 1.17 -12.25
CA VAL A 52 -3.31 1.45 -10.82
C VAL A 52 -4.52 2.19 -10.20
N VAL A 53 -5.22 1.53 -9.25
CA VAL A 53 -6.37 2.13 -8.53
C VAL A 53 -6.11 2.15 -7.01
N LEU A 54 -6.44 3.28 -6.37
CA LEU A 54 -6.31 3.48 -4.90
C LEU A 54 -7.72 3.69 -4.29
N GLU A 55 -8.18 2.73 -3.48
CA GLU A 55 -9.52 2.79 -2.85
C GLU A 55 -9.44 3.33 -1.40
N ASN A 56 -10.18 4.43 -1.15
CA ASN A 56 -10.12 5.21 0.11
C ASN A 56 -11.45 5.04 0.90
N GLU A 57 -11.39 4.48 2.13
CA GLU A 57 -12.58 4.40 3.03
C GLU A 57 -12.14 4.33 4.51
N GLY A 58 -12.10 5.50 5.17
CA GLY A 58 -11.68 5.61 6.57
C GLY A 58 -10.23 5.15 6.81
N PRO A 59 -9.97 4.21 7.77
CA PRO A 59 -8.62 3.61 7.93
C PRO A 59 -8.26 2.61 6.79
N HIS A 60 -9.28 2.12 6.05
CA HIS A 60 -9.11 1.13 4.96
C HIS A 60 -8.49 1.80 3.71
N ARG A 61 -7.18 1.57 3.52
CA ARG A 61 -6.40 2.07 2.38
C ARG A 61 -5.76 0.89 1.63
N ARG A 62 -6.20 0.63 0.38
CA ARG A 62 -5.68 -0.51 -0.42
C ARG A 62 -5.26 -0.10 -1.85
N LEU A 63 -4.06 -0.60 -2.25
CA LEU A 63 -3.51 -0.46 -3.61
C LEU A 63 -3.84 -1.74 -4.41
N VAL A 64 -4.71 -1.63 -5.40
CA VAL A 64 -5.12 -2.77 -6.25
C VAL A 64 -4.51 -2.64 -7.67
N LEU A 65 -3.86 -3.73 -8.13
CA LEU A 65 -3.29 -3.83 -9.48
C LEU A 65 -3.95 -5.01 -10.25
N PRO A 66 -5.04 -4.74 -11.07
CA PRO A 66 -5.79 -5.79 -11.84
C PRO A 66 -4.90 -6.58 -12.83
N ALA A 67 -4.01 -5.87 -13.56
CA ALA A 67 -3.00 -6.48 -14.43
C ALA A 67 -1.60 -6.10 -13.93
N THR A 68 -1.07 -6.89 -12.97
CA THR A 68 0.24 -6.63 -12.33
C THR A 68 1.41 -6.76 -13.34
N GLN A 69 2.22 -5.72 -13.43
CA GLN A 69 3.33 -5.59 -14.41
C GLN A 69 4.69 -5.98 -13.75
N PRO A 70 5.73 -6.41 -14.54
CA PRO A 70 7.08 -6.76 -13.98
C PRO A 70 7.73 -5.59 -13.16
N SER A 71 7.49 -4.34 -13.61
CA SER A 71 8.03 -3.12 -12.96
C SER A 71 7.19 -2.66 -11.74
N ASP A 72 6.17 -3.44 -11.34
CA ASP A 72 5.49 -3.27 -10.02
C ASP A 72 6.19 -4.11 -8.92
N GLY A 73 7.27 -4.84 -9.28
CA GLY A 73 8.10 -5.58 -8.32
C GLY A 73 8.88 -4.66 -7.39
N GLY A 74 8.47 -4.59 -6.11
CA GLY A 74 9.18 -3.78 -5.09
C GLY A 74 8.37 -3.53 -3.82
N GLU A 75 8.95 -2.80 -2.86
CA GLU A 75 8.33 -2.55 -1.53
C GLU A 75 7.42 -1.30 -1.53
N PHE A 76 6.10 -1.49 -1.42
CA PHE A 76 5.12 -0.39 -1.37
C PHE A 76 4.88 0.05 0.09
N GLN A 77 5.14 1.34 0.35
CA GLN A 77 5.21 1.91 1.71
C GLN A 77 3.98 2.80 2.02
N CYS A 78 3.12 2.34 2.95
CA CYS A 78 2.00 3.14 3.46
C CYS A 78 2.50 4.05 4.60
N VAL A 79 2.85 5.30 4.28
CA VAL A 79 3.34 6.27 5.28
C VAL A 79 2.15 6.96 5.97
N ALA A 80 1.81 6.49 7.17
CA ALA A 80 0.70 7.03 7.96
C ALA A 80 1.16 8.28 8.74
N GLY A 81 2.12 8.07 9.66
CA GLY A 81 2.62 9.12 10.55
C GLY A 81 3.51 8.52 11.64
N ASP A 82 4.82 8.80 11.55
CA ASP A 82 5.89 8.20 12.41
C ASP A 82 6.23 6.75 11.96
N GLU A 83 5.22 5.88 11.79
CA GLU A 83 5.40 4.48 11.33
C GLU A 83 4.77 4.25 9.93
N CYS A 84 5.28 3.21 9.22
CA CYS A 84 4.88 2.89 7.82
C CYS A 84 4.88 1.36 7.56
N ALA A 85 3.90 0.88 6.75
CA ALA A 85 3.75 -0.56 6.40
C ALA A 85 4.43 -0.88 5.04
N TYR A 86 5.30 -1.90 5.03
CA TYR A 86 6.06 -2.33 3.83
C TYR A 86 5.42 -3.60 3.22
N PHE A 87 5.06 -3.53 1.93
CA PHE A 87 4.56 -4.70 1.16
C PHE A 87 5.59 -5.05 0.07
N THR A 88 6.32 -6.16 0.23
CA THR A 88 7.39 -6.57 -0.71
C THR A 88 6.80 -7.43 -1.84
N VAL A 89 6.59 -6.82 -3.02
CA VAL A 89 6.02 -7.51 -4.19
C VAL A 89 7.14 -8.12 -5.05
N THR A 90 7.23 -9.47 -5.02
CA THR A 90 8.28 -10.25 -5.71
C THR A 90 7.71 -10.90 -7.00
N ILE A 91 8.23 -10.48 -8.17
CA ILE A 91 7.71 -10.91 -9.49
C ILE A 91 8.82 -11.59 -10.31
N HIS A 2 -0.74 17.02 18.79
CA HIS A 2 -0.18 15.79 19.43
C HIS A 2 -1.14 14.60 19.21
N MET A 3 -0.96 13.87 18.08
CA MET A 3 -1.82 12.72 17.70
C MET A 3 -1.04 11.36 17.76
N PRO A 4 -1.58 10.32 18.50
CA PRO A 4 -1.03 8.95 18.44
C PRO A 4 -1.72 8.07 17.35
N VAL A 5 -1.16 8.08 16.12
CA VAL A 5 -1.73 7.32 14.98
C VAL A 5 -0.77 6.17 14.54
N HIS A 6 -1.10 4.95 14.97
CA HIS A 6 -0.36 3.72 14.60
C HIS A 6 -1.17 2.87 13.60
N ILE A 7 -0.47 2.01 12.88
CA ILE A 7 -1.05 1.18 11.81
C ILE A 7 -1.57 -0.18 12.38
N VAL A 8 -2.90 -0.35 12.38
CA VAL A 8 -3.57 -1.58 12.88
C VAL A 8 -3.52 -2.74 11.84
N ASP A 9 -3.62 -2.38 10.56
CA ASP A 9 -3.58 -3.34 9.43
C ASP A 9 -2.53 -2.84 8.40
N PRO A 10 -1.62 -3.70 7.85
CA PRO A 10 -1.55 -5.16 8.09
C PRO A 10 -0.53 -5.55 9.20
N ARG A 11 -0.18 -4.57 10.07
CA ARG A 11 0.88 -4.70 11.08
C ARG A 11 2.25 -5.02 10.40
N GLU A 12 2.49 -4.35 9.23
CA GLU A 12 3.80 -4.36 8.50
C GLU A 12 4.20 -5.76 7.95
N HIS A 13 5.40 -5.81 7.29
CA HIS A 13 6.02 -7.03 6.67
C HIS A 13 5.02 -7.89 5.84
N VAL A 14 4.79 -7.46 4.58
CA VAL A 14 3.86 -8.15 3.65
C VAL A 14 4.60 -8.58 2.36
N PHE A 15 4.91 -9.88 2.25
CA PHE A 15 5.55 -10.45 1.04
C PHE A 15 4.47 -11.10 0.14
N VAL A 16 4.25 -10.51 -1.04
CA VAL A 16 3.22 -10.96 -2.01
C VAL A 16 3.89 -11.59 -3.25
N HIS A 17 3.76 -12.92 -3.43
CA HIS A 17 4.19 -13.60 -4.66
C HIS A 17 3.08 -13.57 -5.73
N ALA A 18 3.47 -13.24 -6.97
CA ALA A 18 2.56 -13.24 -8.13
C ALA A 18 3.31 -13.63 -9.42
N ILE A 19 2.54 -13.89 -10.50
CA ILE A 19 3.07 -14.11 -11.86
C ILE A 19 2.91 -12.79 -12.68
N THR A 20 3.57 -12.70 -13.87
CA THR A 20 3.37 -11.58 -14.81
C THR A 20 1.87 -11.34 -15.14
N SER A 21 1.39 -10.09 -14.91
CA SER A 21 0.00 -9.65 -15.16
C SER A 21 -1.04 -10.30 -14.20
N GLU A 22 -0.58 -10.85 -13.05
CA GLU A 22 -1.47 -11.50 -12.04
C GLU A 22 -1.91 -10.44 -10.98
N CYS A 23 -3.10 -10.66 -10.35
CA CYS A 23 -3.71 -9.70 -9.38
C CYS A 23 -2.93 -9.64 -8.04
N VAL A 24 -2.64 -8.41 -7.58
CA VAL A 24 -2.03 -8.13 -6.26
C VAL A 24 -2.86 -7.06 -5.51
N MET A 25 -3.48 -7.43 -4.37
CA MET A 25 -4.23 -6.47 -3.53
C MET A 25 -3.46 -6.16 -2.22
N LEU A 26 -2.77 -5.00 -2.19
CA LEU A 26 -2.07 -4.49 -0.99
C LEU A 26 -3.11 -3.83 -0.03
N ALA A 27 -2.79 -3.80 1.27
CA ALA A 27 -3.71 -3.30 2.31
C ALA A 27 -2.96 -2.64 3.47
N CYS A 28 -3.38 -1.41 3.85
CA CYS A 28 -2.83 -0.71 5.04
C CYS A 28 -3.88 0.28 5.64
N GLU A 29 -4.36 -0.03 6.85
CA GLU A 29 -5.32 0.81 7.59
C GLU A 29 -4.75 1.25 8.95
N VAL A 30 -5.20 2.42 9.42
CA VAL A 30 -4.71 3.06 10.65
C VAL A 30 -5.76 3.03 11.78
N ASP A 31 -5.29 3.33 13.00
CA ASP A 31 -6.12 3.40 14.21
C ASP A 31 -6.92 4.73 14.27
N ARG A 32 -6.38 5.79 13.66
CA ARG A 32 -7.01 7.12 13.61
C ARG A 32 -7.43 7.47 12.16
N GLU A 33 -8.74 7.47 11.89
CA GLU A 33 -9.34 7.75 10.55
C GLU A 33 -8.98 9.18 10.04
N ASP A 34 -8.79 10.10 11.00
CA ASP A 34 -8.43 11.50 10.73
C ASP A 34 -7.00 11.65 10.12
N ALA A 35 -6.14 10.62 10.30
CA ALA A 35 -4.76 10.58 9.74
C ALA A 35 -4.54 9.29 8.90
N PRO A 36 -4.97 9.28 7.60
CA PRO A 36 -4.79 8.10 6.68
C PRO A 36 -3.35 7.97 6.10
N VAL A 37 -3.10 6.89 5.33
CA VAL A 37 -1.73 6.59 4.83
C VAL A 37 -1.47 7.18 3.41
N ARG A 38 -0.19 7.32 3.09
CA ARG A 38 0.31 7.78 1.78
C ARG A 38 1.14 6.64 1.13
N TRP A 39 0.78 6.22 -0.09
CA TRP A 39 1.43 5.08 -0.79
C TRP A 39 2.67 5.54 -1.60
N TYR A 40 3.76 4.75 -1.51
CA TYR A 40 5.05 5.01 -2.19
C TYR A 40 5.62 3.71 -2.78
N LYS A 41 6.01 3.74 -4.07
CA LYS A 41 6.62 2.58 -4.78
C LYS A 41 8.12 2.85 -5.10
N ASP A 42 9.00 2.23 -4.29
CA ASP A 42 10.48 2.19 -4.50
C ASP A 42 11.13 3.61 -4.64
N GLY A 43 10.46 4.64 -4.07
CA GLY A 43 10.94 6.04 -4.14
C GLY A 43 9.88 7.01 -4.63
N GLN A 44 9.08 6.58 -5.62
CA GLN A 44 7.99 7.41 -6.22
C GLN A 44 6.73 7.36 -5.34
N GLU A 45 5.82 8.35 -5.49
CA GLU A 45 4.51 8.35 -4.80
C GLU A 45 3.43 7.75 -5.71
N VAL A 46 2.70 6.74 -5.18
CA VAL A 46 1.68 6.00 -5.97
C VAL A 46 0.35 6.80 -6.08
N GLU A 47 -0.03 7.13 -7.32
CA GLU A 47 -1.34 7.75 -7.63
C GLU A 47 -2.19 6.82 -8.53
N GLU A 48 -3.49 7.14 -8.65
CA GLU A 48 -4.43 6.36 -9.48
C GLU A 48 -4.29 6.72 -10.97
N SER A 49 -3.53 5.88 -11.71
CA SER A 49 -3.20 6.10 -13.14
C SER A 49 -2.93 4.76 -13.85
N ASP A 50 -3.15 4.74 -15.19
CA ASP A 50 -2.89 3.58 -16.08
C ASP A 50 -3.83 2.37 -15.77
N PHE A 51 -3.54 1.66 -14.67
CA PHE A 51 -4.34 0.52 -14.17
C PHE A 51 -4.30 0.42 -12.63
N VAL A 52 -3.43 1.24 -12.00
CA VAL A 52 -3.27 1.32 -10.53
C VAL A 52 -4.46 2.11 -9.90
N VAL A 53 -5.16 1.49 -8.91
CA VAL A 53 -6.27 2.15 -8.18
C VAL A 53 -6.04 2.12 -6.65
N LEU A 54 -6.55 3.14 -5.95
CA LEU A 54 -6.42 3.29 -4.48
C LEU A 54 -7.82 3.35 -3.84
N GLU A 55 -8.14 2.35 -3.01
CA GLU A 55 -9.47 2.22 -2.37
C GLU A 55 -9.42 2.84 -0.95
N ASN A 56 -10.31 3.81 -0.67
CA ASN A 56 -10.30 4.56 0.61
C ASN A 56 -11.71 4.65 1.24
N GLU A 57 -11.74 4.66 2.58
CA GLU A 57 -12.99 4.77 3.38
C GLU A 57 -12.62 5.02 4.86
N GLY A 58 -12.49 6.30 5.25
CA GLY A 58 -12.04 6.68 6.59
C GLY A 58 -10.58 6.27 6.89
N PRO A 59 -10.32 5.23 7.75
CA PRO A 59 -8.95 4.69 7.97
C PRO A 59 -8.52 3.68 6.88
N HIS A 60 -9.49 3.22 6.04
CA HIS A 60 -9.25 2.21 4.98
C HIS A 60 -8.39 2.81 3.84
N ARG A 61 -7.22 2.20 3.57
CA ARG A 61 -6.33 2.55 2.44
C ARG A 61 -5.74 1.25 1.85
N ARG A 62 -6.42 0.67 0.85
CA ARG A 62 -6.01 -0.62 0.23
C ARG A 62 -5.78 -0.46 -1.29
N LEU A 63 -4.52 -0.69 -1.72
CA LEU A 63 -4.12 -0.60 -3.14
C LEU A 63 -4.54 -1.90 -3.87
N VAL A 64 -5.42 -1.79 -4.87
CA VAL A 64 -5.78 -2.93 -5.74
C VAL A 64 -5.05 -2.80 -7.10
N LEU A 65 -4.34 -3.87 -7.48
CA LEU A 65 -3.57 -3.93 -8.75
C LEU A 65 -4.11 -5.12 -9.60
N PRO A 66 -4.85 -4.85 -10.73
CA PRO A 66 -5.43 -5.93 -11.59
C PRO A 66 -4.36 -6.77 -12.36
N ALA A 67 -3.50 -6.10 -13.14
CA ALA A 67 -2.47 -6.76 -13.97
C ALA A 67 -1.05 -6.32 -13.53
N THR A 68 -0.47 -7.03 -12.55
CA THR A 68 0.85 -6.69 -11.97
C THR A 68 2.01 -7.24 -12.84
N GLN A 69 2.55 -6.37 -13.69
CA GLN A 69 3.73 -6.68 -14.53
C GLN A 69 5.02 -6.80 -13.66
N PRO A 70 6.16 -7.39 -14.18
CA PRO A 70 7.44 -7.46 -13.43
C PRO A 70 8.02 -6.07 -13.02
N SER A 71 7.56 -4.98 -13.67
CA SER A 71 7.95 -3.59 -13.29
C SER A 71 7.02 -3.00 -12.20
N ASP A 72 5.88 -3.66 -11.92
CA ASP A 72 4.88 -3.21 -10.91
C ASP A 72 5.02 -3.94 -9.56
N GLY A 73 6.03 -4.82 -9.44
CA GLY A 73 6.39 -5.44 -8.15
C GLY A 73 7.23 -4.53 -7.26
N GLY A 74 8.32 -5.07 -6.68
CA GLY A 74 9.28 -4.26 -5.90
C GLY A 74 8.78 -3.87 -4.50
N GLU A 75 9.41 -2.84 -3.90
CA GLU A 75 9.10 -2.38 -2.54
C GLU A 75 8.03 -1.26 -2.53
N PHE A 76 6.98 -1.44 -1.70
CA PHE A 76 5.96 -0.40 -1.43
C PHE A 76 6.06 0.09 0.04
N GLN A 77 5.45 1.25 0.31
CA GLN A 77 5.51 1.92 1.62
C GLN A 77 4.19 2.70 1.89
N CYS A 78 3.75 2.73 3.16
CA CYS A 78 2.51 3.43 3.57
C CYS A 78 2.77 4.36 4.77
N VAL A 79 3.00 5.65 4.50
CA VAL A 79 3.34 6.65 5.55
C VAL A 79 2.07 7.39 6.03
N ALA A 80 1.63 7.09 7.25
CA ALA A 80 0.39 7.68 7.84
C ALA A 80 0.65 9.13 8.34
N GLY A 81 1.26 9.23 9.53
CA GLY A 81 1.54 10.52 10.18
C GLY A 81 2.30 10.33 11.50
N ASP A 82 3.06 9.22 11.58
CA ASP A 82 3.74 8.73 12.80
C ASP A 82 4.48 7.40 12.47
N GLU A 83 3.69 6.41 12.02
CA GLU A 83 4.19 5.08 11.60
C GLU A 83 4.18 4.92 10.05
N CYS A 84 4.91 3.89 9.56
CA CYS A 84 4.93 3.55 8.11
C CYS A 84 5.07 2.02 7.88
N ALA A 85 4.20 1.46 7.00
CA ALA A 85 4.19 0.02 6.66
C ALA A 85 5.04 -0.26 5.40
N TYR A 86 5.51 -1.52 5.25
CA TYR A 86 6.38 -1.93 4.11
C TYR A 86 5.86 -3.24 3.45
N PHE A 87 5.84 -3.22 2.10
CA PHE A 87 5.36 -4.34 1.25
C PHE A 87 6.48 -4.76 0.26
N THR A 88 6.50 -6.04 -0.14
CA THR A 88 7.47 -6.58 -1.12
C THR A 88 6.75 -7.54 -2.07
N VAL A 89 6.44 -7.07 -3.30
CA VAL A 89 5.78 -7.90 -4.33
C VAL A 89 6.86 -8.50 -5.27
N THR A 90 7.00 -9.85 -5.25
CA THR A 90 7.97 -10.58 -6.11
C THR A 90 7.23 -11.30 -7.25
N ILE A 91 7.54 -10.92 -8.50
CA ILE A 91 6.93 -11.51 -9.72
C ILE A 91 7.81 -12.64 -10.31
N HIS A 2 -5.88 15.76 19.71
CA HIS A 2 -5.15 15.61 18.42
C HIS A 2 -4.20 14.38 18.50
N MET A 3 -4.78 13.19 18.29
CA MET A 3 -4.03 11.91 18.28
C MET A 3 -3.55 11.56 16.85
N PRO A 4 -2.30 11.03 16.68
CA PRO A 4 -1.73 10.70 15.35
C PRO A 4 -2.35 9.41 14.72
N VAL A 5 -1.66 8.80 13.74
CA VAL A 5 -2.18 7.61 13.02
C VAL A 5 -1.17 6.43 13.04
N HIS A 6 -1.40 5.50 13.99
CA HIS A 6 -0.58 4.29 14.12
C HIS A 6 -1.08 3.19 13.16
N ILE A 7 -0.17 2.67 12.31
CA ILE A 7 -0.48 1.54 11.41
C ILE A 7 -0.57 0.24 12.22
N VAL A 8 -1.81 -0.16 12.54
CA VAL A 8 -2.11 -1.40 13.29
C VAL A 8 -2.14 -2.63 12.34
N ASP A 9 -2.42 -2.38 11.06
CA ASP A 9 -2.43 -3.39 10.00
C ASP A 9 -1.85 -2.77 8.70
N PRO A 10 -0.80 -3.37 8.07
CA PRO A 10 -0.10 -4.56 8.59
C PRO A 10 0.82 -4.24 9.81
N ARG A 11 0.88 -5.22 10.74
CA ARG A 11 1.73 -5.14 11.95
C ARG A 11 3.23 -4.96 11.63
N GLU A 12 3.64 -5.48 10.46
CA GLU A 12 5.07 -5.59 10.07
C GLU A 12 5.21 -5.84 8.55
N HIS A 13 6.44 -6.20 8.14
CA HIS A 13 6.79 -6.61 6.75
C HIS A 13 5.85 -7.70 6.18
N VAL A 14 5.29 -7.45 4.98
CA VAL A 14 4.42 -8.42 4.26
C VAL A 14 5.04 -8.78 2.90
N PHE A 15 5.53 -10.03 2.77
CA PHE A 15 6.07 -10.56 1.51
C PHE A 15 4.91 -11.09 0.63
N VAL A 16 4.66 -10.41 -0.51
CA VAL A 16 3.58 -10.76 -1.45
C VAL A 16 4.16 -11.36 -2.75
N HIS A 17 3.90 -12.66 -3.00
CA HIS A 17 4.22 -13.28 -4.31
C HIS A 17 3.09 -12.97 -5.32
N ALA A 18 3.41 -12.15 -6.33
CA ALA A 18 2.52 -11.85 -7.45
C ALA A 18 2.87 -12.70 -8.70
N ILE A 19 1.90 -12.88 -9.59
CA ILE A 19 2.10 -13.50 -10.93
C ILE A 19 1.87 -12.41 -12.02
N THR A 20 2.43 -12.62 -13.23
CA THR A 20 2.20 -11.72 -14.38
C THR A 20 0.69 -11.61 -14.73
N SER A 21 0.19 -10.36 -14.79
CA SER A 21 -1.22 -10.01 -15.08
C SER A 21 -2.23 -10.44 -13.96
N GLU A 22 -1.70 -10.79 -12.77
CA GLU A 22 -2.52 -11.27 -11.62
C GLU A 22 -2.94 -10.08 -10.72
N CYS A 23 -4.10 -10.19 -10.04
CA CYS A 23 -4.67 -9.12 -9.18
C CYS A 23 -4.05 -9.11 -7.76
N VAL A 24 -3.34 -8.01 -7.42
CA VAL A 24 -2.75 -7.79 -6.06
C VAL A 24 -3.46 -6.62 -5.37
N MET A 25 -3.90 -6.79 -4.12
CA MET A 25 -4.51 -5.71 -3.30
C MET A 25 -3.78 -5.60 -1.95
N LEU A 26 -2.93 -4.57 -1.81
CA LEU A 26 -2.22 -4.27 -0.55
C LEU A 26 -3.15 -3.50 0.40
N ALA A 27 -3.67 -4.20 1.41
CA ALA A 27 -4.58 -3.60 2.41
C ALA A 27 -3.76 -3.03 3.60
N CYS A 28 -4.20 -1.88 4.11
CA CYS A 28 -3.62 -1.25 5.33
C CYS A 28 -4.77 -0.66 6.18
N GLU A 29 -4.95 -1.22 7.38
CA GLU A 29 -5.95 -0.74 8.35
C GLU A 29 -5.21 0.03 9.47
N VAL A 30 -5.69 1.21 9.80
CA VAL A 30 -5.00 2.14 10.71
C VAL A 30 -5.93 2.61 11.85
N ASP A 31 -5.33 3.02 12.98
CA ASP A 31 -6.06 3.45 14.20
C ASP A 31 -7.01 4.66 13.94
N ARG A 32 -6.55 5.62 13.11
CA ARG A 32 -7.28 6.88 12.88
C ARG A 32 -8.23 6.77 11.65
N GLU A 33 -9.50 7.18 11.82
CA GLU A 33 -10.48 7.20 10.71
C GLU A 33 -10.18 8.35 9.72
N ASP A 34 -9.76 9.51 10.25
CA ASP A 34 -9.37 10.69 9.44
C ASP A 34 -7.87 10.63 9.03
N ALA A 35 -7.37 9.40 8.81
CA ALA A 35 -5.95 9.12 8.53
C ALA A 35 -5.48 9.58 7.12
N PRO A 36 -4.54 10.56 7.03
CA PRO A 36 -3.81 10.83 5.78
C PRO A 36 -2.69 9.77 5.57
N VAL A 37 -2.56 9.26 4.34
CA VAL A 37 -1.54 8.24 3.99
C VAL A 37 -0.80 8.60 2.70
N ARG A 38 0.34 7.93 2.47
CA ARG A 38 1.16 8.13 1.28
C ARG A 38 1.74 6.77 0.84
N TRP A 39 1.19 6.22 -0.24
CA TRP A 39 1.60 4.91 -0.77
C TRP A 39 2.83 5.10 -1.68
N TYR A 40 3.81 4.20 -1.54
CA TYR A 40 5.01 4.18 -2.41
C TYR A 40 5.03 2.87 -3.22
N LYS A 41 5.93 2.78 -4.22
CA LYS A 41 5.88 1.71 -5.24
C LYS A 41 7.29 1.38 -5.79
N ASP A 42 7.98 2.42 -6.30
CA ASP A 42 9.29 2.28 -7.00
C ASP A 42 10.26 3.40 -6.55
N GLY A 43 10.17 3.78 -5.26
CA GLY A 43 10.85 4.96 -4.71
C GLY A 43 9.99 6.22 -4.80
N GLN A 44 9.15 6.27 -5.85
CA GLN A 44 8.13 7.31 -6.07
C GLN A 44 6.83 6.92 -5.32
N GLU A 45 6.02 7.94 -4.94
CA GLU A 45 4.69 7.69 -4.35
C GLU A 45 3.65 7.38 -5.46
N VAL A 46 2.46 6.90 -5.06
CA VAL A 46 1.40 6.50 -5.99
C VAL A 46 0.39 7.65 -6.18
N GLU A 47 0.47 8.27 -7.36
CA GLU A 47 -0.46 9.33 -7.81
C GLU A 47 -1.29 8.77 -9.00
N GLU A 48 -1.61 7.46 -8.88
CA GLU A 48 -2.18 6.61 -9.97
C GLU A 48 -1.21 6.49 -11.18
N SER A 49 -1.56 5.60 -12.14
CA SER A 49 -0.73 5.35 -13.34
C SER A 49 -1.58 4.81 -14.50
N ASP A 50 -1.99 3.54 -14.37
CA ASP A 50 -2.78 2.81 -15.37
C ASP A 50 -3.31 1.50 -14.75
N PHE A 51 -2.36 0.64 -14.33
CA PHE A 51 -2.65 -0.57 -13.53
C PHE A 51 -2.46 -0.33 -12.02
N VAL A 52 -1.99 0.86 -11.63
CA VAL A 52 -1.77 1.20 -10.20
C VAL A 52 -2.81 2.27 -9.77
N VAL A 53 -3.81 1.86 -8.97
CA VAL A 53 -4.91 2.75 -8.48
C VAL A 53 -5.09 2.61 -6.94
N LEU A 54 -5.67 3.65 -6.30
CA LEU A 54 -5.89 3.69 -4.84
C LEU A 54 -7.40 3.75 -4.48
N GLU A 55 -7.83 2.88 -3.55
CA GLU A 55 -9.17 2.89 -2.94
C GLU A 55 -9.05 3.19 -1.43
N ASN A 56 -9.64 4.31 -0.98
CA ASN A 56 -9.46 4.81 0.41
C ASN A 56 -10.82 5.20 1.03
N GLU A 57 -11.22 4.47 2.09
CA GLU A 57 -12.48 4.74 2.83
C GLU A 57 -12.28 4.57 4.35
N GLY A 58 -12.50 5.67 5.11
CA GLY A 58 -12.36 5.68 6.57
C GLY A 58 -10.94 5.34 7.07
N PRO A 59 -10.78 4.42 8.05
CA PRO A 59 -9.45 3.94 8.50
C PRO A 59 -8.90 2.77 7.63
N HIS A 60 -9.62 2.43 6.54
CA HIS A 60 -9.21 1.38 5.58
C HIS A 60 -8.62 2.03 4.29
N ARG A 61 -7.30 1.90 4.15
CA ARG A 61 -6.53 2.41 2.99
C ARG A 61 -5.94 1.22 2.22
N ARG A 62 -6.23 1.08 0.92
CA ARG A 62 -5.79 -0.09 0.13
C ARG A 62 -5.33 0.31 -1.30
N LEU A 63 -4.16 -0.23 -1.70
CA LEU A 63 -3.62 -0.10 -3.06
C LEU A 63 -4.13 -1.29 -3.92
N VAL A 64 -4.92 -0.97 -4.96
CA VAL A 64 -5.47 -1.99 -5.87
C VAL A 64 -4.61 -2.07 -7.17
N LEU A 65 -4.21 -3.30 -7.52
CA LEU A 65 -3.43 -3.59 -8.75
C LEU A 65 -4.25 -4.61 -9.60
N PRO A 66 -5.11 -4.12 -10.57
CA PRO A 66 -5.92 -5.00 -11.47
C PRO A 66 -5.12 -6.12 -12.19
N ALA A 67 -3.99 -5.77 -12.80
CA ALA A 67 -3.14 -6.75 -13.54
C ALA A 67 -1.64 -6.38 -13.37
N THR A 68 -0.98 -7.10 -12.44
CA THR A 68 0.41 -6.79 -11.99
C THR A 68 1.46 -7.29 -12.99
N GLN A 69 2.09 -6.33 -13.71
CA GLN A 69 3.16 -6.59 -14.68
C GLN A 69 4.52 -6.78 -13.94
N PRO A 70 5.52 -7.53 -14.53
CA PRO A 70 6.84 -7.82 -13.86
C PRO A 70 7.57 -6.56 -13.31
N SER A 71 7.36 -5.41 -13.98
CA SER A 71 7.93 -4.10 -13.58
C SER A 71 7.29 -3.55 -12.27
N ASP A 72 5.98 -3.81 -12.07
CA ASP A 72 5.22 -3.32 -10.87
C ASP A 72 5.69 -3.98 -9.54
N GLY A 73 6.36 -5.13 -9.65
CA GLY A 73 6.80 -5.92 -8.48
C GLY A 73 8.09 -5.36 -7.85
N GLY A 74 7.92 -4.40 -6.93
CA GLY A 74 9.03 -3.81 -6.17
C GLY A 74 8.73 -3.69 -4.67
N GLU A 75 9.30 -2.66 -4.03
CA GLU A 75 9.08 -2.36 -2.60
C GLU A 75 8.03 -1.24 -2.44
N PHE A 76 6.85 -1.60 -1.96
CA PHE A 76 5.77 -0.65 -1.66
C PHE A 76 5.86 -0.20 -0.19
N GLN A 77 5.50 1.06 0.10
CA GLN A 77 5.61 1.63 1.48
C GLN A 77 4.43 2.58 1.78
N CYS A 78 3.51 2.15 2.66
CA CYS A 78 2.39 2.97 3.12
C CYS A 78 2.81 3.83 4.34
N VAL A 79 3.14 5.11 4.10
CA VAL A 79 3.49 6.07 5.16
C VAL A 79 2.22 6.82 5.63
N ALA A 80 1.70 6.46 6.81
CA ALA A 80 0.53 7.14 7.40
C ALA A 80 0.96 8.47 8.08
N GLY A 81 1.97 8.37 8.96
CA GLY A 81 2.51 9.55 9.66
C GLY A 81 3.68 9.18 10.55
N ASP A 82 3.38 8.76 11.78
CA ASP A 82 4.40 8.26 12.74
C ASP A 82 4.94 6.88 12.27
N GLU A 83 4.04 5.98 11.81
CA GLU A 83 4.42 4.64 11.29
C GLU A 83 4.44 4.58 9.75
N CYS A 84 5.24 3.64 9.21
CA CYS A 84 5.30 3.33 7.76
C CYS A 84 5.43 1.79 7.56
N ALA A 85 4.49 1.20 6.81
CA ALA A 85 4.41 -0.26 6.57
C ALA A 85 5.13 -0.65 5.25
N TYR A 86 5.85 -1.80 5.27
CA TYR A 86 6.67 -2.26 4.12
C TYR A 86 6.05 -3.53 3.47
N PHE A 87 5.95 -3.51 2.14
CA PHE A 87 5.41 -4.63 1.33
C PHE A 87 6.47 -5.03 0.27
N THR A 88 7.02 -6.25 0.40
CA THR A 88 8.03 -6.78 -0.56
C THR A 88 7.32 -7.70 -1.60
N VAL A 89 7.08 -7.16 -2.81
CA VAL A 89 6.32 -7.88 -3.87
C VAL A 89 7.28 -8.46 -4.94
N THR A 90 7.24 -9.80 -5.13
CA THR A 90 8.10 -10.54 -6.07
C THR A 90 7.25 -11.33 -7.11
N ILE A 91 7.62 -11.21 -8.40
CA ILE A 91 6.85 -11.81 -9.53
C ILE A 91 7.68 -12.88 -10.26
N HIS A 2 -7.08 15.36 19.44
CA HIS A 2 -6.20 15.14 18.27
C HIS A 2 -5.00 14.25 18.66
N MET A 3 -5.13 12.93 18.41
CA MET A 3 -4.17 11.91 18.88
C MET A 3 -3.12 11.53 17.77
N PRO A 4 -1.92 10.96 18.14
CA PRO A 4 -0.97 10.35 17.17
C PRO A 4 -1.60 9.27 16.25
N VAL A 5 -1.10 9.17 14.99
CA VAL A 5 -1.62 8.21 14.00
C VAL A 5 -0.76 6.92 13.93
N HIS A 6 -1.39 5.76 14.20
CA HIS A 6 -0.71 4.44 14.24
C HIS A 6 -1.37 3.41 13.31
N ILE A 7 -0.55 2.68 12.54
CA ILE A 7 -1.01 1.55 11.71
C ILE A 7 -1.20 0.30 12.59
N VAL A 8 -2.45 -0.18 12.66
CA VAL A 8 -2.81 -1.37 13.44
C VAL A 8 -2.47 -2.68 12.66
N ASP A 9 -2.73 -2.67 11.34
CA ASP A 9 -2.53 -3.84 10.45
C ASP A 9 -2.39 -3.38 8.98
N PRO A 10 -1.28 -3.75 8.22
CA PRO A 10 -0.14 -4.57 8.72
C PRO A 10 0.89 -3.72 9.51
N ARG A 11 1.30 -4.22 10.67
CA ARG A 11 2.26 -3.57 11.56
C ARG A 11 3.72 -4.10 11.30
N GLU A 12 3.87 -4.90 10.22
CA GLU A 12 5.13 -5.63 9.91
C GLU A 12 5.41 -5.72 8.38
N HIS A 13 6.39 -6.57 8.00
CA HIS A 13 6.81 -6.79 6.59
C HIS A 13 5.96 -7.90 5.92
N VAL A 14 5.10 -7.51 4.95
CA VAL A 14 4.25 -8.45 4.17
C VAL A 14 4.89 -8.75 2.78
N PHE A 15 5.36 -9.99 2.60
CA PHE A 15 6.00 -10.43 1.34
C PHE A 15 4.94 -11.03 0.38
N VAL A 16 4.76 -10.40 -0.79
CA VAL A 16 3.82 -10.85 -1.84
C VAL A 16 4.59 -11.30 -3.11
N HIS A 17 4.57 -12.61 -3.43
CA HIS A 17 5.04 -13.09 -4.74
C HIS A 17 3.95 -12.84 -5.81
N ALA A 18 4.21 -11.87 -6.70
CA ALA A 18 3.28 -11.51 -7.78
C ALA A 18 3.66 -12.20 -9.11
N ILE A 19 2.68 -12.29 -10.02
CA ILE A 19 2.83 -12.87 -11.38
C ILE A 19 2.18 -11.90 -12.42
N THR A 20 2.66 -11.94 -13.68
CA THR A 20 2.17 -11.05 -14.78
C THR A 20 0.81 -11.52 -15.38
N SER A 21 -0.17 -11.78 -14.49
CA SER A 21 -1.50 -12.34 -14.85
C SER A 21 -2.52 -12.09 -13.70
N GLU A 22 -2.11 -12.46 -12.47
CA GLU A 22 -2.95 -12.29 -11.25
C GLU A 22 -3.02 -10.81 -10.79
N CYS A 23 -3.98 -10.53 -9.89
CA CYS A 23 -4.16 -9.18 -9.29
C CYS A 23 -3.46 -9.08 -7.92
N VAL A 24 -2.71 -7.99 -7.68
CA VAL A 24 -2.10 -7.71 -6.35
C VAL A 24 -2.96 -6.69 -5.58
N MET A 25 -3.69 -7.17 -4.54
CA MET A 25 -4.50 -6.30 -3.67
C MET A 25 -3.79 -6.14 -2.30
N LEU A 26 -2.97 -5.08 -2.21
CA LEU A 26 -2.36 -4.65 -0.94
C LEU A 26 -3.39 -3.86 -0.12
N ALA A 27 -3.33 -3.97 1.21
CA ALA A 27 -4.26 -3.26 2.12
C ALA A 27 -3.54 -2.82 3.40
N CYS A 28 -3.82 -1.58 3.85
CA CYS A 28 -3.27 -1.01 5.09
C CYS A 28 -4.35 -0.21 5.83
N GLU A 29 -4.37 -0.34 7.17
CA GLU A 29 -5.38 0.31 8.03
C GLU A 29 -4.71 1.04 9.20
N VAL A 30 -5.08 2.31 9.39
CA VAL A 30 -4.67 3.12 10.56
C VAL A 30 -5.75 3.08 11.65
N ASP A 31 -5.39 3.55 12.85
CA ASP A 31 -6.31 3.66 14.00
C ASP A 31 -6.99 5.06 14.01
N ARG A 32 -6.30 6.06 13.43
CA ARG A 32 -6.79 7.48 13.37
C ARG A 32 -7.44 7.74 11.98
N GLU A 33 -8.79 7.81 11.96
CA GLU A 33 -9.58 8.08 10.72
C GLU A 33 -9.21 9.41 10.03
N ASP A 34 -8.75 10.38 10.85
CA ASP A 34 -8.35 11.74 10.40
C ASP A 34 -7.12 11.70 9.47
N ALA A 35 -6.26 10.67 9.63
CA ALA A 35 -4.97 10.56 8.93
C ALA A 35 -4.75 9.12 8.40
N PRO A 36 -5.16 8.80 7.12
CA PRO A 36 -4.80 7.51 6.47
C PRO A 36 -3.33 7.50 5.96
N VAL A 37 -2.92 6.42 5.26
CA VAL A 37 -1.51 6.26 4.80
C VAL A 37 -1.27 6.92 3.42
N ARG A 38 0.00 7.21 3.11
CA ARG A 38 0.46 7.50 1.73
C ARG A 38 1.05 6.20 1.15
N TRP A 39 0.58 5.80 -0.05
CA TRP A 39 1.11 4.61 -0.75
C TRP A 39 2.34 5.00 -1.59
N TYR A 40 3.48 4.38 -1.30
CA TYR A 40 4.75 4.58 -2.06
C TYR A 40 5.12 3.29 -2.78
N LYS A 41 5.66 3.40 -4.00
CA LYS A 41 6.05 2.22 -4.82
C LYS A 41 7.56 1.91 -4.68
N ASP A 42 8.37 2.97 -4.51
CA ASP A 42 9.84 2.88 -4.43
C ASP A 42 10.39 4.08 -3.60
N GLY A 43 10.32 5.28 -4.19
CA GLY A 43 10.77 6.53 -3.55
C GLY A 43 9.81 7.70 -3.77
N GLN A 44 8.66 7.40 -4.40
CA GLN A 44 7.57 8.37 -4.63
C GLN A 44 6.22 7.62 -4.59
N GLU A 45 5.10 8.36 -4.49
CA GLU A 45 3.74 7.78 -4.42
C GLU A 45 3.42 6.91 -5.67
N VAL A 46 2.64 5.82 -5.47
CA VAL A 46 2.35 4.81 -6.53
C VAL A 46 1.57 5.43 -7.73
N GLU A 47 0.78 6.49 -7.44
CA GLU A 47 -0.06 7.25 -8.42
C GLU A 47 -1.21 6.39 -9.00
N GLU A 48 -2.44 6.93 -9.01
CA GLU A 48 -3.62 6.23 -9.57
C GLU A 48 -3.55 6.27 -11.12
N SER A 49 -2.77 5.35 -11.69
CA SER A 49 -2.48 5.29 -13.14
C SER A 49 -3.46 4.37 -13.90
N ASP A 50 -3.20 4.11 -15.20
CA ASP A 50 -4.08 3.28 -16.07
C ASP A 50 -4.24 1.82 -15.56
N PHE A 51 -3.24 1.31 -14.81
CA PHE A 51 -3.25 -0.06 -14.22
C PHE A 51 -3.24 -0.03 -12.67
N VAL A 52 -3.26 1.18 -12.05
CA VAL A 52 -3.25 1.32 -10.57
C VAL A 52 -4.51 2.07 -10.08
N VAL A 53 -5.28 1.45 -9.15
CA VAL A 53 -6.40 2.15 -8.45
C VAL A 53 -6.16 2.12 -6.91
N LEU A 54 -5.97 3.31 -6.32
CA LEU A 54 -5.82 3.49 -4.85
C LEU A 54 -7.20 3.86 -4.24
N GLU A 55 -7.79 2.93 -3.49
CA GLU A 55 -9.12 3.11 -2.87
C GLU A 55 -9.01 3.38 -1.35
N ASN A 56 -9.96 4.18 -0.81
CA ASN A 56 -9.99 4.58 0.61
C ASN A 56 -11.42 4.46 1.19
N GLU A 57 -11.51 4.17 2.50
CA GLU A 57 -12.75 4.27 3.29
C GLU A 57 -12.38 4.69 4.73
N GLY A 58 -12.26 6.03 4.93
CA GLY A 58 -11.83 6.62 6.22
C GLY A 58 -10.43 6.18 6.67
N PRO A 59 -10.30 5.29 7.72
CA PRO A 59 -8.99 4.75 8.16
C PRO A 59 -8.46 3.60 7.25
N HIS A 60 -9.34 3.06 6.38
CA HIS A 60 -9.02 1.91 5.50
C HIS A 60 -8.39 2.39 4.18
N ARG A 61 -7.34 1.69 3.76
CA ARG A 61 -6.60 1.94 2.49
C ARG A 61 -6.38 0.60 1.76
N ARG A 62 -6.41 0.63 0.42
CA ARG A 62 -6.14 -0.56 -0.42
C ARG A 62 -5.62 -0.19 -1.83
N LEU A 63 -4.48 -0.79 -2.18
CA LEU A 63 -3.89 -0.74 -3.55
C LEU A 63 -4.35 -1.98 -4.32
N VAL A 64 -5.20 -1.80 -5.34
CA VAL A 64 -5.62 -2.90 -6.23
C VAL A 64 -4.94 -2.76 -7.61
N LEU A 65 -4.09 -3.74 -7.95
CA LEU A 65 -3.41 -3.85 -9.26
C LEU A 65 -4.11 -4.97 -10.07
N PRO A 66 -5.11 -4.64 -10.97
CA PRO A 66 -5.92 -5.65 -11.73
C PRO A 66 -5.05 -6.64 -12.58
N ALA A 67 -4.31 -6.10 -13.56
CA ALA A 67 -3.36 -6.88 -14.38
C ALA A 67 -1.92 -6.46 -14.00
N THR A 68 -1.30 -7.20 -13.06
CA THR A 68 0.06 -6.87 -12.55
C THR A 68 1.11 -7.03 -13.66
N GLN A 69 1.84 -5.94 -13.94
CA GLN A 69 2.92 -5.91 -14.94
C GLN A 69 4.30 -6.06 -14.24
N PRO A 70 5.39 -6.48 -14.97
CA PRO A 70 6.74 -6.73 -14.36
C PRO A 70 7.31 -5.50 -13.58
N SER A 71 7.24 -4.30 -14.19
CA SER A 71 7.77 -3.06 -13.56
C SER A 71 6.71 -2.35 -12.68
N ASP A 72 5.47 -2.91 -12.59
CA ASP A 72 4.41 -2.41 -11.66
C ASP A 72 4.55 -3.02 -10.24
N GLY A 73 5.52 -3.94 -10.06
CA GLY A 73 5.87 -4.49 -8.74
C GLY A 73 6.98 -3.70 -8.05
N GLY A 74 7.44 -4.20 -6.89
CA GLY A 74 8.55 -3.57 -6.13
C GLY A 74 8.29 -3.53 -4.63
N GLU A 75 9.02 -2.66 -3.91
CA GLU A 75 8.89 -2.53 -2.44
C GLU A 75 8.00 -1.32 -2.08
N PHE A 76 6.75 -1.62 -1.72
CA PHE A 76 5.72 -0.61 -1.39
C PHE A 76 5.77 -0.26 0.12
N GLN A 77 5.41 1.00 0.44
CA GLN A 77 5.43 1.50 1.83
C GLN A 77 4.19 2.39 2.11
N CYS A 78 3.50 2.11 3.21
CA CYS A 78 2.33 2.88 3.66
C CYS A 78 2.70 3.79 4.86
N VAL A 79 2.96 5.09 4.62
CA VAL A 79 3.35 6.03 5.70
C VAL A 79 2.12 6.77 6.26
N ALA A 80 1.72 6.39 7.48
CA ALA A 80 0.62 7.05 8.23
C ALA A 80 1.07 8.38 8.86
N GLY A 81 2.32 8.38 9.36
CA GLY A 81 2.92 9.55 10.02
C GLY A 81 4.26 9.18 10.65
N ASP A 82 4.25 8.87 11.96
CA ASP A 82 5.41 8.25 12.65
C ASP A 82 5.51 6.74 12.29
N GLU A 83 4.35 6.15 11.96
CA GLU A 83 4.23 4.72 11.57
C GLU A 83 4.28 4.53 10.05
N CYS A 84 4.87 3.39 9.61
CA CYS A 84 4.95 3.00 8.19
C CYS A 84 4.96 1.47 8.02
N ALA A 85 4.05 0.95 7.18
CA ALA A 85 3.94 -0.49 6.85
C ALA A 85 4.76 -0.81 5.58
N TYR A 86 5.16 -2.09 5.41
CA TYR A 86 6.03 -2.52 4.29
C TYR A 86 5.43 -3.72 3.54
N PHE A 87 5.52 -3.68 2.19
CA PHE A 87 5.07 -4.75 1.29
C PHE A 87 6.18 -5.04 0.25
N THR A 88 6.84 -6.21 0.32
CA THR A 88 7.83 -6.61 -0.71
C THR A 88 7.13 -7.45 -1.79
N VAL A 89 6.78 -6.79 -2.90
CA VAL A 89 6.09 -7.42 -4.05
C VAL A 89 7.13 -7.77 -5.14
N THR A 90 7.51 -9.06 -5.21
CA THR A 90 8.50 -9.55 -6.20
C THR A 90 7.78 -10.34 -7.32
N ILE A 91 7.90 -9.86 -8.57
CA ILE A 91 7.23 -10.48 -9.74
C ILE A 91 7.88 -11.84 -10.12
N HIS A 2 -7.57 15.09 19.82
CA HIS A 2 -6.33 15.30 19.04
C HIS A 2 -5.19 14.41 19.60
N MET A 3 -5.14 13.14 19.12
CA MET A 3 -4.09 12.16 19.47
C MET A 3 -3.20 11.87 18.23
N PRO A 4 -1.94 11.32 18.39
CA PRO A 4 -1.10 10.91 17.22
C PRO A 4 -1.66 9.64 16.50
N VAL A 5 -1.04 9.26 15.37
CA VAL A 5 -1.50 8.10 14.55
C VAL A 5 -0.66 6.84 14.81
N HIS A 6 -1.29 5.67 14.67
CA HIS A 6 -0.61 4.37 14.72
C HIS A 6 -1.32 3.34 13.81
N ILE A 7 -0.51 2.58 13.02
CA ILE A 7 -1.01 1.53 12.11
C ILE A 7 -1.37 0.26 12.91
N VAL A 8 -2.60 -0.23 12.72
CA VAL A 8 -3.10 -1.44 13.41
C VAL A 8 -2.83 -2.73 12.58
N ASP A 9 -2.88 -2.59 11.24
CA ASP A 9 -2.65 -3.72 10.31
C ASP A 9 -2.18 -3.20 8.92
N PRO A 10 -0.96 -3.58 8.40
CA PRO A 10 0.01 -4.48 9.09
C PRO A 10 0.94 -3.74 10.09
N ARG A 11 1.49 -4.50 11.06
CA ARG A 11 2.43 -3.96 12.08
C ARG A 11 3.78 -3.54 11.45
N GLU A 12 4.41 -4.48 10.72
CA GLU A 12 5.79 -4.30 10.17
C GLU A 12 5.86 -4.50 8.63
N HIS A 13 5.92 -5.75 8.16
CA HIS A 13 6.18 -6.07 6.74
C HIS A 13 5.38 -7.31 6.30
N VAL A 14 4.83 -7.26 5.06
CA VAL A 14 4.05 -8.38 4.47
C VAL A 14 4.60 -8.75 3.08
N PHE A 15 4.99 -10.04 2.94
CA PHE A 15 5.54 -10.60 1.68
C PHE A 15 4.40 -11.16 0.79
N VAL A 16 4.44 -10.83 -0.51
CA VAL A 16 3.41 -11.20 -1.51
C VAL A 16 4.07 -11.75 -2.79
N HIS A 17 3.46 -12.79 -3.40
CA HIS A 17 3.88 -13.33 -4.72
C HIS A 17 2.98 -12.76 -5.84
N ALA A 18 3.58 -12.43 -6.99
CA ALA A 18 2.83 -11.89 -8.15
C ALA A 18 3.46 -12.30 -9.49
N ILE A 19 2.62 -12.22 -10.53
CA ILE A 19 2.96 -12.52 -11.95
C ILE A 19 2.20 -11.47 -12.82
N THR A 20 2.57 -11.29 -14.10
CA THR A 20 1.81 -10.42 -15.06
C THR A 20 0.32 -10.85 -15.19
N SER A 21 0.05 -12.13 -14.94
CA SER A 21 -1.32 -12.74 -14.95
C SER A 21 -2.12 -12.45 -13.65
N GLU A 22 -1.42 -11.99 -12.58
CA GLU A 22 -2.04 -11.82 -11.23
C GLU A 22 -2.60 -10.40 -11.00
N CYS A 23 -3.47 -10.32 -9.98
CA CYS A 23 -4.05 -9.05 -9.48
C CYS A 23 -3.72 -8.92 -7.97
N VAL A 24 -2.84 -7.96 -7.62
CA VAL A 24 -2.39 -7.75 -6.22
C VAL A 24 -3.18 -6.59 -5.56
N MET A 25 -3.87 -6.92 -4.46
CA MET A 25 -4.71 -5.97 -3.70
C MET A 25 -4.17 -5.84 -2.25
N LEU A 26 -3.24 -4.88 -2.05
CA LEU A 26 -2.59 -4.62 -0.75
C LEU A 26 -3.44 -3.64 0.09
N ALA A 27 -3.31 -3.69 1.42
CA ALA A 27 -4.06 -2.82 2.35
C ALA A 27 -3.19 -2.31 3.51
N CYS A 28 -3.37 -1.03 3.87
CA CYS A 28 -2.76 -0.40 5.05
C CYS A 28 -3.85 0.34 5.85
N GLU A 29 -4.05 -0.08 7.10
CA GLU A 29 -5.17 0.38 7.94
C GLU A 29 -4.65 0.97 9.27
N VAL A 30 -5.13 2.18 9.58
CA VAL A 30 -4.86 2.85 10.86
C VAL A 30 -6.15 2.94 11.70
N ASP A 31 -6.00 3.18 13.01
CA ASP A 31 -7.14 3.44 13.91
C ASP A 31 -7.46 4.96 13.96
N ARG A 32 -6.57 5.79 13.36
CA ARG A 32 -6.63 7.26 13.46
C ARG A 32 -6.86 7.85 12.03
N GLU A 33 -8.15 7.98 11.64
CA GLU A 33 -8.60 8.47 10.30
C GLU A 33 -8.05 9.88 9.97
N ASP A 34 -8.07 10.77 10.98
CA ASP A 34 -7.57 12.17 10.89
C ASP A 34 -6.14 12.27 10.24
N ALA A 35 -5.36 11.18 10.37
CA ALA A 35 -4.06 11.02 9.69
C ALA A 35 -4.15 9.86 8.63
N PRO A 36 -4.51 10.18 7.34
CA PRO A 36 -4.61 9.16 6.26
C PRO A 36 -3.22 8.69 5.75
N VAL A 37 -3.12 7.41 5.30
CA VAL A 37 -1.85 6.84 4.82
C VAL A 37 -1.59 7.19 3.32
N ARG A 38 -0.31 7.12 2.92
CA ARG A 38 0.13 7.41 1.53
C ARG A 38 1.02 6.26 1.00
N TRP A 39 0.68 5.74 -0.18
CA TRP A 39 1.42 4.63 -0.82
C TRP A 39 2.60 5.18 -1.67
N TYR A 40 3.73 4.44 -1.65
CA TYR A 40 4.95 4.78 -2.42
C TYR A 40 5.51 3.50 -3.09
N LYS A 41 5.95 3.60 -4.36
CA LYS A 41 6.49 2.45 -5.11
C LYS A 41 7.32 2.96 -6.32
N ASP A 42 8.51 2.35 -6.53
CA ASP A 42 9.56 2.81 -7.50
C ASP A 42 10.13 4.21 -7.12
N GLY A 43 9.95 4.62 -5.85
CA GLY A 43 10.32 5.98 -5.40
C GLY A 43 9.27 7.06 -5.74
N GLN A 44 8.18 6.65 -6.43
CA GLN A 44 7.09 7.54 -6.85
C GLN A 44 5.98 7.61 -5.77
N GLU A 45 5.20 8.71 -5.77
CA GLU A 45 4.12 8.94 -4.79
C GLU A 45 2.87 8.07 -5.03
N VAL A 46 2.83 7.32 -6.16
CA VAL A 46 1.69 6.45 -6.55
C VAL A 46 0.40 7.29 -6.82
N GLU A 47 0.12 7.53 -8.10
CA GLU A 47 -1.10 8.25 -8.56
C GLU A 47 -1.98 7.29 -9.40
N GLU A 48 -3.29 7.57 -9.42
CA GLU A 48 -4.28 6.71 -10.09
C GLU A 48 -4.27 6.92 -11.62
N SER A 49 -3.96 5.83 -12.34
CA SER A 49 -3.84 5.79 -13.80
C SER A 49 -4.38 4.43 -14.32
N ASP A 50 -3.95 4.01 -15.52
CA ASP A 50 -4.40 2.75 -16.17
C ASP A 50 -4.14 1.49 -15.28
N PHE A 51 -2.88 1.27 -14.93
CA PHE A 51 -2.44 0.05 -14.21
C PHE A 51 -2.54 0.19 -12.67
N VAL A 52 -2.69 1.43 -12.16
CA VAL A 52 -2.71 1.71 -10.70
C VAL A 52 -4.03 2.38 -10.28
N VAL A 53 -4.78 1.79 -9.34
CA VAL A 53 -6.00 2.41 -8.76
C VAL A 53 -6.03 2.23 -7.22
N LEU A 54 -6.48 3.28 -6.50
CA LEU A 54 -6.54 3.29 -5.03
C LEU A 54 -8.02 3.28 -4.55
N GLU A 55 -8.32 2.47 -3.52
CA GLU A 55 -9.66 2.41 -2.89
C GLU A 55 -9.59 2.73 -1.38
N ASN A 56 -10.66 3.34 -0.85
CA ASN A 56 -10.74 3.81 0.56
C ASN A 56 -12.11 3.46 1.19
N GLU A 57 -12.08 2.68 2.29
CA GLU A 57 -13.27 2.35 3.11
C GLU A 57 -13.06 2.85 4.55
N GLY A 58 -13.32 4.15 4.76
CA GLY A 58 -12.97 4.82 6.01
C GLY A 58 -11.44 4.84 6.23
N PRO A 59 -10.93 4.40 7.43
CA PRO A 59 -9.46 4.32 7.70
C PRO A 59 -8.77 3.12 6.98
N HIS A 60 -9.55 2.32 6.21
CA HIS A 60 -9.04 1.19 5.41
C HIS A 60 -8.53 1.71 4.03
N ARG A 61 -7.22 1.91 3.89
CA ARG A 61 -6.62 2.51 2.66
C ARG A 61 -5.80 1.46 1.88
N ARG A 62 -6.34 1.00 0.76
CA ARG A 62 -5.77 -0.12 0.00
C ARG A 62 -5.36 0.27 -1.44
N LEU A 63 -4.27 -0.36 -1.92
CA LEU A 63 -3.79 -0.24 -3.31
C LEU A 63 -4.24 -1.48 -4.11
N VAL A 64 -5.00 -1.24 -5.19
CA VAL A 64 -5.51 -2.29 -6.08
C VAL A 64 -4.73 -2.26 -7.42
N LEU A 65 -4.16 -3.42 -7.80
CA LEU A 65 -3.39 -3.56 -9.06
C LEU A 65 -4.09 -4.63 -9.96
N PRO A 66 -4.71 -4.22 -11.13
CA PRO A 66 -5.35 -5.16 -12.09
C PRO A 66 -4.38 -6.25 -12.68
N ALA A 67 -3.43 -5.84 -13.54
CA ALA A 67 -2.41 -6.77 -14.11
C ALA A 67 -1.01 -6.38 -13.59
N THR A 68 -0.52 -7.11 -12.57
CA THR A 68 0.72 -6.77 -11.85
C THR A 68 1.99 -7.18 -12.64
N GLN A 69 2.45 -6.27 -13.50
CA GLN A 69 3.65 -6.46 -14.35
C GLN A 69 4.95 -6.27 -13.50
N PRO A 70 6.17 -6.74 -13.96
CA PRO A 70 7.45 -6.60 -13.19
C PRO A 70 7.74 -5.15 -12.69
N SER A 71 7.25 -4.14 -13.44
CA SER A 71 7.32 -2.71 -13.03
C SER A 71 6.47 -2.43 -11.77
N ASP A 72 5.26 -3.01 -11.74
CA ASP A 72 4.30 -2.87 -10.62
C ASP A 72 4.78 -3.59 -9.32
N GLY A 73 5.70 -4.56 -9.48
CA GLY A 73 6.27 -5.28 -8.33
C GLY A 73 7.43 -4.54 -7.65
N GLY A 74 8.06 -5.20 -6.66
CA GLY A 74 9.20 -4.64 -5.92
C GLY A 74 8.88 -4.36 -4.45
N GLU A 75 8.81 -3.07 -4.06
CA GLU A 75 8.55 -2.64 -2.66
C GLU A 75 7.48 -1.54 -2.60
N PHE A 76 6.42 -1.77 -1.80
CA PHE A 76 5.38 -0.77 -1.49
C PHE A 76 5.59 -0.26 -0.06
N GLN A 77 5.91 1.04 0.07
CA GLN A 77 6.12 1.70 1.37
C GLN A 77 4.93 2.65 1.65
N CYS A 78 4.28 2.53 2.82
CA CYS A 78 3.00 3.22 3.11
C CYS A 78 3.06 4.07 4.41
N VAL A 79 3.23 5.40 4.27
CA VAL A 79 3.41 6.33 5.41
C VAL A 79 2.08 6.79 6.03
N ALA A 80 1.84 6.45 7.31
CA ALA A 80 0.64 6.90 8.07
C ALA A 80 0.82 8.33 8.62
N GLY A 81 1.98 8.56 9.27
CA GLY A 81 2.31 9.87 9.84
C GLY A 81 3.50 9.80 10.80
N ASP A 82 3.33 9.06 11.91
CA ASP A 82 4.40 8.79 12.89
C ASP A 82 5.27 7.58 12.46
N GLU A 83 4.63 6.60 11.81
CA GLU A 83 5.28 5.36 11.33
C GLU A 83 4.82 5.00 9.90
N CYS A 84 5.30 3.85 9.39
CA CYS A 84 5.05 3.43 8.00
C CYS A 84 5.09 1.88 7.83
N ALA A 85 4.14 1.33 7.04
CA ALA A 85 4.00 -0.12 6.79
C ALA A 85 4.73 -0.54 5.49
N TYR A 86 5.47 -1.66 5.55
CA TYR A 86 6.32 -2.13 4.44
C TYR A 86 5.68 -3.36 3.74
N PHE A 87 5.82 -3.43 2.40
CA PHE A 87 5.33 -4.57 1.58
C PHE A 87 6.42 -4.97 0.57
N THR A 88 6.63 -6.29 0.40
CA THR A 88 7.64 -6.84 -0.54
C THR A 88 6.95 -7.81 -1.53
N VAL A 89 6.77 -7.35 -2.78
CA VAL A 89 6.11 -8.14 -3.85
C VAL A 89 7.18 -8.68 -4.84
N THR A 90 7.22 -10.02 -5.00
CA THR A 90 8.19 -10.73 -5.88
C THR A 90 7.50 -11.23 -7.15
N ILE A 91 8.02 -10.82 -8.33
CA ILE A 91 7.52 -11.26 -9.66
C ILE A 91 8.63 -11.97 -10.46
N HIS A 2 -6.69 13.60 19.90
CA HIS A 2 -5.56 14.05 19.03
C HIS A 2 -4.41 13.01 19.04
N MET A 3 -4.75 11.73 19.29
CA MET A 3 -3.75 10.64 19.43
C MET A 3 -3.02 10.35 18.09
N PRO A 4 -1.67 10.05 18.10
CA PRO A 4 -0.91 9.72 16.87
C PRO A 4 -1.36 8.37 16.24
N VAL A 5 -1.40 8.32 14.90
CA VAL A 5 -1.86 7.14 14.15
C VAL A 5 -0.76 6.05 14.05
N HIS A 6 -1.16 4.78 14.30
CA HIS A 6 -0.31 3.60 14.06
C HIS A 6 -1.00 2.59 13.13
N ILE A 7 -0.22 1.91 12.27
CA ILE A 7 -0.75 0.92 11.30
C ILE A 7 -1.09 -0.40 12.03
N VAL A 8 -2.40 -0.64 12.26
CA VAL A 8 -2.92 -1.88 12.89
C VAL A 8 -2.92 -3.06 11.90
N ASP A 9 -3.07 -2.75 10.60
CA ASP A 9 -3.10 -3.75 9.53
C ASP A 9 -2.39 -3.19 8.26
N PRO A 10 -1.25 -3.79 7.77
CA PRO A 10 -0.60 -4.96 8.37
C PRO A 10 0.38 -4.57 9.53
N ARG A 11 0.12 -5.13 10.72
CA ARG A 11 0.98 -4.98 11.92
C ARG A 11 2.40 -5.58 11.68
N GLU A 12 2.47 -6.53 10.74
CA GLU A 12 3.72 -7.19 10.28
C GLU A 12 4.03 -6.76 8.81
N HIS A 13 5.31 -6.83 8.40
CA HIS A 13 5.72 -6.49 7.02
C HIS A 13 5.52 -7.71 6.08
N VAL A 14 4.49 -7.63 5.22
CA VAL A 14 4.00 -8.77 4.41
C VAL A 14 4.75 -8.90 3.06
N PHE A 15 5.34 -10.08 2.82
CA PHE A 15 5.89 -10.46 1.50
C PHE A 15 4.76 -10.94 0.56
N VAL A 16 4.77 -10.44 -0.69
CA VAL A 16 3.84 -10.86 -1.75
C VAL A 16 4.65 -11.37 -2.97
N HIS A 17 4.34 -12.58 -3.45
CA HIS A 17 4.93 -13.10 -4.71
C HIS A 17 3.85 -13.08 -5.82
N ALA A 18 4.00 -12.14 -6.75
CA ALA A 18 3.03 -11.95 -7.86
C ALA A 18 3.44 -12.73 -9.13
N ILE A 19 2.48 -12.91 -10.02
CA ILE A 19 2.69 -13.48 -11.38
C ILE A 19 2.48 -12.35 -12.43
N THR A 20 2.94 -12.56 -13.67
CA THR A 20 2.69 -11.64 -14.80
C THR A 20 1.17 -11.40 -15.01
N SER A 21 0.76 -10.10 -14.91
CA SER A 21 -0.65 -9.63 -15.08
C SER A 21 -1.60 -10.03 -13.92
N GLU A 22 -1.06 -10.59 -12.82
CA GLU A 22 -1.85 -11.10 -11.67
C GLU A 22 -2.27 -9.93 -10.72
N CYS A 23 -3.43 -10.06 -10.07
CA CYS A 23 -4.00 -9.02 -9.18
C CYS A 23 -3.42 -9.10 -7.74
N VAL A 24 -2.71 -8.03 -7.32
CA VAL A 24 -2.22 -7.85 -5.94
C VAL A 24 -2.95 -6.68 -5.25
N MET A 25 -3.76 -6.96 -4.22
CA MET A 25 -4.39 -5.91 -3.40
C MET A 25 -3.59 -5.73 -2.08
N LEU A 26 -2.83 -4.63 -2.02
CA LEU A 26 -2.00 -4.27 -0.85
C LEU A 26 -2.88 -3.69 0.27
N ALA A 27 -3.12 -4.53 1.29
CA ALA A 27 -4.12 -4.24 2.34
C ALA A 27 -3.51 -3.40 3.49
N CYS A 28 -3.96 -2.14 3.62
CA CYS A 28 -3.57 -1.23 4.74
C CYS A 28 -4.80 -0.58 5.40
N GLU A 29 -4.71 -0.43 6.73
CA GLU A 29 -5.76 0.14 7.57
C GLU A 29 -5.10 0.88 8.76
N VAL A 30 -5.46 2.16 8.90
CA VAL A 30 -4.90 3.06 9.92
C VAL A 30 -5.78 3.07 11.20
N ASP A 31 -5.13 3.22 12.38
CA ASP A 31 -5.81 3.27 13.70
C ASP A 31 -6.68 4.55 13.85
N ARG A 32 -6.27 5.63 13.16
CA ARG A 32 -6.92 6.95 13.25
C ARG A 32 -7.57 7.33 11.90
N GLU A 33 -8.91 7.49 11.92
CA GLU A 33 -9.69 7.92 10.74
C GLU A 33 -9.38 9.40 10.42
N ASP A 34 -8.27 9.63 9.69
CA ASP A 34 -7.68 10.99 9.47
C ASP A 34 -6.38 10.90 8.62
N ALA A 35 -5.56 9.87 8.92
CA ALA A 35 -4.19 9.71 8.38
C ALA A 35 -4.11 9.63 6.82
N PRO A 36 -3.54 10.68 6.13
CA PRO A 36 -3.36 10.68 4.66
C PRO A 36 -2.16 9.80 4.23
N VAL A 37 -2.43 8.57 3.76
CA VAL A 37 -1.37 7.61 3.39
C VAL A 37 -0.66 7.99 2.07
N ARG A 38 0.63 7.65 1.98
CA ARG A 38 1.48 7.87 0.79
C ARG A 38 2.17 6.55 0.42
N TRP A 39 1.75 5.94 -0.68
CA TRP A 39 2.32 4.67 -1.14
C TRP A 39 3.59 4.95 -1.96
N TYR A 40 4.61 4.10 -1.82
CA TYR A 40 5.89 4.23 -2.55
C TYR A 40 6.24 2.93 -3.26
N LYS A 41 6.57 3.01 -4.57
CA LYS A 41 7.08 1.86 -5.34
C LYS A 41 8.64 1.76 -5.11
N ASP A 42 9.45 1.80 -6.18
CA ASP A 42 10.93 1.77 -6.08
C ASP A 42 11.51 3.21 -5.96
N GLY A 43 10.86 4.03 -5.10
CA GLY A 43 11.20 5.46 -4.93
C GLY A 43 10.26 6.41 -5.70
N GLN A 44 9.40 5.83 -6.57
CA GLN A 44 8.52 6.60 -7.50
C GLN A 44 7.32 7.28 -6.80
N GLU A 45 6.78 6.63 -5.74
CA GLU A 45 5.47 6.98 -5.12
C GLU A 45 4.28 6.60 -6.03
N VAL A 46 3.39 5.76 -5.50
CA VAL A 46 2.25 5.21 -6.25
C VAL A 46 0.99 6.09 -6.09
N GLU A 47 0.55 6.68 -7.21
CA GLU A 47 -0.73 7.42 -7.32
C GLU A 47 -1.68 6.68 -8.28
N GLU A 48 -2.95 7.12 -8.34
CA GLU A 48 -3.99 6.46 -9.18
C GLU A 48 -3.62 6.57 -10.68
N SER A 49 -3.66 5.42 -11.37
CA SER A 49 -3.19 5.28 -12.78
C SER A 49 -4.12 4.34 -13.57
N ASP A 50 -3.76 4.06 -14.84
CA ASP A 50 -4.54 3.17 -15.73
C ASP A 50 -4.64 1.72 -15.17
N PHE A 51 -3.58 1.27 -14.45
CA PHE A 51 -3.52 -0.06 -13.80
C PHE A 51 -3.48 0.05 -12.25
N VAL A 52 -3.80 1.24 -11.69
CA VAL A 52 -3.77 1.48 -10.21
C VAL A 52 -5.06 2.20 -9.74
N VAL A 53 -5.74 1.62 -8.72
CA VAL A 53 -6.85 2.30 -8.01
C VAL A 53 -6.64 2.18 -6.47
N LEU A 54 -7.07 3.18 -5.71
CA LEU A 54 -6.96 3.20 -4.22
C LEU A 54 -8.37 3.14 -3.57
N GLU A 55 -8.51 2.30 -2.53
CA GLU A 55 -9.75 2.21 -1.71
C GLU A 55 -9.59 3.04 -0.43
N ASN A 56 -10.35 4.15 -0.33
CA ASN A 56 -10.24 5.11 0.78
C ASN A 56 -11.63 5.39 1.39
N GLU A 57 -11.84 4.94 2.64
CA GLU A 57 -13.11 5.13 3.39
C GLU A 57 -12.87 4.94 4.92
N GLY A 58 -13.03 6.03 5.70
CA GLY A 58 -12.83 5.99 7.17
C GLY A 58 -11.39 5.61 7.62
N PRO A 59 -11.17 4.42 8.27
CA PRO A 59 -9.80 3.90 8.55
C PRO A 59 -9.21 3.05 7.38
N HIS A 60 -10.06 2.69 6.38
CA HIS A 60 -9.67 1.82 5.25
C HIS A 60 -8.88 2.60 4.17
N ARG A 61 -7.59 2.23 3.99
CA ARG A 61 -6.70 2.79 2.92
C ARG A 61 -5.92 1.64 2.21
N ARG A 62 -6.64 0.81 1.43
CA ARG A 62 -6.04 -0.38 0.76
C ARG A 62 -5.79 -0.11 -0.74
N LEU A 63 -4.54 -0.35 -1.22
CA LEU A 63 -4.19 -0.25 -2.64
C LEU A 63 -4.68 -1.51 -3.40
N VAL A 64 -5.29 -1.31 -4.58
CA VAL A 64 -5.69 -2.41 -5.48
C VAL A 64 -4.91 -2.31 -6.82
N LEU A 65 -4.05 -3.31 -7.08
CA LEU A 65 -3.27 -3.42 -8.35
C LEU A 65 -3.83 -4.60 -9.19
N PRO A 66 -4.78 -4.33 -10.16
CA PRO A 66 -5.41 -5.39 -11.02
C PRO A 66 -4.39 -6.18 -11.91
N ALA A 67 -3.43 -5.47 -12.52
CA ALA A 67 -2.38 -6.11 -13.37
C ALA A 67 -0.97 -5.69 -12.91
N THR A 68 -0.42 -6.44 -11.94
CA THR A 68 0.89 -6.14 -11.31
C THR A 68 2.08 -6.34 -12.27
N GLN A 69 1.95 -7.29 -13.24
CA GLN A 69 2.93 -7.46 -14.36
C GLN A 69 4.37 -7.79 -13.84
N PRO A 70 5.43 -7.95 -14.71
CA PRO A 70 6.84 -7.91 -14.23
C PRO A 70 7.26 -6.50 -13.74
N SER A 71 6.71 -5.47 -14.40
CA SER A 71 7.07 -4.06 -14.20
C SER A 71 6.51 -3.44 -12.87
N ASP A 72 5.17 -3.49 -12.67
CA ASP A 72 4.46 -2.76 -11.56
C ASP A 72 4.63 -3.45 -10.16
N GLY A 73 5.63 -4.34 -10.02
CA GLY A 73 6.05 -4.88 -8.71
C GLY A 73 7.02 -3.95 -7.95
N GLY A 74 7.84 -4.53 -7.07
CA GLY A 74 8.76 -3.77 -6.20
C GLY A 74 8.32 -3.75 -4.74
N GLU A 75 9.06 -3.03 -3.89
CA GLU A 75 8.70 -2.88 -2.46
C GLU A 75 7.76 -1.68 -2.25
N PHE A 76 6.59 -1.91 -1.61
CA PHE A 76 5.56 -0.87 -1.42
C PHE A 76 5.45 -0.43 0.06
N GLN A 77 5.77 0.85 0.32
CA GLN A 77 5.73 1.45 1.68
C GLN A 77 4.59 2.49 1.77
N CYS A 78 3.64 2.26 2.69
CA CYS A 78 2.46 3.15 2.91
C CYS A 78 2.67 4.07 4.14
N VAL A 79 3.14 5.32 3.89
CA VAL A 79 3.44 6.30 4.96
C VAL A 79 2.20 7.16 5.30
N ALA A 80 1.57 6.88 6.45
CA ALA A 80 0.34 7.59 6.91
C ALA A 80 0.69 8.88 7.68
N GLY A 81 1.60 8.74 8.66
CA GLY A 81 1.99 9.84 9.56
C GLY A 81 2.66 9.29 10.82
N ASP A 82 3.99 9.53 10.97
CA ASP A 82 4.88 8.87 11.97
C ASP A 82 5.10 7.38 11.60
N GLU A 83 4.03 6.60 11.67
CA GLU A 83 4.00 5.17 11.32
C GLU A 83 3.80 4.95 9.80
N CYS A 84 4.26 3.76 9.34
CA CYS A 84 4.20 3.35 7.93
C CYS A 84 4.17 1.81 7.80
N ALA A 85 3.45 1.32 6.78
CA ALA A 85 3.34 -0.12 6.46
C ALA A 85 4.38 -0.51 5.38
N TYR A 86 4.79 -1.79 5.39
CA TYR A 86 5.82 -2.33 4.45
C TYR A 86 5.32 -3.59 3.72
N PHE A 87 5.52 -3.60 2.40
CA PHE A 87 5.28 -4.77 1.53
C PHE A 87 6.52 -5.00 0.65
N THR A 88 6.75 -6.25 0.26
CA THR A 88 7.79 -6.61 -0.73
C THR A 88 7.17 -7.50 -1.82
N VAL A 89 6.85 -6.93 -2.98
CA VAL A 89 6.22 -7.66 -4.09
C VAL A 89 7.30 -8.09 -5.12
N THR A 90 7.69 -9.37 -5.04
CA THR A 90 8.62 -10.00 -6.00
C THR A 90 7.80 -10.79 -7.04
N ILE A 91 8.04 -10.55 -8.34
CA ILE A 91 7.24 -11.16 -9.43
C ILE A 91 7.72 -12.58 -9.78
N HIS A 2 -1.30 17.00 20.02
CA HIS A 2 -2.47 17.06 19.11
C HIS A 2 -2.22 16.25 17.81
N MET A 3 -3.21 15.39 17.46
CA MET A 3 -3.23 14.55 16.24
C MET A 3 -1.99 13.61 16.10
N PRO A 4 -1.90 12.51 16.92
CA PRO A 4 -0.93 11.40 16.69
C PRO A 4 -1.46 10.35 15.67
N VAL A 5 -0.60 9.39 15.27
CA VAL A 5 -1.00 8.29 14.33
C VAL A 5 0.01 7.10 14.36
N HIS A 6 -0.54 5.87 14.37
CA HIS A 6 0.23 4.61 14.33
C HIS A 6 -0.56 3.51 13.57
N ILE A 7 -0.02 3.03 12.44
CA ILE A 7 -0.62 1.93 11.65
C ILE A 7 -0.74 0.63 12.49
N VAL A 8 -1.99 0.18 12.72
CA VAL A 8 -2.29 -0.99 13.57
C VAL A 8 -2.21 -2.33 12.78
N ASP A 9 -2.23 -2.24 11.43
CA ASP A 9 -2.14 -3.41 10.55
C ASP A 9 -1.73 -2.97 9.11
N PRO A 10 -0.67 -3.56 8.47
CA PRO A 10 0.26 -4.52 9.08
C PRO A 10 1.41 -3.84 9.88
N ARG A 11 2.08 -4.62 10.74
CA ARG A 11 3.14 -4.12 11.65
C ARG A 11 4.55 -4.61 11.22
N GLU A 12 4.68 -5.08 9.96
CA GLU A 12 5.96 -5.67 9.45
C GLU A 12 6.05 -5.64 7.89
N HIS A 13 7.14 -6.25 7.36
CA HIS A 13 7.34 -6.50 5.91
C HIS A 13 6.47 -7.71 5.45
N VAL A 14 5.36 -7.44 4.73
CA VAL A 14 4.46 -8.51 4.24
C VAL A 14 4.82 -8.92 2.79
N PHE A 15 5.38 -10.14 2.65
CA PHE A 15 5.80 -10.69 1.33
C PHE A 15 4.58 -11.27 0.57
N VAL A 16 4.21 -10.62 -0.54
CA VAL A 16 3.04 -10.99 -1.38
C VAL A 16 3.51 -11.67 -2.69
N HIS A 17 3.35 -13.01 -2.78
CA HIS A 17 3.80 -13.78 -3.97
C HIS A 17 2.79 -13.61 -5.13
N ALA A 18 3.23 -12.90 -6.20
CA ALA A 18 2.34 -12.47 -7.32
C ALA A 18 2.92 -12.83 -8.70
N ILE A 19 2.02 -13.15 -9.65
CA ILE A 19 2.37 -13.40 -11.06
C ILE A 19 2.39 -12.05 -11.85
N THR A 20 3.16 -12.01 -12.96
CA THR A 20 3.26 -10.83 -13.86
C THR A 20 1.88 -10.34 -14.41
N SER A 21 0.89 -11.25 -14.46
CA SER A 21 -0.46 -10.99 -15.05
C SER A 21 -1.58 -10.84 -13.98
N GLU A 22 -1.21 -10.91 -12.68
CA GLU A 22 -2.17 -10.90 -11.55
C GLU A 22 -2.40 -9.49 -10.94
N CYS A 23 -3.56 -9.32 -10.31
CA CYS A 23 -3.93 -8.08 -9.58
C CYS A 23 -3.52 -8.17 -8.09
N VAL A 24 -2.72 -7.18 -7.62
CA VAL A 24 -2.25 -7.14 -6.21
C VAL A 24 -2.99 -6.02 -5.43
N MET A 25 -3.70 -6.42 -4.35
CA MET A 25 -4.42 -5.50 -3.46
C MET A 25 -3.73 -5.44 -2.08
N LEU A 26 -2.85 -4.44 -1.89
CA LEU A 26 -2.12 -4.20 -0.61
C LEU A 26 -2.98 -3.37 0.35
N ALA A 27 -3.18 -3.85 1.58
CA ALA A 27 -4.12 -3.22 2.55
C ALA A 27 -3.41 -2.79 3.86
N CYS A 28 -3.80 -1.61 4.38
CA CYS A 28 -3.26 -1.03 5.64
C CYS A 28 -4.39 -0.40 6.47
N GLU A 29 -4.64 -0.94 7.66
CA GLU A 29 -5.60 -0.36 8.63
C GLU A 29 -4.88 0.57 9.62
N VAL A 30 -5.47 1.74 9.85
CA VAL A 30 -4.91 2.81 10.69
C VAL A 30 -5.80 3.08 11.94
N ASP A 31 -5.18 3.55 13.03
CA ASP A 31 -5.88 3.89 14.30
C ASP A 31 -6.68 5.22 14.19
N ARG A 32 -6.11 6.18 13.44
CA ARG A 32 -6.77 7.45 13.10
C ARG A 32 -7.30 7.33 11.66
N GLU A 33 -8.57 6.91 11.54
CA GLU A 33 -9.23 6.68 10.23
C GLU A 33 -9.39 7.99 9.41
N ASP A 34 -9.30 9.13 10.11
CA ASP A 34 -9.31 10.47 9.49
C ASP A 34 -8.02 10.77 8.69
N ALA A 35 -6.91 10.14 9.10
CA ALA A 35 -5.58 10.32 8.47
C ALA A 35 -5.43 9.42 7.21
N PRO A 36 -5.20 10.02 5.99
CA PRO A 36 -4.93 9.24 4.75
C PRO A 36 -3.49 8.66 4.70
N VAL A 37 -3.23 7.84 3.68
CA VAL A 37 -1.90 7.21 3.48
C VAL A 37 -1.22 7.73 2.20
N ARG A 38 0.11 7.69 2.23
CA ARG A 38 0.98 8.02 1.10
C ARG A 38 1.59 6.69 0.58
N TRP A 39 1.16 6.24 -0.61
CA TRP A 39 1.64 4.97 -1.19
C TRP A 39 2.96 5.20 -1.96
N TYR A 40 3.94 4.33 -1.68
CA TYR A 40 5.28 4.36 -2.30
C TYR A 40 5.63 3.01 -2.93
N LYS A 41 6.63 3.03 -3.78
CA LYS A 41 7.28 1.86 -4.38
C LYS A 41 8.79 2.17 -4.51
N ASP A 42 9.61 1.14 -4.82
CA ASP A 42 11.07 1.30 -5.02
C ASP A 42 11.40 2.46 -6.02
N GLY A 43 11.82 3.61 -5.44
CA GLY A 43 12.26 4.80 -6.20
C GLY A 43 11.17 5.84 -6.49
N GLN A 44 9.90 5.40 -6.66
CA GLN A 44 8.78 6.27 -7.09
C GLN A 44 7.50 5.98 -6.27
N GLU A 45 6.78 7.03 -5.86
CA GLU A 45 5.48 6.89 -5.17
C GLU A 45 4.36 6.43 -6.15
N VAL A 46 3.35 5.73 -5.60
CA VAL A 46 2.25 5.14 -6.41
C VAL A 46 0.98 6.02 -6.36
N GLU A 47 0.76 6.78 -7.44
CA GLU A 47 -0.48 7.59 -7.65
C GLU A 47 -1.41 6.87 -8.66
N GLU A 48 -2.68 7.32 -8.78
CA GLU A 48 -3.65 6.73 -9.74
C GLU A 48 -3.28 7.07 -11.21
N SER A 49 -2.41 6.25 -11.79
CA SER A 49 -2.00 6.33 -13.22
C SER A 49 -2.86 5.36 -14.08
N ASP A 50 -2.47 5.11 -15.34
CA ASP A 50 -3.24 4.26 -16.29
C ASP A 50 -3.44 2.80 -15.77
N PHE A 51 -2.42 2.26 -15.10
CA PHE A 51 -2.44 0.87 -14.53
C PHE A 51 -2.69 0.88 -13.00
N VAL A 52 -3.05 2.02 -12.39
CA VAL A 52 -3.20 2.12 -10.90
C VAL A 52 -4.56 2.75 -10.50
N VAL A 53 -5.24 2.13 -9.49
CA VAL A 53 -6.40 2.73 -8.78
C VAL A 53 -6.20 2.57 -7.24
N LEU A 54 -6.62 3.59 -6.46
CA LEU A 54 -6.43 3.62 -4.98
C LEU A 54 -7.80 3.69 -4.26
N GLU A 55 -8.06 2.72 -3.35
CA GLU A 55 -9.33 2.63 -2.59
C GLU A 55 -9.11 3.02 -1.10
N ASN A 56 -9.74 4.11 -0.64
CA ASN A 56 -9.69 4.56 0.77
C ASN A 56 -11.10 4.61 1.38
N GLU A 57 -11.33 3.80 2.44
CA GLU A 57 -12.64 3.65 3.09
C GLU A 57 -12.46 3.49 4.63
N GLY A 58 -12.60 4.62 5.35
CA GLY A 58 -12.41 4.66 6.81
C GLY A 58 -10.97 4.32 7.23
N PRO A 59 -10.76 3.35 8.18
CA PRO A 59 -9.40 2.87 8.55
C PRO A 59 -8.75 2.02 7.43
N HIS A 60 -9.58 1.42 6.55
CA HIS A 60 -9.11 0.51 5.47
C HIS A 60 -8.55 1.31 4.27
N ARG A 61 -7.21 1.40 4.21
CA ARG A 61 -6.47 2.11 3.16
C ARG A 61 -5.76 1.08 2.25
N ARG A 62 -6.27 0.84 1.03
CA ARG A 62 -5.74 -0.20 0.11
C ARG A 62 -5.38 0.31 -1.31
N LEU A 63 -4.24 -0.21 -1.81
CA LEU A 63 -3.77 -0.05 -3.21
C LEU A 63 -4.31 -1.23 -4.04
N VAL A 64 -4.96 -0.93 -5.18
CA VAL A 64 -5.46 -1.97 -6.12
C VAL A 64 -4.75 -1.82 -7.48
N LEU A 65 -3.91 -2.80 -7.84
CA LEU A 65 -3.15 -2.80 -9.12
C LEU A 65 -3.82 -3.81 -10.11
N PRO A 66 -4.59 -3.32 -11.15
CA PRO A 66 -5.21 -4.18 -12.22
C PRO A 66 -4.29 -5.28 -12.83
N ALA A 67 -3.14 -4.87 -13.38
CA ALA A 67 -2.14 -5.79 -13.98
C ALA A 67 -0.74 -5.48 -13.41
N THR A 68 -0.36 -6.17 -12.33
CA THR A 68 0.89 -5.88 -11.59
C THR A 68 2.13 -6.39 -12.36
N GLN A 69 2.71 -5.47 -13.13
CA GLN A 69 3.92 -5.71 -13.94
C GLN A 69 5.18 -5.87 -13.02
N PRO A 70 6.26 -6.60 -13.47
CA PRO A 70 7.50 -6.80 -12.66
C PRO A 70 8.15 -5.47 -12.18
N SER A 71 8.09 -4.47 -13.07
CA SER A 71 8.60 -3.09 -12.82
C SER A 71 7.65 -2.29 -11.88
N ASP A 72 6.34 -2.60 -11.95
CA ASP A 72 5.30 -1.94 -11.12
C ASP A 72 4.94 -2.78 -9.86
N GLY A 73 5.70 -3.87 -9.63
CA GLY A 73 5.63 -4.64 -8.38
C GLY A 73 6.85 -4.38 -7.48
N GLY A 74 7.30 -5.43 -6.76
CA GLY A 74 8.47 -5.32 -5.87
C GLY A 74 8.14 -4.67 -4.52
N GLU A 75 9.07 -3.86 -3.99
CA GLU A 75 8.96 -3.28 -2.64
C GLU A 75 8.06 -2.01 -2.60
N PHE A 76 7.04 -2.03 -1.70
CA PHE A 76 6.12 -0.89 -1.47
C PHE A 76 6.22 -0.38 0.00
N GLN A 77 5.72 0.85 0.23
CA GLN A 77 5.65 1.49 1.58
C GLN A 77 4.39 2.38 1.71
N CYS A 78 3.58 2.12 2.74
CA CYS A 78 2.34 2.89 3.03
C CYS A 78 2.54 3.78 4.27
N VAL A 79 2.59 5.11 4.09
CA VAL A 79 2.81 6.07 5.20
C VAL A 79 1.50 6.78 5.62
N ALA A 80 0.92 6.36 6.76
CA ALA A 80 -0.22 7.06 7.37
C ALA A 80 0.29 8.21 8.27
N GLY A 81 0.30 9.44 7.72
CA GLY A 81 0.76 10.62 8.44
C GLY A 81 2.26 10.63 8.70
N ASP A 82 2.68 9.90 9.75
CA ASP A 82 4.11 9.80 10.16
C ASP A 82 4.57 8.32 10.31
N GLU A 83 3.62 7.38 10.47
CA GLU A 83 3.94 5.94 10.62
C GLU A 83 3.94 5.23 9.25
N CYS A 84 4.80 4.21 9.07
CA CYS A 84 4.97 3.52 7.77
C CYS A 84 4.92 1.97 7.89
N ALA A 85 4.01 1.34 7.11
CA ALA A 85 3.94 -0.12 6.92
C ALA A 85 4.70 -0.52 5.63
N TYR A 86 5.13 -1.79 5.52
CA TYR A 86 6.01 -2.26 4.42
C TYR A 86 5.45 -3.53 3.71
N PHE A 87 5.70 -3.62 2.39
CA PHE A 87 5.30 -4.77 1.53
C PHE A 87 6.45 -5.16 0.58
N THR A 88 6.54 -6.46 0.23
CA THR A 88 7.50 -6.99 -0.76
C THR A 88 6.79 -7.97 -1.72
N VAL A 89 6.45 -7.50 -2.92
CA VAL A 89 5.67 -8.27 -3.90
C VAL A 89 6.61 -9.08 -4.82
N THR A 90 6.66 -10.41 -4.58
CA THR A 90 7.59 -11.33 -5.25
C THR A 90 7.06 -11.76 -6.65
N ILE A 91 7.58 -11.12 -7.72
CA ILE A 91 7.18 -11.39 -9.11
C ILE A 91 8.37 -11.99 -9.90
#